data_5Z6P
#
_entry.id   5Z6P
#
_cell.length_a   215.801
_cell.length_b   93.647
_cell.length_c   85.049
_cell.angle_alpha   90.00
_cell.angle_beta   105.66
_cell.angle_gamma   90.00
#
_symmetry.space_group_name_H-M   'C 1 2 1'
#
loop_
_entity.id
_entity.type
_entity.pdbx_description
1 polymer B-agarase
2 water water
#
_entity_poly.entity_id   1
_entity_poly.type   'polypeptide(L)'
_entity_poly.pdbx_seq_one_letter_code
;HHHHHHHHGSDYDIPTTENLYFQGSMEPANQPLQGALPLFDFSQSTLPEEFSFSNVEANLRFECLEIKALSKKHFYTSVF
IEPQQNWDWSDLGNFCFAFDARALDEHSTQMFINIFDHQGQMHSRCINIAPGKQQSFMVELKGETLHGGACNYASGLRSN
PCPWGTKDVYATWMWGALNIDLSAISKIELSIHGSLLDHHLLLSNFRLQSSPAVDPNYLSGIIDRFGQNAQQEHAQKIHS
EQELAEVTKAELTELAKGPMLGRSKFGGYLDGPRQQASGYFRTEKIAGKWSLVDPEGYPYFATGLDIIRLANTSTITGID
YDHKLVNQRDDDDVTPEDSKEKVTVPRAALATAKVASEVRRAMYQWLPDYNDPLAEHYGYMRELFEGAVEQGETYSFYAA
NLQRKYGADGADYMAKWRDVTVDRMLNWGFTCLGNWTAPEFYDNQRIPFFANGWIIGEFDQVSSGDDFWAALPDPFDPRF
RQRAAATVSQVKNEIKDTPWCVGIFIDNEKSWGRMGSIDGHYGIAIHTLGRSADACPTKAVFVELLKTKYTVIEALNQSW
QTNLASWADLAKGVKGLTHNSAQVEDYALLLEAFASEYFRVVKQELKKQLPNHLYLGCRFADWGMNPEVVRAAAKHVDVV
SYNYYKEGLHPEPWSFLADIDMPSIIGEFHFGALDSGFFHAGLVTACSQQERGQMFERYMQTVVDNPYFVGAHYFQYIDS
PITGRSFDGENYNIGFVSISDVPYQPMVDAAKRVNQSMYPKRFRV
;
_entity_poly.pdbx_strand_id   A,B
#
# COMPACT_ATOMS: atom_id res chain seq x y z
N GLN A 34 -8.79 8.29 -1.27
CA GLN A 34 -9.69 7.16 -1.08
C GLN A 34 -9.81 6.76 0.38
N GLY A 35 -9.14 5.69 0.78
CA GLY A 35 -9.25 5.18 2.14
C GLY A 35 -9.75 3.74 2.17
N ALA A 36 -10.89 3.50 2.83
CA ALA A 36 -11.41 2.16 3.00
C ALA A 36 -12.76 1.92 2.32
N LEU A 37 -12.91 0.73 1.75
CA LEU A 37 -14.19 0.30 1.17
C LEU A 37 -14.54 -1.09 1.68
N PRO A 38 -15.63 -1.21 2.46
CA PRO A 38 -16.09 -2.51 2.96
C PRO A 38 -16.40 -3.52 1.86
N LEU A 39 -15.97 -4.77 2.05
CA LEU A 39 -16.28 -5.80 1.08
C LEU A 39 -17.60 -6.51 1.39
N PHE A 40 -17.98 -6.54 2.66
CA PHE A 40 -19.15 -7.30 3.07
C PHE A 40 -20.04 -6.53 4.03
N ASP A 41 -21.14 -7.15 4.43
CA ASP A 41 -22.00 -6.60 5.45
C ASP A 41 -22.24 -7.66 6.51
N PHE A 42 -21.61 -7.48 7.67
CA PHE A 42 -21.76 -8.44 8.75
C PHE A 42 -22.89 -8.03 9.69
N SER A 43 -23.70 -7.06 9.25
CA SER A 43 -24.85 -6.61 10.03
C SER A 43 -25.98 -7.62 9.97
N GLN A 44 -25.98 -8.44 8.94
CA GLN A 44 -27.12 -9.31 8.67
C GLN A 44 -27.12 -10.54 9.55
N SER A 45 -28.22 -11.28 9.51
CA SER A 45 -28.37 -12.47 10.32
C SER A 45 -27.42 -13.57 9.87
N THR A 46 -27.02 -13.50 8.60
CA THR A 46 -26.25 -14.59 8.02
C THR A 46 -25.02 -14.12 7.25
N LEU A 47 -24.02 -15.00 7.15
CA LEU A 47 -22.83 -14.72 6.35
C LEU A 47 -23.16 -14.54 4.89
N PRO A 48 -22.43 -13.65 4.20
CA PRO A 48 -22.62 -13.50 2.76
C PRO A 48 -22.26 -14.79 2.03
N GLU A 49 -22.83 -14.96 0.84
CA GLU A 49 -22.68 -16.20 0.09
C GLU A 49 -21.20 -16.52 -0.24
N GLU A 50 -20.33 -15.52 -0.20
CA GLU A 50 -18.93 -15.72 -0.57
C GLU A 50 -18.19 -16.65 0.38
N PHE A 51 -18.71 -16.86 1.58
CA PHE A 51 -17.96 -17.58 2.61
C PHE A 51 -18.24 -19.08 2.71
N SER A 52 -17.19 -19.88 2.68
CA SER A 52 -17.29 -21.29 3.03
C SER A 52 -16.11 -21.70 3.91
N PHE A 53 -16.20 -22.90 4.47
CA PHE A 53 -15.28 -23.34 5.52
C PHE A 53 -14.91 -24.79 5.37
N SER A 54 -13.73 -25.14 5.85
CA SER A 54 -13.28 -26.51 5.93
C SER A 54 -12.50 -26.74 7.23
N ASN A 55 -13.04 -27.59 8.10
CA ASN A 55 -12.49 -27.88 9.41
C ASN A 55 -12.42 -26.60 10.25
N VAL A 56 -13.40 -25.74 10.00
CA VAL A 56 -13.62 -24.51 10.74
C VAL A 56 -15.08 -24.39 11.11
N GLU A 57 -15.35 -24.25 12.41
CA GLU A 57 -16.68 -23.92 12.92
C GLU A 57 -16.90 -22.41 12.93
N ALA A 58 -17.96 -21.96 12.26
CA ALA A 58 -18.20 -20.54 12.05
C ALA A 58 -19.56 -20.08 12.55
N ASN A 59 -19.58 -18.97 13.25
CA ASN A 59 -20.81 -18.33 13.65
C ASN A 59 -20.70 -16.83 13.46
N LEU A 60 -21.64 -16.24 12.74
CA LEU A 60 -21.68 -14.80 12.59
C LEU A 60 -22.58 -14.18 13.67
N ARG A 61 -22.01 -13.26 14.44
CA ARG A 61 -22.66 -12.77 15.66
C ARG A 61 -22.10 -11.39 16.05
N PHE A 62 -22.98 -10.41 16.20
CA PHE A 62 -22.63 -9.02 16.53
C PHE A 62 -21.53 -8.47 15.61
N GLU A 63 -21.75 -8.59 14.31
CA GLU A 63 -20.83 -8.09 13.28
C GLU A 63 -19.41 -8.66 13.36
N CYS A 64 -19.21 -9.73 14.12
CA CYS A 64 -17.95 -10.45 14.10
C CYS A 64 -18.17 -11.87 13.59
N LEU A 65 -17.29 -12.32 12.72
CA LEU A 65 -17.26 -13.72 12.33
C LEU A 65 -16.42 -14.50 13.33
N GLU A 66 -17.08 -15.35 14.12
CA GLU A 66 -16.41 -16.18 15.12
C GLU A 66 -15.98 -17.48 14.47
N ILE A 67 -14.69 -17.77 14.47
CA ILE A 67 -14.23 -19.02 13.89
C ILE A 67 -13.42 -19.82 14.89
N LYS A 68 -13.73 -21.11 14.98
CA LYS A 68 -12.91 -22.07 15.68
C LYS A 68 -12.26 -23.01 14.67
N ALA A 69 -10.95 -22.86 14.49
CA ALA A 69 -10.23 -23.73 13.58
C ALA A 69 -9.88 -25.01 14.31
N LEU A 70 -10.27 -26.14 13.74
CA LEU A 70 -10.03 -27.43 14.35
C LEU A 70 -8.70 -27.99 13.89
N SER A 71 -7.64 -27.25 14.16
CA SER A 71 -6.33 -27.54 13.59
C SER A 71 -5.55 -28.53 14.43
N LYS A 72 -5.90 -28.73 15.69
CA LYS A 72 -5.24 -29.77 16.44
C LYS A 72 -5.51 -31.13 15.80
N LYS A 73 -6.76 -31.39 15.47
CA LYS A 73 -7.11 -32.65 14.81
C LYS A 73 -6.71 -32.66 13.34
N HIS A 74 -7.10 -31.59 12.64
CA HIS A 74 -6.96 -31.51 11.20
C HIS A 74 -5.75 -30.69 10.77
N PHE A 75 -4.96 -31.22 9.84
CA PHE A 75 -3.78 -30.51 9.38
C PHE A 75 -4.14 -29.23 8.65
N TYR A 76 -5.09 -29.27 7.71
CA TYR A 76 -5.52 -28.07 7.00
C TYR A 76 -6.87 -27.53 7.46
N THR A 77 -6.91 -26.28 7.90
CA THR A 77 -8.17 -25.59 8.14
C THR A 77 -8.20 -24.30 7.35
N SER A 78 -9.36 -23.98 6.80
CA SER A 78 -9.50 -22.84 5.90
C SER A 78 -10.83 -22.13 6.01
N VAL A 79 -10.77 -20.82 5.91
CA VAL A 79 -11.88 -19.98 5.54
C VAL A 79 -11.71 -19.63 4.06
N PHE A 80 -12.75 -19.86 3.24
CA PHE A 80 -12.73 -19.56 1.82
C PHE A 80 -13.69 -18.43 1.51
N ILE A 81 -13.22 -17.46 0.74
CA ILE A 81 -14.00 -16.30 0.35
C ILE A 81 -13.98 -16.22 -1.17
N GLU A 82 -15.09 -16.57 -1.81
CA GLU A 82 -15.15 -16.63 -3.27
C GLU A 82 -16.31 -15.82 -3.79
N PRO A 83 -16.03 -14.77 -4.58
CA PRO A 83 -17.12 -14.06 -5.25
C PRO A 83 -17.71 -14.92 -6.35
N GLN A 84 -18.98 -14.71 -6.68
CA GLN A 84 -19.63 -15.45 -7.75
C GLN A 84 -18.99 -15.10 -9.08
N GLN A 85 -18.75 -13.81 -9.28
CA GLN A 85 -18.01 -13.32 -10.43
C GLN A 85 -16.70 -12.70 -9.93
N ASN A 86 -15.59 -13.03 -10.59
CA ASN A 86 -14.27 -12.55 -10.20
C ASN A 86 -14.24 -11.07 -9.83
N TRP A 87 -13.45 -10.73 -8.82
CA TRP A 87 -13.23 -9.34 -8.46
C TRP A 87 -12.30 -8.68 -9.46
N ASP A 88 -12.62 -7.45 -9.85
CA ASP A 88 -11.72 -6.61 -10.63
C ASP A 88 -11.23 -5.51 -9.71
N TRP A 89 -9.99 -5.64 -9.27
CA TRP A 89 -9.41 -4.68 -8.33
C TRP A 89 -8.23 -3.92 -8.91
N SER A 90 -8.09 -3.96 -10.24
CA SER A 90 -6.95 -3.36 -10.93
C SER A 90 -7.13 -1.86 -11.18
N ASP A 91 -8.28 -1.33 -10.82
CA ASP A 91 -8.59 0.07 -11.05
C ASP A 91 -8.54 0.89 -9.77
N LEU A 92 -8.02 0.31 -8.70
CA LEU A 92 -8.11 0.93 -7.39
C LEU A 92 -6.88 1.74 -7.00
N GLY A 93 -5.84 1.65 -7.83
CA GLY A 93 -4.56 2.23 -7.48
C GLY A 93 -3.85 1.32 -6.50
N ASN A 94 -2.97 1.90 -5.69
CA ASN A 94 -2.25 1.15 -4.67
C ASN A 94 -3.15 0.84 -3.47
N PHE A 95 -3.28 -0.43 -3.12
CA PHE A 95 -4.21 -0.83 -2.08
C PHE A 95 -3.85 -2.15 -1.39
N CYS A 96 -4.51 -2.40 -0.25
CA CYS A 96 -4.43 -3.67 0.45
C CYS A 96 -5.80 -4.34 0.63
N PHE A 97 -5.81 -5.65 0.57
CA PHE A 97 -6.91 -6.42 1.14
C PHE A 97 -6.66 -6.44 2.66
N ALA A 98 -7.68 -6.09 3.43
CA ALA A 98 -7.49 -5.92 4.86
C ALA A 98 -8.66 -6.49 5.68
N PHE A 99 -8.38 -6.79 6.93
CA PHE A 99 -9.42 -7.19 7.88
C PHE A 99 -8.88 -7.03 9.29
N ASP A 100 -9.77 -7.03 10.26
CA ASP A 100 -9.35 -6.96 11.65
C ASP A 100 -9.49 -8.32 12.27
N ALA A 101 -8.65 -8.64 13.25
CA ALA A 101 -8.70 -9.93 13.90
C ALA A 101 -8.28 -9.87 15.36
N ARG A 102 -8.99 -10.63 16.20
CA ARG A 102 -8.61 -10.90 17.58
C ARG A 102 -8.49 -12.40 17.79
N ALA A 103 -7.51 -12.83 18.58
CA ALA A 103 -7.41 -14.23 18.98
C ALA A 103 -7.78 -14.33 20.46
N LEU A 104 -8.67 -15.27 20.78
CA LEU A 104 -9.17 -15.38 22.14
C LEU A 104 -8.49 -16.50 22.90
N ASP A 105 -7.58 -17.21 22.25
CA ASP A 105 -6.76 -18.21 22.94
C ASP A 105 -5.68 -17.56 23.79
N GLU A 106 -5.01 -18.34 24.64
CA GLU A 106 -3.83 -17.86 25.35
C GLU A 106 -2.62 -17.73 24.41
N HIS A 107 -2.63 -18.51 23.32
CA HIS A 107 -1.56 -18.52 22.31
C HIS A 107 -1.94 -17.77 21.02
N SER A 108 -0.93 -17.38 20.24
CA SER A 108 -1.18 -16.70 18.97
C SER A 108 -1.65 -17.67 17.90
N THR A 109 -2.09 -17.10 16.79
CA THR A 109 -2.40 -17.85 15.57
C THR A 109 -1.55 -17.34 14.43
N GLN A 110 -0.89 -18.26 13.74
CA GLN A 110 -0.29 -17.92 12.47
C GLN A 110 -1.29 -18.25 11.37
N MET A 111 -1.73 -17.21 10.68
CA MET A 111 -2.69 -17.36 9.62
C MET A 111 -2.12 -16.97 8.25
N PHE A 112 -2.26 -17.85 7.27
CA PHE A 112 -1.89 -17.53 5.90
C PHE A 112 -3.07 -16.97 5.13
N ILE A 113 -2.82 -15.92 4.37
CA ILE A 113 -3.81 -15.36 3.47
C ILE A 113 -3.32 -15.64 2.06
N ASN A 114 -4.02 -16.55 1.39
CA ASN A 114 -3.66 -16.93 0.04
C ASN A 114 -4.69 -16.35 -0.91
N ILE A 115 -4.23 -15.52 -1.82
CA ILE A 115 -5.11 -14.87 -2.78
C ILE A 115 -4.83 -15.38 -4.19
N PHE A 116 -5.87 -15.92 -4.84
CA PHE A 116 -5.74 -16.60 -6.12
C PHE A 116 -6.37 -15.79 -7.24
N ASP A 117 -5.73 -15.73 -8.40
CA ASP A 117 -6.38 -15.10 -9.54
C ASP A 117 -6.96 -16.14 -10.49
N HIS A 118 -7.70 -15.69 -11.49
CA HIS A 118 -8.33 -16.57 -12.47
C HIS A 118 -7.35 -17.47 -13.20
N GLN A 119 -6.11 -17.02 -13.36
CA GLN A 119 -5.11 -17.81 -14.06
C GLN A 119 -4.69 -18.99 -13.22
N GLY A 120 -4.73 -18.81 -11.90
CA GLY A 120 -4.35 -19.87 -11.00
C GLY A 120 -3.21 -19.50 -10.07
N GLN A 121 -2.40 -18.51 -10.43
CA GLN A 121 -1.27 -18.13 -9.58
C GLN A 121 -1.76 -17.50 -8.29
N MET A 122 -0.88 -17.53 -7.30
CA MET A 122 -1.27 -17.30 -5.92
C MET A 122 -0.37 -16.32 -5.22
N HIS A 123 -0.97 -15.29 -4.66
CA HIS A 123 -0.24 -14.40 -3.78
C HIS A 123 -0.42 -14.87 -2.34
N SER A 124 0.64 -15.36 -1.72
CA SER A 124 0.51 -15.88 -0.35
C SER A 124 1.33 -15.11 0.68
N ARG A 125 0.64 -14.55 1.67
CA ARG A 125 1.26 -13.91 2.82
C ARG A 125 0.81 -14.56 4.13
N CYS A 126 1.48 -14.25 5.24
CA CYS A 126 0.93 -14.65 6.53
C CYS A 126 1.01 -13.56 7.59
N ILE A 127 0.23 -13.76 8.64
CA ILE A 127 0.21 -12.87 9.78
C ILE A 127 0.27 -13.67 11.09
N ASN A 128 0.82 -13.05 12.13
CA ASN A 128 0.66 -13.59 13.47
C ASN A 128 -0.39 -12.79 14.24
N ILE A 129 -1.45 -13.46 14.68
CA ILE A 129 -2.51 -12.79 15.41
C ILE A 129 -2.30 -13.00 16.89
N ALA A 130 -1.98 -11.93 17.60
CA ALA A 130 -1.60 -12.02 18.99
C ALA A 130 -2.84 -11.98 19.89
N PRO A 131 -2.78 -12.63 21.05
CA PRO A 131 -3.86 -12.48 22.02
C PRO A 131 -3.91 -11.04 22.54
N GLY A 132 -5.06 -10.55 22.96
CA GLY A 132 -5.15 -9.17 23.42
C GLY A 132 -5.89 -8.27 22.45
N LYS A 133 -5.40 -7.03 22.30
CA LYS A 133 -6.15 -6.01 21.60
C LYS A 133 -6.40 -6.38 20.13
N GLN A 134 -7.42 -5.77 19.54
CA GLN A 134 -7.67 -5.96 18.13
C GLN A 134 -6.48 -5.44 17.30
N GLN A 135 -6.07 -6.23 16.32
CA GLN A 135 -5.14 -5.84 15.27
C GLN A 135 -5.80 -5.55 13.93
N SER A 136 -5.28 -4.61 13.16
CA SER A 136 -5.63 -4.50 11.73
C SER A 136 -4.55 -5.13 10.88
N PHE A 137 -4.94 -5.94 9.89
CA PHE A 137 -3.98 -6.63 9.03
C PHE A 137 -4.16 -6.21 7.58
N MET A 138 -3.04 -6.00 6.88
CA MET A 138 -3.06 -5.52 5.51
C MET A 138 -2.23 -6.42 4.62
N VAL A 139 -2.82 -6.85 3.51
CA VAL A 139 -2.10 -7.61 2.50
C VAL A 139 -2.01 -6.78 1.23
N GLU A 140 -0.83 -6.23 0.95
CA GLU A 140 -0.67 -5.28 -0.14
C GLU A 140 -0.56 -5.99 -1.47
N LEU A 141 -1.51 -5.69 -2.35
CA LEU A 141 -1.60 -6.35 -3.64
C LEU A 141 -1.08 -5.45 -4.75
N LYS A 142 -0.90 -4.18 -4.46
CA LYS A 142 -0.30 -3.26 -5.42
C LYS A 142 0.36 -2.11 -4.68
N GLY A 143 1.55 -1.73 -5.15
CA GLY A 143 2.28 -0.62 -4.56
C GLY A 143 3.12 0.14 -5.58
N GLY A 148 8.17 -1.86 -8.60
CA GLY A 148 7.39 -2.30 -7.47
C GLY A 148 7.69 -3.75 -7.13
N GLY A 149 6.67 -4.59 -7.09
CA GLY A 149 5.29 -4.13 -7.14
C GLY A 149 4.83 -3.88 -5.72
N ALA A 150 4.11 -4.84 -5.16
CA ALA A 150 3.62 -4.74 -3.80
C ALA A 150 4.78 -4.73 -2.80
N CYS A 151 4.63 -4.00 -1.70
CA CYS A 151 5.67 -3.95 -0.68
C CYS A 151 5.95 -5.33 -0.10
N ASN A 152 7.20 -5.56 0.29
CA ASN A 152 7.60 -6.85 0.87
C ASN A 152 9.04 -6.78 1.37
N TYR A 153 9.38 -7.66 2.30
CA TYR A 153 10.76 -7.79 2.79
C TYR A 153 11.39 -9.13 2.39
N ALA A 154 10.96 -9.67 1.26
CA ALA A 154 11.40 -11.01 0.88
C ALA A 154 12.14 -11.00 -0.44
N SER A 155 12.68 -9.86 -0.84
CA SER A 155 13.32 -9.76 -2.14
C SER A 155 14.77 -9.33 -2.04
N GLY A 156 15.35 -9.36 -0.86
CA GLY A 156 16.72 -8.92 -0.68
C GLY A 156 16.81 -7.44 -0.95
N LEU A 157 17.76 -7.02 -1.76
CA LEU A 157 17.95 -5.60 -2.02
C LEU A 157 16.90 -5.00 -2.95
N ARG A 158 16.05 -5.83 -3.52
CA ARG A 158 14.95 -5.32 -4.34
C ARG A 158 13.62 -5.30 -3.56
N SER A 159 13.68 -5.46 -2.24
CA SER A 159 12.50 -5.30 -1.42
C SER A 159 11.99 -3.86 -1.49
N ASN A 160 10.68 -3.71 -1.35
CA ASN A 160 10.10 -2.40 -1.11
C ASN A 160 9.43 -2.46 0.25
N PRO A 161 10.06 -1.84 1.25
CA PRO A 161 9.60 -2.02 2.64
C PRO A 161 8.13 -1.68 2.84
N CYS A 162 7.41 -2.57 3.54
CA CYS A 162 6.11 -2.25 4.09
C CYS A 162 6.30 -1.42 5.35
N PRO A 163 5.31 -0.59 5.67
CA PRO A 163 5.33 0.09 6.96
C PRO A 163 5.57 -0.90 8.09
N TRP A 164 6.51 -0.59 8.98
CA TRP A 164 6.72 -1.40 10.20
C TRP A 164 6.51 -0.48 11.41
N GLY A 165 6.34 -1.06 12.60
CA GLY A 165 6.15 -0.26 13.80
C GLY A 165 4.86 0.53 13.73
N THR A 166 4.00 0.10 12.80
CA THR A 166 2.70 0.67 12.50
C THR A 166 1.61 -0.04 13.31
N LYS A 167 0.40 0.53 13.37
CA LYS A 167 -0.65 -0.12 14.14
C LYS A 167 -1.37 -1.14 13.25
N ASP A 168 -1.48 -0.83 11.96
CA ASP A 168 -1.83 -1.85 10.99
C ASP A 168 -0.62 -2.79 10.85
N VAL A 169 -0.86 -4.09 10.91
CA VAL A 169 0.15 -5.08 10.60
C VAL A 169 0.12 -5.37 9.11
N TYR A 170 1.26 -5.17 8.46
CA TYR A 170 1.40 -5.54 7.06
C TYR A 170 1.85 -7.00 6.94
N ALA A 171 1.01 -7.82 6.32
CA ALA A 171 1.25 -9.25 6.19
C ALA A 171 2.58 -9.53 5.50
N THR A 172 3.25 -10.60 5.94
CA THR A 172 4.56 -10.95 5.39
C THR A 172 4.43 -11.80 4.15
N TRP A 173 5.04 -11.37 3.04
CA TRP A 173 5.00 -12.15 1.82
C TRP A 173 5.79 -13.45 1.95
N MET A 174 5.14 -14.58 1.65
CA MET A 174 5.71 -15.91 1.91
C MET A 174 5.98 -16.76 0.67
N TRP A 175 4.96 -16.91 -0.18
CA TRP A 175 5.02 -17.85 -1.30
C TRP A 175 4.24 -17.32 -2.48
N GLY A 176 4.52 -17.89 -3.66
CA GLY A 176 3.74 -17.63 -4.85
C GLY A 176 4.28 -16.45 -5.64
N ALA A 177 3.38 -15.71 -6.25
CA ALA A 177 3.75 -14.57 -7.08
C ALA A 177 3.44 -13.29 -6.34
N LEU A 178 4.35 -12.33 -6.40
CA LEU A 178 4.15 -11.06 -5.73
C LEU A 178 3.05 -10.26 -6.40
N ASN A 179 3.07 -10.27 -7.72
CA ASN A 179 2.08 -9.51 -8.49
C ASN A 179 1.23 -10.44 -9.31
N ILE A 180 -0.07 -10.47 -9.00
CA ILE A 180 -1.01 -11.36 -9.67
C ILE A 180 -1.95 -10.55 -10.53
N ASP A 181 -2.76 -11.23 -11.34
CA ASP A 181 -3.73 -10.53 -12.17
C ASP A 181 -4.89 -10.00 -11.33
N LEU A 182 -4.79 -8.74 -10.94
CA LEU A 182 -5.75 -8.09 -10.06
C LEU A 182 -7.09 -7.82 -10.76
N SER A 183 -7.15 -8.07 -12.06
CA SER A 183 -8.36 -7.84 -12.82
C SER A 183 -9.32 -9.02 -12.72
N ALA A 184 -8.80 -10.14 -12.25
CA ALA A 184 -9.57 -11.38 -12.18
C ALA A 184 -9.20 -12.19 -10.94
N ILE A 185 -9.58 -11.67 -9.78
CA ILE A 185 -9.31 -12.34 -8.51
C ILE A 185 -10.48 -13.26 -8.15
N SER A 186 -10.21 -14.56 -8.02
CA SER A 186 -11.26 -15.55 -7.93
C SER A 186 -11.49 -16.16 -6.54
N LYS A 187 -10.52 -16.04 -5.63
CA LYS A 187 -10.64 -16.66 -4.33
C LYS A 187 -9.63 -16.11 -3.32
N ILE A 188 -10.07 -15.98 -2.07
CA ILE A 188 -9.15 -15.73 -0.98
C ILE A 188 -9.26 -16.85 0.05
N GLU A 189 -8.14 -17.38 0.48
CA GLU A 189 -8.14 -18.42 1.51
C GLU A 189 -7.41 -17.99 2.78
N LEU A 190 -8.15 -18.02 3.89
CA LEU A 190 -7.58 -17.84 5.22
C LEU A 190 -7.25 -19.21 5.81
N SER A 191 -5.96 -19.53 5.88
CA SER A 191 -5.52 -20.88 6.21
C SER A 191 -4.80 -20.91 7.56
N ILE A 192 -5.19 -21.87 8.37
CA ILE A 192 -4.51 -22.16 9.61
C ILE A 192 -4.14 -23.63 9.53
N HIS A 193 -2.84 -23.91 9.48
CA HIS A 193 -2.41 -25.28 9.26
C HIS A 193 -1.12 -25.62 9.99
N GLY A 194 -0.86 -26.91 10.12
CA GLY A 194 0.34 -27.40 10.76
C GLY A 194 0.43 -27.03 12.23
N SER A 195 -0.72 -26.85 12.87
CA SER A 195 -0.72 -26.38 14.23
C SER A 195 -0.88 -27.51 15.23
N LEU A 196 -0.40 -27.32 16.46
CA LEU A 196 -0.59 -28.31 17.52
C LEU A 196 -1.81 -28.00 18.36
N LEU A 197 -2.49 -26.90 18.05
CA LEU A 197 -3.56 -26.39 18.87
C LEU A 197 -4.73 -25.94 18.02
N ASP A 198 -5.91 -25.88 18.63
CA ASP A 198 -7.05 -25.23 18.01
C ASP A 198 -6.88 -23.73 18.11
N HIS A 199 -7.63 -22.97 17.35
CA HIS A 199 -7.58 -21.52 17.49
C HIS A 199 -8.96 -20.89 17.41
N HIS A 200 -9.21 -19.91 18.27
CA HIS A 200 -10.49 -19.21 18.31
C HIS A 200 -10.31 -17.74 17.92
N LEU A 201 -10.79 -17.35 16.75
CA LEU A 201 -10.59 -15.98 16.30
C LEU A 201 -11.91 -15.21 16.09
N LEU A 202 -11.80 -13.88 16.16
CA LEU A 202 -12.86 -12.99 15.79
C LEU A 202 -12.39 -12.18 14.57
N LEU A 203 -13.11 -12.29 13.47
CA LEU A 203 -12.78 -11.63 12.22
C LEU A 203 -13.88 -10.63 11.92
N SER A 204 -13.52 -9.43 11.47
CA SER A 204 -14.47 -8.38 11.18
C SER A 204 -13.81 -7.40 10.19
N ASN A 205 -14.63 -6.53 9.60
CA ASN A 205 -14.14 -5.37 8.91
C ASN A 205 -13.26 -5.66 7.70
N PHE A 206 -13.67 -6.67 6.95
CA PHE A 206 -13.11 -6.92 5.64
C PHE A 206 -13.35 -5.73 4.74
N ARG A 207 -12.31 -5.33 4.02
CA ARG A 207 -12.30 -4.10 3.27
C ARG A 207 -11.15 -4.06 2.28
N LEU A 208 -11.26 -3.16 1.31
CA LEU A 208 -10.12 -2.76 0.50
C LEU A 208 -9.64 -1.42 1.06
N GLN A 209 -8.33 -1.31 1.25
CA GLN A 209 -7.77 -0.12 1.87
C GLN A 209 -6.61 0.43 1.06
N SER A 210 -6.66 1.73 0.78
CA SER A 210 -5.60 2.43 0.08
C SER A 210 -4.30 2.35 0.86
N SER A 211 -3.20 2.16 0.14
CA SER A 211 -1.89 2.07 0.76
C SER A 211 -1.07 3.31 0.38
N PRO A 212 -0.59 4.03 1.39
CA PRO A 212 0.22 5.21 1.11
C PRO A 212 1.63 4.81 0.66
N ALA A 213 2.23 5.61 -0.20
CA ALA A 213 3.60 5.34 -0.64
C ALA A 213 4.56 5.41 0.53
N VAL A 214 5.54 4.52 0.55
CA VAL A 214 6.53 4.56 1.61
C VAL A 214 7.68 5.46 1.18
N ASP A 215 8.11 6.34 2.07
CA ASP A 215 9.34 7.12 1.91
C ASP A 215 10.46 6.21 1.39
N PRO A 216 11.13 6.61 0.30
CA PRO A 216 12.22 5.76 -0.22
C PRO A 216 13.35 5.60 0.80
N ASN A 217 13.52 6.58 1.67
CA ASN A 217 14.52 6.53 2.72
C ASN A 217 13.91 6.10 4.04
N TYR A 218 12.82 5.36 3.95
CA TYR A 218 12.07 4.89 5.12
C TYR A 218 12.97 4.22 6.15
N LEU A 219 13.93 3.42 5.70
CA LEU A 219 14.74 2.63 6.60
C LEU A 219 16.15 3.16 6.81
N SER A 220 16.38 4.40 6.36
CA SER A 220 17.68 5.03 6.54
C SER A 220 18.08 5.00 8.02
N GLY A 221 19.28 4.52 8.27
CA GLY A 221 19.81 4.46 9.63
C GLY A 221 19.10 3.52 10.59
N ILE A 222 18.41 2.51 10.07
CA ILE A 222 17.67 1.57 10.93
C ILE A 222 18.57 0.55 11.65
N ILE A 223 19.80 0.38 11.20
CA ILE A 223 20.72 -0.57 11.83
C ILE A 223 21.82 0.12 12.63
N ASP A 224 21.99 -0.26 13.89
CA ASP A 224 23.03 0.36 14.72
C ASP A 224 24.37 -0.33 14.51
N ARG A 225 25.37 0.04 15.30
CA ARG A 225 26.72 -0.45 15.06
C ARG A 225 26.91 -1.92 15.47
N PHE A 226 25.94 -2.48 16.16
CA PHE A 226 25.99 -3.86 16.61
C PHE A 226 25.24 -4.80 15.65
N GLY A 227 24.60 -4.20 14.66
CA GLY A 227 23.79 -4.95 13.73
C GLY A 227 22.32 -5.00 14.14
N GLN A 228 22.00 -4.45 15.30
CA GLN A 228 20.63 -4.49 15.82
C GLN A 228 19.75 -3.43 15.17
N ASN A 229 18.45 -3.56 15.38
CA ASN A 229 17.50 -2.55 14.92
C ASN A 229 17.67 -1.29 15.78
N ALA A 230 18.04 -0.18 15.16
CA ALA A 230 18.27 1.08 15.88
C ALA A 230 17.00 1.71 16.44
N GLN A 231 15.88 1.54 15.75
CA GLN A 231 14.64 2.25 16.08
C GLN A 231 13.69 1.43 16.94
N GLN A 232 14.19 0.29 17.43
CA GLN A 232 13.38 -0.65 18.23
C GLN A 232 14.05 -0.94 19.55
N GLU A 233 13.25 -1.12 20.58
CA GLU A 233 13.76 -1.52 21.88
C GLU A 233 13.20 -2.89 22.23
N HIS A 234 14.01 -3.73 22.86
CA HIS A 234 13.52 -5.01 23.33
C HIS A 234 14.37 -5.44 24.49
N ALA A 235 13.86 -6.40 25.26
CA ALA A 235 14.42 -6.77 26.56
C ALA A 235 15.92 -7.07 26.59
N GLN A 236 16.47 -7.67 25.54
CA GLN A 236 17.87 -8.04 25.62
C GLN A 236 18.73 -7.30 24.59
N LYS A 237 18.24 -6.16 24.11
CA LYS A 237 19.03 -5.33 23.20
C LYS A 237 20.32 -4.82 23.86
N ILE A 238 21.42 -4.79 23.09
CA ILE A 238 22.70 -4.26 23.56
C ILE A 238 22.86 -2.79 23.16
N HIS A 239 23.16 -1.93 24.14
CA HIS A 239 23.23 -0.48 23.90
C HIS A 239 24.63 0.12 23.86
N SER A 240 25.63 -0.64 24.25
CA SER A 240 27.00 -0.13 24.24
C SER A 240 28.00 -1.24 24.45
N GLU A 241 29.27 -0.97 24.15
CA GLU A 241 30.32 -1.96 24.36
C GLU A 241 30.43 -2.30 25.83
N GLN A 242 30.10 -1.33 26.68
CA GLN A 242 30.16 -1.50 28.12
C GLN A 242 29.08 -2.48 28.58
N GLU A 243 27.86 -2.27 28.12
CA GLU A 243 26.77 -3.18 28.41
C GLU A 243 27.06 -4.54 27.80
N LEU A 244 27.61 -4.54 26.60
CA LEU A 244 28.07 -5.77 25.98
C LEU A 244 29.04 -6.53 26.88
N ALA A 245 29.97 -5.83 27.53
CA ALA A 245 30.95 -6.51 28.40
C ALA A 245 30.34 -7.01 29.70
N GLU A 246 29.39 -6.26 30.24
CA GLU A 246 28.66 -6.65 31.45
C GLU A 246 27.87 -7.95 31.24
N VAL A 247 27.10 -7.96 30.16
CA VAL A 247 26.25 -9.09 29.82
C VAL A 247 27.10 -10.32 29.54
N THR A 248 28.19 -10.12 28.80
CA THR A 248 29.11 -11.21 28.52
C THR A 248 29.70 -11.79 29.81
N LYS A 249 30.22 -10.91 30.67
CA LYS A 249 30.76 -11.34 31.96
C LYS A 249 29.73 -12.12 32.75
N ALA A 250 28.49 -11.64 32.74
CA ALA A 250 27.40 -12.31 33.46
C ALA A 250 27.12 -13.71 32.89
N GLU A 251 27.02 -13.84 31.57
CA GLU A 251 26.77 -15.15 30.98
C GLU A 251 27.90 -16.09 31.29
N LEU A 252 29.14 -15.62 31.13
CA LEU A 252 30.31 -16.45 31.40
C LEU A 252 30.33 -17.00 32.82
N THR A 253 29.84 -16.19 33.76
CA THR A 253 29.75 -16.61 35.15
C THR A 253 28.68 -17.68 35.29
N GLU A 254 27.54 -17.46 34.66
CA GLU A 254 26.47 -18.45 34.62
C GLU A 254 26.96 -19.79 34.02
N LEU A 255 27.68 -19.71 32.91
CA LEU A 255 28.20 -20.92 32.25
C LEU A 255 29.20 -21.66 33.12
N ALA A 256 29.82 -20.95 34.06
CA ALA A 256 30.76 -21.59 35.00
C ALA A 256 30.07 -22.64 35.91
N LYS A 257 28.74 -22.63 35.94
CA LYS A 257 27.97 -23.63 36.69
C LYS A 257 28.04 -25.02 36.08
N GLY A 258 28.65 -25.15 34.91
CA GLY A 258 28.89 -26.45 34.33
C GLY A 258 27.75 -26.94 33.45
N PRO A 259 27.91 -28.15 32.88
CA PRO A 259 26.92 -28.75 31.99
C PRO A 259 25.67 -29.19 32.72
N MET A 260 24.55 -29.30 32.00
CA MET A 260 23.39 -29.98 32.54
C MET A 260 23.81 -31.39 32.87
N LEU A 261 23.43 -31.88 34.04
CA LEU A 261 23.86 -33.20 34.52
C LEU A 261 23.03 -34.32 33.90
N GLY A 262 23.40 -35.56 34.19
CA GLY A 262 22.62 -36.69 33.75
C GLY A 262 23.11 -37.36 32.47
N ARG A 263 24.21 -36.86 31.90
CA ARG A 263 24.70 -37.42 30.64
C ARG A 263 25.93 -38.28 30.81
N SER A 264 26.03 -39.32 29.98
CA SER A 264 27.29 -40.05 29.86
C SER A 264 28.30 -39.19 29.11
N LYS A 265 29.52 -39.69 28.98
CA LYS A 265 30.57 -38.97 28.24
C LYS A 265 30.10 -38.44 26.87
N PHE A 266 29.46 -39.31 26.10
CA PHE A 266 29.07 -38.96 24.74
C PHE A 266 27.67 -38.40 24.67
N GLY A 267 27.12 -37.96 25.81
CA GLY A 267 25.89 -37.21 25.82
C GLY A 267 24.64 -38.06 25.82
N GLY A 268 24.81 -39.35 26.00
CA GLY A 268 23.67 -40.23 26.20
C GLY A 268 23.11 -40.19 27.62
N TYR A 269 22.07 -40.97 27.86
CA TYR A 269 21.32 -40.96 29.10
C TYR A 269 21.98 -41.88 30.14
N LEU A 270 22.74 -41.29 31.05
CA LEU A 270 23.59 -42.03 31.98
C LEU A 270 22.84 -43.12 32.75
N ASP A 271 21.63 -42.81 33.20
CA ASP A 271 20.86 -43.75 33.98
C ASP A 271 19.79 -44.48 33.16
N GLY A 272 20.01 -44.56 31.84
CA GLY A 272 19.06 -45.22 30.97
C GLY A 272 19.40 -46.68 30.75
N PRO A 273 18.48 -47.42 30.13
CA PRO A 273 18.72 -48.86 29.93
C PRO A 273 19.93 -49.10 29.07
N ARG A 274 21.03 -49.50 29.69
CA ARG A 274 22.30 -49.74 29.03
C ARG A 274 22.18 -50.73 27.88
N GLN A 275 22.76 -50.37 26.75
CA GLN A 275 22.80 -51.23 25.58
C GLN A 275 24.24 -51.65 25.30
N GLN A 276 24.41 -52.60 24.38
CA GLN A 276 25.75 -52.97 23.97
C GLN A 276 26.47 -51.80 23.31
N ALA A 277 27.77 -51.69 23.56
CA ALA A 277 28.61 -50.63 23.01
C ALA A 277 29.38 -51.12 21.78
N SER A 278 29.30 -50.38 20.68
CA SER A 278 30.04 -50.74 19.47
C SER A 278 31.26 -49.86 19.30
N GLY A 279 31.36 -48.83 20.12
CA GLY A 279 32.40 -47.82 19.95
C GLY A 279 31.99 -46.69 19.01
N TYR A 280 30.82 -46.78 18.40
CA TYR A 280 30.29 -45.71 17.54
C TYR A 280 28.81 -45.48 17.79
N PHE A 281 28.33 -44.28 17.47
CA PHE A 281 26.90 -44.02 17.50
C PHE A 281 26.18 -44.95 16.52
N ARG A 282 25.05 -45.50 16.95
CA ARG A 282 24.33 -46.50 16.16
C ARG A 282 22.85 -46.45 16.46
N THR A 283 22.05 -47.18 15.70
CA THR A 283 20.63 -47.22 15.95
C THR A 283 20.24 -48.54 16.62
N GLU A 284 19.10 -48.55 17.29
CA GLU A 284 18.63 -49.72 18.05
C GLU A 284 17.16 -49.53 18.35
N LYS A 285 16.40 -50.62 18.38
CA LYS A 285 15.04 -50.54 18.88
C LYS A 285 15.09 -50.84 20.39
N ILE A 286 14.56 -49.93 21.20
CA ILE A 286 14.62 -50.09 22.65
C ILE A 286 13.23 -49.97 23.23
N ALA A 287 12.79 -51.02 23.91
CA ALA A 287 11.43 -51.11 24.44
C ALA A 287 10.39 -50.68 23.41
N GLY A 288 10.51 -51.21 22.20
CA GLY A 288 9.57 -50.90 21.13
C GLY A 288 9.68 -49.52 20.49
N LYS A 289 10.64 -48.70 20.91
CA LYS A 289 10.88 -47.43 20.24
C LYS A 289 12.22 -47.46 19.49
N TRP A 290 12.34 -46.67 18.43
CA TRP A 290 13.62 -46.45 17.83
C TRP A 290 14.47 -45.57 18.73
N SER A 291 15.76 -45.79 18.69
CA SER A 291 16.66 -45.01 19.49
C SER A 291 18.02 -44.93 18.81
N LEU A 292 18.76 -43.88 19.11
CA LEU A 292 20.19 -43.89 18.90
C LEU A 292 20.84 -44.51 20.15
N VAL A 293 22.07 -45.02 19.99
CA VAL A 293 22.87 -45.51 21.09
C VAL A 293 24.25 -44.89 20.96
N ASP A 294 24.84 -44.39 22.06
CA ASP A 294 26.14 -43.72 21.98
C ASP A 294 27.29 -44.75 21.94
N PRO A 295 28.53 -44.32 21.70
CA PRO A 295 29.61 -45.31 21.53
C PRO A 295 29.83 -46.25 22.73
N GLU A 296 29.38 -45.84 23.92
CA GLU A 296 29.55 -46.65 25.11
C GLU A 296 28.29 -47.41 25.49
N GLY A 297 27.27 -47.36 24.63
CA GLY A 297 26.06 -48.13 24.84
C GLY A 297 24.93 -47.42 25.56
N TYR A 298 25.12 -46.17 25.95
CA TYR A 298 24.03 -45.41 26.58
C TYR A 298 22.99 -44.96 25.59
N PRO A 299 21.71 -45.07 25.94
CA PRO A 299 20.72 -44.60 24.98
C PRO A 299 20.90 -43.12 24.65
N TYR A 300 20.59 -42.74 23.41
CA TYR A 300 20.88 -41.39 22.95
C TYR A 300 19.73 -40.80 22.16
N PHE A 301 19.47 -39.52 22.43
CA PHE A 301 18.49 -38.76 21.70
C PHE A 301 19.18 -37.44 21.33
N ALA A 302 19.11 -37.05 20.05
CA ALA A 302 19.93 -35.94 19.54
C ALA A 302 19.21 -34.60 19.56
N THR A 303 19.66 -33.66 20.39
CA THR A 303 19.12 -32.31 20.35
C THR A 303 20.25 -31.32 20.18
N GLY A 304 20.03 -30.30 19.35
CA GLY A 304 21.07 -29.34 19.04
C GLY A 304 20.68 -28.37 17.95
N LEU A 305 21.61 -27.49 17.58
CA LEU A 305 21.34 -26.40 16.64
C LEU A 305 22.15 -26.55 15.35
N ASP A 306 21.57 -26.08 14.27
CA ASP A 306 22.24 -26.04 12.99
C ASP A 306 23.05 -24.76 12.81
N ILE A 307 23.96 -24.79 11.84
CA ILE A 307 24.76 -23.63 11.44
C ILE A 307 25.60 -23.10 12.62
N ILE A 308 26.57 -23.89 13.05
CA ILE A 308 27.49 -23.45 14.08
C ILE A 308 28.80 -23.03 13.38
N ARG A 309 28.74 -21.84 12.81
CA ARG A 309 29.78 -21.33 11.93
C ARG A 309 29.43 -19.86 11.65
N LEU A 310 30.34 -19.14 11.01
CA LEU A 310 30.13 -17.71 10.76
C LEU A 310 29.64 -17.40 9.35
N ALA A 311 29.82 -18.36 8.44
CA ALA A 311 29.65 -18.13 7.02
C ALA A 311 28.26 -17.63 6.62
N ASN A 312 27.25 -17.88 7.44
CA ASN A 312 25.90 -17.45 7.10
C ASN A 312 25.49 -16.12 7.76
N THR A 313 26.42 -15.47 8.46
CA THR A 313 26.14 -14.22 9.18
C THR A 313 26.40 -12.92 8.36
N SER A 314 26.97 -13.03 7.18
CA SER A 314 27.29 -11.84 6.41
C SER A 314 26.04 -11.25 5.75
N THR A 315 26.07 -9.93 5.57
CA THR A 315 24.98 -9.19 4.97
C THR A 315 25.54 -8.18 3.95
N ILE A 316 24.75 -7.84 2.93
CA ILE A 316 25.20 -6.91 1.90
C ILE A 316 25.25 -5.47 2.42
N THR A 317 26.38 -4.78 2.23
CA THR A 317 26.50 -3.40 2.71
C THR A 317 25.93 -2.39 1.74
N GLY A 318 25.73 -2.79 0.50
CA GLY A 318 25.37 -1.84 -0.54
C GLY A 318 26.57 -1.41 -1.37
N ILE A 319 27.74 -1.34 -0.76
CA ILE A 319 28.95 -0.94 -1.50
C ILE A 319 29.28 -1.98 -2.58
N ASP A 320 29.40 -1.50 -3.81
CA ASP A 320 29.66 -2.31 -5.00
C ASP A 320 28.54 -3.29 -5.29
N TYR A 321 27.36 -3.06 -4.73
CA TYR A 321 26.25 -3.95 -5.04
C TYR A 321 25.82 -3.80 -6.49
N ASP A 322 25.72 -4.91 -7.21
CA ASP A 322 25.18 -4.86 -8.56
C ASP A 322 24.53 -6.18 -8.97
N HIS A 323 23.60 -6.10 -9.90
CA HIS A 323 22.93 -7.27 -10.47
C HIS A 323 22.66 -7.00 -11.94
N LYS A 324 23.46 -7.58 -12.83
CA LYS A 324 23.28 -7.33 -14.26
C LYS A 324 23.69 -8.48 -15.16
N LEU A 325 23.21 -8.41 -16.40
CA LEU A 325 23.46 -9.46 -17.40
C LEU A 325 24.91 -9.49 -17.88
N VAL A 326 25.30 -10.61 -18.49
CA VAL A 326 26.67 -10.92 -18.93
C VAL A 326 27.69 -10.55 -17.89
N THR A 352 16.80 0.48 -10.35
CA THR A 352 18.23 0.32 -10.65
C THR A 352 18.95 -0.38 -9.51
N ALA A 353 19.99 -1.13 -9.83
CA ALA A 353 20.82 -1.73 -8.79
C ALA A 353 21.52 -0.62 -8.02
N LYS A 354 21.83 0.47 -8.73
CA LYS A 354 22.54 1.58 -8.13
C LYS A 354 21.73 2.25 -7.03
N VAL A 355 20.44 2.49 -7.25
CA VAL A 355 19.63 3.11 -6.21
C VAL A 355 19.41 2.12 -5.07
N ALA A 356 19.12 0.86 -5.41
CA ALA A 356 19.02 -0.19 -4.41
C ALA A 356 20.28 -0.20 -3.55
N SER A 357 21.43 -0.06 -4.22
CA SER A 357 22.73 0.03 -3.57
C SER A 357 22.79 1.14 -2.53
N GLU A 358 22.36 2.35 -2.91
CA GLU A 358 22.45 3.48 -2.00
C GLU A 358 21.42 3.42 -0.86
N VAL A 359 20.25 2.86 -1.14
CA VAL A 359 19.24 2.69 -0.11
C VAL A 359 19.75 1.74 0.97
N ARG A 360 20.39 0.65 0.55
CA ARG A 360 20.90 -0.33 1.51
C ARG A 360 22.01 0.24 2.37
N ARG A 361 23.00 0.88 1.75
CA ARG A 361 24.11 1.47 2.50
C ARG A 361 23.63 2.50 3.52
N ALA A 362 22.61 3.28 3.16
CA ALA A 362 22.08 4.29 4.08
C ALA A 362 21.34 3.67 5.28
N MET A 363 21.07 2.37 5.23
CA MET A 363 20.43 1.73 6.39
C MET A 363 21.38 1.61 7.57
N TYR A 364 22.68 1.57 7.28
CA TYR A 364 23.65 1.36 8.33
C TYR A 364 24.13 2.66 8.97
N GLN A 365 23.92 2.76 10.28
CA GLN A 365 24.45 3.86 11.06
C GLN A 365 25.97 3.77 11.17
N TRP A 366 26.50 2.56 11.22
CA TRP A 366 27.94 2.36 11.29
C TRP A 366 28.45 1.20 10.46
N LEU A 367 29.47 1.49 9.66
CA LEU A 367 30.31 0.48 9.05
C LEU A 367 31.74 0.95 9.28
N PRO A 368 32.67 0.01 9.55
CA PRO A 368 34.01 0.45 9.92
C PRO A 368 34.79 1.10 8.77
N ASP A 369 35.58 2.11 9.12
CA ASP A 369 36.64 2.59 8.23
C ASP A 369 37.52 1.43 7.83
N TYR A 370 38.09 1.49 6.64
CA TYR A 370 38.84 0.34 6.14
C TYR A 370 40.15 0.15 6.89
N ASN A 371 40.55 1.14 7.69
CA ASN A 371 41.72 1.01 8.56
C ASN A 371 41.35 0.61 10.00
N ASP A 372 40.05 0.47 10.26
CA ASP A 372 39.54 0.05 11.56
C ASP A 372 39.81 -1.44 11.71
N PRO A 373 40.31 -1.88 12.86
CA PRO A 373 40.52 -3.33 13.06
C PRO A 373 39.25 -4.19 12.81
N LEU A 374 38.08 -3.59 13.02
CA LEU A 374 36.83 -4.30 12.77
C LEU A 374 36.48 -4.37 11.28
N ALA A 375 37.31 -3.79 10.42
CA ALA A 375 37.15 -3.92 8.96
C ALA A 375 37.53 -5.32 8.51
N GLU A 376 38.19 -6.06 9.38
CA GLU A 376 38.52 -7.46 9.17
C GLU A 376 37.30 -8.29 8.75
N HIS A 377 36.11 -7.82 9.12
CA HIS A 377 34.91 -8.60 8.90
C HIS A 377 34.15 -8.19 7.66
N TYR A 378 34.76 -7.34 6.84
CA TYR A 378 34.26 -7.14 5.49
C TYR A 378 34.49 -8.44 4.70
N GLY A 379 33.63 -8.68 3.72
CA GLY A 379 33.80 -9.78 2.79
C GLY A 379 33.29 -9.32 1.44
N TYR A 380 33.24 -10.24 0.49
CA TYR A 380 32.82 -9.90 -0.87
C TYR A 380 32.11 -11.07 -1.53
N MET A 381 30.99 -10.80 -2.15
CA MET A 381 30.20 -11.81 -2.83
C MET A 381 30.20 -11.51 -4.31
N ARG A 382 30.34 -12.53 -5.11
CA ARG A 382 30.28 -12.42 -6.54
C ARG A 382 29.83 -13.74 -7.06
N GLU A 383 28.61 -13.72 -7.52
CA GLU A 383 27.94 -14.88 -8.02
C GLU A 383 27.45 -14.75 -9.45
N LEU A 384 27.62 -15.81 -10.18
CA LEU A 384 27.17 -15.87 -11.53
C LEU A 384 25.96 -16.78 -11.60
N PHE A 385 24.97 -16.31 -12.31
CA PHE A 385 23.81 -17.16 -12.55
C PHE A 385 22.95 -16.69 -13.69
N GLU A 386 22.78 -17.53 -14.70
CA GLU A 386 21.96 -17.19 -15.85
C GLU A 386 22.43 -16.02 -16.69
N GLY A 387 23.72 -15.98 -16.97
CA GLY A 387 24.24 -14.88 -17.76
C GLY A 387 24.13 -13.57 -17.03
N ALA A 388 23.94 -13.66 -15.73
CA ALA A 388 23.86 -12.52 -14.89
C ALA A 388 24.85 -12.64 -13.72
N VAL A 389 25.52 -11.53 -13.43
CA VAL A 389 26.46 -11.46 -12.32
C VAL A 389 25.87 -10.62 -11.21
N GLU A 390 25.92 -11.12 -10.01
CA GLU A 390 25.46 -10.40 -8.85
C GLU A 390 26.58 -10.35 -7.79
N GLN A 391 26.89 -9.18 -7.28
CA GLN A 391 27.98 -9.01 -6.35
C GLN A 391 27.86 -7.90 -5.35
N GLY A 392 28.75 -7.89 -4.40
CA GLY A 392 28.79 -6.80 -3.45
C GLY A 392 29.69 -7.03 -2.25
N GLU A 393 30.08 -5.94 -1.64
CA GLU A 393 30.74 -6.00 -0.34
C GLU A 393 29.77 -6.54 0.68
N THR A 394 30.27 -7.32 1.63
CA THR A 394 29.46 -7.79 2.73
C THR A 394 30.09 -7.44 4.07
N TYR A 395 29.30 -7.59 5.13
CA TYR A 395 29.82 -7.42 6.45
C TYR A 395 29.14 -8.37 7.40
N SER A 396 29.89 -8.89 8.36
CA SER A 396 29.31 -9.69 9.43
C SER A 396 29.41 -8.92 10.74
N PHE A 397 28.30 -8.33 11.16
CA PHE A 397 28.21 -7.73 12.49
C PHE A 397 28.41 -8.78 13.59
N TYR A 398 27.99 -10.02 13.34
CA TYR A 398 28.19 -11.06 14.36
C TYR A 398 29.68 -11.27 14.65
N ALA A 399 30.49 -11.36 13.60
CA ALA A 399 31.93 -11.51 13.73
C ALA A 399 32.51 -10.31 14.49
N ALA A 400 32.02 -9.12 14.14
CA ALA A 400 32.48 -7.88 14.77
C ALA A 400 32.18 -7.90 16.25
N ASN A 401 30.98 -8.37 16.60
CA ASN A 401 30.57 -8.46 18.00
C ASN A 401 31.37 -9.54 18.76
N LEU A 402 31.76 -10.61 18.07
CA LEU A 402 32.66 -11.56 18.69
C LEU A 402 34.00 -10.88 19.08
N GLN A 403 34.53 -10.07 18.17
CA GLN A 403 35.79 -9.39 18.44
C GLN A 403 35.62 -8.35 19.56
N ARG A 404 34.53 -7.59 19.51
CA ARG A 404 34.17 -6.66 20.58
C ARG A 404 34.09 -7.36 21.93
N LYS A 405 33.48 -8.54 21.94
CA LYS A 405 33.25 -9.27 23.18
C LYS A 405 34.50 -9.92 23.76
N TYR A 406 35.32 -10.50 22.89
CA TYR A 406 36.36 -11.42 23.31
C TYR A 406 37.78 -11.07 22.85
N GLY A 407 37.92 -10.05 22.01
CA GLY A 407 39.18 -9.85 21.33
C GLY A 407 40.06 -8.74 21.85
N ALA A 408 39.80 -8.28 23.06
CA ALA A 408 40.64 -7.24 23.67
C ALA A 408 42.09 -7.71 23.76
N ASP A 409 43.01 -6.82 23.43
CA ASP A 409 44.45 -7.09 23.49
C ASP A 409 44.89 -8.18 22.52
N GLY A 410 44.24 -8.26 21.38
CA GLY A 410 44.62 -9.22 20.37
C GLY A 410 44.37 -10.64 20.83
N ALA A 411 43.40 -10.80 21.72
CA ALA A 411 42.98 -12.14 22.12
C ALA A 411 42.33 -12.86 20.93
N ASP A 412 42.45 -14.18 20.88
CA ASP A 412 41.87 -15.02 19.84
C ASP A 412 40.36 -15.20 20.06
N TYR A 413 39.56 -14.26 19.55
CA TYR A 413 38.14 -14.25 19.83
C TYR A 413 37.40 -15.44 19.19
N MET A 414 37.92 -15.95 18.08
CA MET A 414 37.27 -17.09 17.45
C MET A 414 37.41 -18.33 18.31
N ALA A 415 38.58 -18.49 18.92
CA ALA A 415 38.83 -19.62 19.80
C ALA A 415 37.96 -19.52 21.04
N LYS A 416 37.75 -18.30 21.52
CA LYS A 416 36.93 -18.15 22.71
C LYS A 416 35.48 -18.44 22.35
N TRP A 417 35.05 -17.94 21.20
CA TRP A 417 33.70 -18.20 20.71
C TRP A 417 33.41 -19.71 20.61
N ARG A 418 34.36 -20.47 20.08
CA ARG A 418 34.22 -21.92 20.01
C ARG A 418 34.06 -22.54 21.39
N ASP A 419 34.90 -22.15 22.34
CA ASP A 419 34.81 -22.67 23.69
C ASP A 419 33.48 -22.34 24.36
N VAL A 420 33.07 -21.09 24.27
CA VAL A 420 31.81 -20.66 24.87
C VAL A 420 30.59 -21.34 24.22
N THR A 421 30.62 -21.48 22.89
CA THR A 421 29.58 -22.19 22.16
C THR A 421 29.39 -23.60 22.70
N VAL A 422 30.47 -24.35 22.84
CA VAL A 422 30.38 -25.71 23.38
C VAL A 422 29.93 -25.66 24.85
N ASP A 423 30.45 -24.70 25.62
CA ASP A 423 30.02 -24.49 27.00
C ASP A 423 28.53 -24.27 27.07
N ARG A 424 28.04 -23.42 26.17
CA ARG A 424 26.63 -23.13 26.07
C ARG A 424 25.79 -24.37 25.77
N MET A 425 26.15 -25.12 24.73
CA MET A 425 25.35 -26.27 24.33
C MET A 425 25.22 -27.26 25.50
N LEU A 426 26.32 -27.54 26.17
CA LEU A 426 26.33 -28.46 27.29
C LEU A 426 25.58 -27.94 28.51
N ASN A 427 25.60 -26.62 28.71
CA ASN A 427 24.91 -25.99 29.82
C ASN A 427 23.41 -25.96 29.55
N TRP A 428 23.04 -25.73 28.29
CA TRP A 428 21.65 -25.72 27.88
C TRP A 428 21.05 -27.13 27.77
N GLY A 429 21.91 -28.14 27.78
CA GLY A 429 21.47 -29.52 27.75
C GLY A 429 21.49 -30.22 26.39
N PHE A 430 21.89 -29.52 25.33
CA PHE A 430 21.87 -30.13 24.01
C PHE A 430 22.88 -31.25 23.98
N THR A 431 22.54 -32.33 23.29
CA THR A 431 23.40 -33.50 23.22
C THR A 431 24.28 -33.54 21.98
N CYS A 432 24.17 -32.51 21.14
CA CYS A 432 25.02 -32.41 19.96
C CYS A 432 25.13 -31.02 19.41
N LEU A 433 26.07 -30.89 18.49
CA LEU A 433 26.15 -29.82 17.53
C LEU A 433 25.53 -30.35 16.25
N GLY A 434 24.64 -29.57 15.64
CA GLY A 434 23.84 -30.01 14.52
C GLY A 434 24.51 -29.90 13.16
N ASN A 435 23.70 -29.82 12.10
CA ASN A 435 24.28 -29.81 10.77
C ASN A 435 24.95 -28.51 10.46
N TRP A 436 25.95 -28.57 9.59
CA TRP A 436 26.74 -27.42 9.19
C TRP A 436 27.44 -26.81 10.40
N THR A 437 28.04 -27.68 11.21
CA THR A 437 28.96 -27.28 12.25
C THR A 437 30.36 -27.13 11.63
N ALA A 438 31.05 -26.02 11.90
CA ALA A 438 32.40 -25.80 11.38
C ALA A 438 33.31 -26.94 11.81
N PRO A 439 34.13 -27.43 10.87
CA PRO A 439 35.01 -28.58 11.10
C PRO A 439 36.03 -28.30 12.20
N GLU A 440 36.24 -27.03 12.52
CA GLU A 440 37.05 -26.67 13.67
C GLU A 440 36.49 -27.23 14.98
N PHE A 441 35.20 -27.56 15.01
CA PHE A 441 34.59 -28.08 16.24
C PHE A 441 34.72 -29.59 16.34
N TYR A 442 35.15 -30.23 15.26
CA TYR A 442 35.07 -31.68 15.16
C TYR A 442 36.05 -32.42 16.08
N ASP A 443 37.11 -31.78 16.56
CA ASP A 443 37.98 -32.44 17.53
C ASP A 443 37.76 -31.96 18.97
N ASN A 444 36.54 -31.51 19.29
CA ASN A 444 36.32 -30.81 20.54
C ASN A 444 36.30 -31.76 21.74
N GLN A 445 35.87 -33.00 21.49
CA GLN A 445 35.86 -34.05 22.51
C GLN A 445 35.11 -33.68 23.81
N ARG A 446 34.02 -32.94 23.68
CA ARG A 446 33.18 -32.63 24.82
C ARG A 446 31.70 -32.82 24.45
N ILE A 447 31.39 -32.68 23.17
CA ILE A 447 30.02 -32.80 22.69
C ILE A 447 29.97 -33.43 21.30
N PRO A 448 29.07 -34.42 21.08
CA PRO A 448 28.94 -35.06 19.76
C PRO A 448 28.51 -34.04 18.70
N PHE A 449 28.79 -34.35 17.43
CA PHE A 449 28.42 -33.46 16.35
C PHE A 449 27.92 -34.26 15.13
N PHE A 450 27.24 -33.58 14.22
CA PHE A 450 26.81 -34.20 12.98
C PHE A 450 27.65 -33.64 11.82
N ALA A 451 28.10 -34.50 10.92
CA ALA A 451 28.92 -34.08 9.78
C ALA A 451 28.04 -33.97 8.52
N ASN A 452 28.53 -33.24 7.53
CA ASN A 452 27.80 -33.02 6.29
C ASN A 452 28.73 -32.92 5.09
N GLY A 453 28.22 -33.30 3.93
CA GLY A 453 28.91 -33.11 2.68
C GLY A 453 27.91 -32.84 1.60
N TRP A 454 28.35 -32.16 0.55
CA TRP A 454 27.56 -31.93 -0.68
C TRP A 454 28.19 -32.68 -1.83
N ILE A 455 27.38 -33.31 -2.66
CA ILE A 455 27.93 -33.92 -3.86
C ILE A 455 27.71 -33.01 -5.07
N ILE A 456 28.79 -32.46 -5.59
CA ILE A 456 28.73 -31.52 -6.69
C ILE A 456 29.79 -31.86 -7.73
N GLY A 457 29.82 -31.09 -8.81
CA GLY A 457 30.75 -31.33 -9.88
C GLY A 457 30.04 -31.73 -11.15
N GLU A 458 30.79 -32.27 -12.10
CA GLU A 458 30.29 -32.56 -13.42
C GLU A 458 29.68 -33.96 -13.48
N PHE A 459 28.40 -34.04 -13.78
CA PHE A 459 27.76 -35.32 -14.10
C PHE A 459 26.42 -35.08 -14.75
N ASP A 460 25.89 -36.13 -15.42
CA ASP A 460 24.56 -36.07 -15.98
C ASP A 460 23.54 -35.73 -14.88
N GLN A 461 22.44 -35.12 -15.28
CA GLN A 461 21.41 -34.69 -14.35
C GLN A 461 20.03 -35.06 -14.84
N VAL A 462 19.08 -35.10 -13.92
CA VAL A 462 17.68 -35.21 -14.28
C VAL A 462 16.94 -34.05 -13.66
N SER A 463 15.77 -33.76 -14.19
CA SER A 463 14.97 -32.62 -13.73
C SER A 463 13.47 -32.87 -13.80
N SER A 464 12.69 -31.86 -13.47
CA SER A 464 11.25 -31.90 -13.68
C SER A 464 10.81 -31.00 -14.82
N GLY A 465 11.76 -30.26 -15.38
CA GLY A 465 11.47 -29.35 -16.47
C GLY A 465 12.72 -29.08 -17.29
N ASP A 466 12.55 -28.47 -18.46
CA ASP A 466 13.70 -28.14 -19.29
C ASP A 466 14.62 -27.16 -18.54
N ASP A 467 14.01 -26.46 -17.57
CA ASP A 467 14.65 -25.63 -16.56
C ASP A 467 16.06 -26.08 -16.19
N PHE A 468 16.12 -27.23 -15.52
CA PHE A 468 17.31 -27.76 -14.80
C PHE A 468 17.76 -26.79 -13.73
N TRP A 469 16.81 -25.97 -13.28
CA TRP A 469 17.06 -24.99 -12.22
C TRP A 469 17.43 -25.66 -10.89
N ALA A 470 16.65 -26.67 -10.52
CA ALA A 470 16.96 -27.49 -9.35
C ALA A 470 17.07 -28.95 -9.79
N ALA A 471 18.04 -29.23 -10.64
CA ALA A 471 18.23 -30.55 -11.17
C ALA A 471 18.88 -31.48 -10.14
N LEU A 472 18.65 -32.77 -10.29
CA LEU A 472 19.20 -33.78 -9.38
C LEU A 472 20.26 -34.58 -10.12
N PRO A 473 21.16 -35.22 -9.39
CA PRO A 473 22.16 -35.98 -10.15
C PRO A 473 21.57 -37.23 -10.82
N ASP A 474 22.16 -37.66 -11.92
CA ASP A 474 21.84 -38.95 -12.53
C ASP A 474 22.79 -39.98 -11.92
N PRO A 475 22.30 -40.79 -10.97
CA PRO A 475 23.18 -41.73 -10.25
C PRO A 475 23.65 -42.89 -11.11
N PHE A 476 23.18 -43.01 -12.35
CA PHE A 476 23.68 -44.05 -13.25
C PHE A 476 24.82 -43.54 -14.13
N ASP A 477 25.19 -42.28 -13.95
CA ASP A 477 26.41 -41.78 -14.56
C ASP A 477 27.58 -42.13 -13.65
N PRO A 478 28.55 -42.88 -14.18
CA PRO A 478 29.77 -43.22 -13.43
C PRO A 478 30.40 -42.01 -12.73
N ARG A 479 30.30 -40.83 -13.33
CA ARG A 479 30.87 -39.63 -12.74
C ARG A 479 30.22 -39.29 -11.38
N PHE A 480 28.93 -39.56 -11.22
CA PHE A 480 28.28 -39.26 -9.94
C PHE A 480 28.97 -39.99 -8.80
N ARG A 481 29.24 -41.27 -9.00
CA ARG A 481 29.91 -42.11 -8.00
C ARG A 481 31.27 -41.53 -7.63
N GLN A 482 32.03 -41.08 -8.63
CA GLN A 482 33.32 -40.45 -8.37
C GLN A 482 33.19 -39.18 -7.55
N ARG A 483 32.14 -38.39 -7.80
CA ARG A 483 31.94 -37.16 -7.04
C ARG A 483 31.48 -37.49 -5.61
N ALA A 484 30.67 -38.54 -5.47
CA ALA A 484 30.26 -38.98 -4.14
C ALA A 484 31.49 -39.40 -3.33
N ALA A 485 32.42 -40.12 -3.97
CA ALA A 485 33.66 -40.52 -3.33
C ALA A 485 34.47 -39.32 -2.83
N ALA A 486 34.59 -38.30 -3.70
CA ALA A 486 35.29 -37.06 -3.37
C ALA A 486 34.68 -36.39 -2.14
N THR A 487 33.37 -36.35 -2.11
CA THR A 487 32.64 -35.79 -0.97
C THR A 487 32.98 -36.56 0.30
N VAL A 488 32.94 -37.88 0.19
CA VAL A 488 33.20 -38.74 1.34
C VAL A 488 34.64 -38.57 1.83
N SER A 489 35.59 -38.47 0.89
CA SER A 489 36.99 -38.32 1.27
C SER A 489 37.19 -37.04 2.08
N GLN A 490 36.47 -35.99 1.75
CA GLN A 490 36.62 -34.72 2.48
C GLN A 490 35.99 -34.79 3.88
N VAL A 491 34.84 -35.44 4.00
CA VAL A 491 34.24 -35.68 5.31
C VAL A 491 35.15 -36.53 6.19
N LYS A 492 35.81 -37.52 5.59
CA LYS A 492 36.71 -38.37 6.35
C LYS A 492 37.91 -37.60 6.84
N ASN A 493 38.45 -36.74 5.97
CA ASN A 493 39.56 -35.87 6.32
C ASN A 493 39.16 -34.87 7.44
N GLU A 494 37.88 -34.51 7.48
CA GLU A 494 37.39 -33.59 8.50
C GLU A 494 37.17 -34.30 9.83
N ILE A 495 36.54 -35.47 9.81
CA ILE A 495 36.11 -36.05 11.07
C ILE A 495 37.16 -37.02 11.60
N LYS A 496 38.13 -37.36 10.76
CA LYS A 496 39.22 -38.26 11.14
C LYS A 496 38.73 -39.49 11.93
N ASP A 497 37.66 -40.11 11.45
CA ASP A 497 37.09 -41.33 12.04
C ASP A 497 36.62 -41.24 13.51
N THR A 498 36.43 -40.03 14.05
CA THR A 498 36.13 -39.88 15.48
C THR A 498 34.75 -40.43 15.85
N PRO A 499 34.66 -41.14 16.99
CA PRO A 499 33.38 -41.65 17.47
C PRO A 499 32.44 -40.52 17.92
N TRP A 500 32.97 -39.31 18.11
CA TRP A 500 32.15 -38.15 18.47
C TRP A 500 31.25 -37.69 17.32
N CYS A 501 31.49 -38.18 16.10
CA CYS A 501 30.61 -37.87 14.99
C CYS A 501 29.40 -38.79 15.00
N VAL A 502 28.23 -38.23 15.26
CA VAL A 502 27.03 -39.05 15.38
C VAL A 502 26.64 -39.67 14.04
N GLY A 503 26.74 -38.86 12.99
CA GLY A 503 26.38 -39.31 11.66
C GLY A 503 26.63 -38.26 10.61
N ILE A 504 26.44 -38.64 9.35
CA ILE A 504 26.76 -37.80 8.21
C ILE A 504 25.54 -37.56 7.33
N PHE A 505 25.16 -36.29 7.17
CA PHE A 505 24.14 -35.92 6.21
C PHE A 505 24.81 -35.74 4.87
N ILE A 506 24.20 -36.22 3.81
CA ILE A 506 24.69 -35.92 2.47
C ILE A 506 23.62 -35.20 1.69
N ASP A 507 23.97 -34.04 1.16
CA ASP A 507 23.06 -33.20 0.38
C ASP A 507 21.92 -32.70 1.26
N ASN A 508 20.97 -31.99 0.67
CA ASN A 508 19.96 -31.27 1.42
C ASN A 508 18.83 -30.79 0.52
N GLU A 509 17.60 -31.10 0.92
CA GLU A 509 16.38 -30.63 0.29
C GLU A 509 16.39 -30.65 -1.26
N LYS A 510 16.60 -31.82 -1.84
CA LYS A 510 16.50 -31.92 -3.29
C LYS A 510 15.02 -31.87 -3.73
N SER A 511 14.77 -31.48 -4.98
CA SER A 511 13.41 -31.43 -5.51
C SER A 511 12.91 -32.80 -6.01
N TRP A 512 12.63 -33.72 -5.08
CA TRP A 512 12.33 -35.11 -5.45
C TRP A 512 10.95 -35.26 -6.08
N GLY A 513 10.12 -34.23 -5.93
CA GLY A 513 8.75 -34.27 -6.38
C GLY A 513 7.80 -33.80 -5.29
N ARG A 514 6.98 -32.81 -5.62
CA ARG A 514 6.04 -32.25 -4.65
C ARG A 514 4.67 -32.90 -4.75
N MET A 515 4.24 -33.52 -3.66
CA MET A 515 2.95 -34.19 -3.65
C MET A 515 1.81 -33.18 -3.85
N GLY A 516 0.69 -33.64 -4.41
CA GLY A 516 -0.51 -32.82 -4.56
C GLY A 516 -0.98 -32.65 -5.99
N SER A 517 -0.11 -32.98 -6.92
CA SER A 517 -0.44 -32.93 -8.34
C SER A 517 0.45 -33.95 -9.05
N ILE A 518 -0.05 -34.55 -10.12
CA ILE A 518 0.72 -35.56 -10.85
C ILE A 518 2.03 -35.02 -11.39
N ASP A 519 1.94 -33.86 -12.05
CA ASP A 519 3.10 -33.29 -12.72
C ASP A 519 4.16 -32.87 -11.73
N GLY A 520 3.74 -32.44 -10.54
CA GLY A 520 4.69 -32.08 -9.50
C GLY A 520 5.30 -33.31 -8.87
N HIS A 521 4.44 -34.20 -8.40
CA HIS A 521 4.83 -35.41 -7.71
C HIS A 521 5.81 -36.25 -8.55
N TYR A 522 5.42 -36.56 -9.78
CA TYR A 522 6.19 -37.44 -10.65
C TYR A 522 6.91 -36.67 -11.77
N GLY A 523 7.12 -35.37 -11.56
CA GLY A 523 7.86 -34.54 -12.50
C GLY A 523 9.18 -35.11 -13.03
N ILE A 524 9.95 -35.73 -12.15
CA ILE A 524 11.23 -36.32 -12.56
C ILE A 524 11.01 -37.49 -13.51
N ALA A 525 9.99 -38.30 -13.24
CA ALA A 525 9.66 -39.40 -14.13
C ALA A 525 9.21 -38.87 -15.50
N ILE A 526 8.28 -37.92 -15.47
CA ILE A 526 7.66 -37.39 -16.67
C ILE A 526 8.67 -36.67 -17.59
N HIS A 527 9.47 -35.78 -17.02
CA HIS A 527 10.45 -35.04 -17.81
C HIS A 527 11.51 -35.97 -18.40
N THR A 528 12.04 -36.87 -17.57
CA THR A 528 13.07 -37.79 -18.01
C THR A 528 12.58 -38.71 -19.15
N LEU A 529 11.35 -39.21 -19.06
CA LEU A 529 10.73 -39.96 -20.15
C LEU A 529 10.73 -39.15 -21.47
N GLY A 530 10.65 -37.84 -21.35
CA GLY A 530 10.68 -36.97 -22.50
C GLY A 530 12.04 -36.89 -23.14
N ARG A 531 13.09 -37.27 -22.41
CA ARG A 531 14.46 -37.17 -22.92
C ARG A 531 14.92 -38.39 -23.73
N SER A 532 15.98 -38.21 -24.50
CA SER A 532 16.54 -39.32 -25.25
C SER A 532 17.53 -40.15 -24.41
N ALA A 533 17.46 -41.47 -24.54
CA ALA A 533 18.33 -42.31 -23.72
C ALA A 533 19.82 -42.21 -24.11
N ASP A 534 20.16 -41.67 -25.27
CA ASP A 534 21.58 -41.71 -25.70
C ASP A 534 22.52 -40.93 -24.80
N ALA A 535 22.04 -39.84 -24.19
CA ALA A 535 22.87 -39.10 -23.25
C ALA A 535 22.22 -38.99 -21.87
N CYS A 536 21.29 -39.87 -21.58
CA CYS A 536 20.64 -39.88 -20.29
C CYS A 536 20.57 -41.30 -19.72
N PRO A 537 21.53 -41.65 -18.86
CA PRO A 537 21.60 -42.99 -18.26
C PRO A 537 20.32 -43.38 -17.50
N THR A 538 19.72 -42.48 -16.72
CA THR A 538 18.48 -42.82 -16.03
C THR A 538 17.34 -43.16 -17.01
N LYS A 539 17.21 -42.42 -18.11
CA LYS A 539 16.23 -42.75 -19.14
C LYS A 539 16.43 -44.18 -19.67
N ALA A 540 17.69 -44.55 -19.92
CA ALA A 540 17.99 -45.93 -20.36
C ALA A 540 17.47 -46.94 -19.33
N VAL A 541 17.73 -46.66 -18.05
CA VAL A 541 17.24 -47.50 -16.97
C VAL A 541 15.71 -47.56 -17.00
N PHE A 542 15.06 -46.41 -17.20
CA PHE A 542 13.59 -46.37 -17.24
C PHE A 542 13.05 -47.27 -18.37
N VAL A 543 13.69 -47.20 -19.54
CA VAL A 543 13.29 -48.03 -20.67
C VAL A 543 13.38 -49.52 -20.31
N GLU A 544 14.47 -49.91 -19.65
CA GLU A 544 14.66 -51.31 -19.31
C GLU A 544 13.66 -51.73 -18.23
N LEU A 545 13.30 -50.78 -17.36
CA LEU A 545 12.28 -51.06 -16.35
C LEU A 545 10.91 -51.33 -17.01
N LEU A 546 10.49 -50.45 -17.91
CA LEU A 546 9.22 -50.61 -18.58
C LEU A 546 9.22 -51.86 -19.48
N LYS A 547 10.36 -52.13 -20.12
CA LYS A 547 10.49 -53.30 -20.99
C LYS A 547 10.37 -54.59 -20.17
N THR A 548 10.90 -54.57 -18.96
CA THR A 548 10.78 -55.72 -18.07
C THR A 548 9.34 -55.93 -17.61
N LYS A 549 8.65 -54.82 -17.32
CA LYS A 549 7.25 -54.91 -16.94
C LYS A 549 6.32 -55.30 -18.12
N TYR A 550 6.49 -54.69 -19.29
CA TYR A 550 5.53 -54.86 -20.38
C TYR A 550 5.97 -55.85 -21.46
N THR A 551 7.27 -56.13 -21.52
CA THR A 551 7.90 -57.06 -22.48
C THR A 551 7.84 -56.61 -23.94
N VAL A 552 6.63 -56.39 -24.46
CA VAL A 552 6.47 -55.91 -25.82
C VAL A 552 5.88 -54.50 -25.79
N ILE A 553 6.26 -53.69 -26.77
CA ILE A 553 5.82 -52.29 -26.85
C ILE A 553 4.30 -52.17 -26.98
N GLU A 554 3.68 -53.15 -27.64
CA GLU A 554 2.23 -53.18 -27.81
C GLU A 554 1.51 -53.20 -26.45
N ALA A 555 2.06 -53.94 -25.51
CA ALA A 555 1.49 -54.01 -24.18
C ALA A 555 1.60 -52.67 -23.42
N LEU A 556 2.71 -51.97 -23.59
CA LEU A 556 2.81 -50.62 -23.05
C LEU A 556 1.79 -49.69 -23.72
N ASN A 557 1.67 -49.80 -25.04
CA ASN A 557 0.73 -48.96 -25.79
C ASN A 557 -0.70 -49.15 -25.32
N GLN A 558 -1.08 -50.41 -25.08
CA GLN A 558 -2.39 -50.76 -24.53
C GLN A 558 -2.65 -50.06 -23.20
N SER A 559 -1.66 -50.14 -22.32
CA SER A 559 -1.75 -49.57 -20.98
C SER A 559 -1.67 -48.04 -20.98
N TRP A 560 -0.74 -47.49 -21.75
CA TRP A 560 -0.53 -46.05 -21.80
C TRP A 560 -1.48 -45.32 -22.76
N GLN A 561 -2.17 -46.08 -23.60
CA GLN A 561 -2.99 -45.54 -24.68
C GLN A 561 -2.12 -44.67 -25.59
N THR A 562 -0.97 -45.21 -25.98
CA THR A 562 -0.03 -44.56 -26.88
C THR A 562 0.13 -45.36 -28.16
N ASN A 563 0.85 -44.82 -29.15
CA ASN A 563 1.09 -45.53 -30.39
C ASN A 563 2.58 -45.63 -30.70
N LEU A 564 3.39 -46.00 -29.72
CA LEU A 564 4.83 -46.09 -29.93
C LEU A 564 5.15 -47.26 -30.86
N ALA A 565 6.14 -47.07 -31.74
CA ALA A 565 6.53 -48.10 -32.71
C ALA A 565 7.42 -49.21 -32.13
N SER A 566 8.19 -48.89 -31.10
CA SER A 566 9.21 -49.81 -30.60
C SER A 566 9.77 -49.30 -29.30
N TRP A 567 10.61 -50.11 -28.68
CA TRP A 567 11.27 -49.69 -27.46
C TRP A 567 12.22 -48.54 -27.78
N ALA A 568 12.82 -48.60 -28.96
CA ALA A 568 13.70 -47.56 -29.44
C ALA A 568 12.93 -46.23 -29.56
N ASP A 569 11.66 -46.32 -29.93
CA ASP A 569 10.82 -45.13 -30.06
C ASP A 569 10.54 -44.51 -28.68
N LEU A 570 10.34 -45.36 -27.68
CA LEU A 570 10.23 -44.90 -26.31
C LEU A 570 11.50 -44.22 -25.88
N ALA A 571 12.60 -44.93 -26.11
CA ALA A 571 13.91 -44.50 -25.69
C ALA A 571 14.29 -43.11 -26.22
N LYS A 572 13.86 -42.80 -27.45
CA LYS A 572 14.15 -41.52 -28.10
C LYS A 572 13.49 -40.33 -27.38
N GLY A 573 12.33 -40.58 -26.77
CA GLY A 573 11.67 -39.56 -25.98
C GLY A 573 10.17 -39.58 -26.21
N VAL A 574 9.40 -39.54 -25.13
CA VAL A 574 7.96 -39.39 -25.24
C VAL A 574 7.47 -38.21 -24.41
N LYS A 575 6.58 -37.43 -25.00
CA LYS A 575 6.05 -36.22 -24.38
C LYS A 575 4.54 -36.18 -24.58
N GLY A 576 3.88 -35.27 -23.88
CA GLY A 576 2.44 -35.11 -24.02
C GLY A 576 1.66 -36.32 -23.52
N LEU A 577 2.20 -36.97 -22.49
CA LEU A 577 1.54 -38.13 -21.89
C LEU A 577 0.29 -37.67 -21.17
N THR A 578 -0.76 -38.48 -21.21
CA THR A 578 -2.03 -38.07 -20.64
C THR A 578 -2.09 -38.31 -19.13
N HIS A 579 -1.14 -39.08 -18.62
CA HIS A 579 -1.07 -39.39 -17.19
C HIS A 579 -2.29 -40.17 -16.70
N ASN A 580 -2.65 -41.29 -17.35
CA ASN A 580 -3.77 -42.09 -16.84
C ASN A 580 -3.32 -42.86 -15.61
N SER A 581 -4.21 -43.68 -15.04
CA SER A 581 -3.87 -44.32 -13.78
C SER A 581 -2.76 -45.35 -13.95
N ALA A 582 -2.69 -45.99 -15.11
CA ALA A 582 -1.63 -46.96 -15.37
C ALA A 582 -0.27 -46.28 -15.51
N GLN A 583 -0.22 -45.19 -16.25
CA GLN A 583 1.01 -44.42 -16.37
C GLN A 583 1.52 -43.91 -15.02
N VAL A 584 0.61 -43.54 -14.12
CA VAL A 584 1.02 -43.02 -12.82
C VAL A 584 1.63 -44.13 -11.95
N GLU A 585 1.04 -45.32 -11.99
CA GLU A 585 1.69 -46.48 -11.37
C GLU A 585 3.12 -46.64 -11.89
N ASP A 586 3.30 -46.51 -13.20
CA ASP A 586 4.63 -46.60 -13.81
C ASP A 586 5.54 -45.43 -13.40
N TYR A 587 5.00 -44.21 -13.34
CA TYR A 587 5.81 -43.08 -12.85
C TYR A 587 6.36 -43.37 -11.46
N ALA A 588 5.52 -43.96 -10.61
CA ALA A 588 5.93 -44.34 -9.26
C ALA A 588 7.10 -45.34 -9.27
N LEU A 589 6.99 -46.39 -10.07
CA LEU A 589 8.08 -47.36 -10.21
C LEU A 589 9.38 -46.66 -10.65
N LEU A 590 9.26 -45.80 -11.65
CA LEU A 590 10.41 -45.09 -12.21
C LEU A 590 11.05 -44.18 -11.17
N LEU A 591 10.25 -43.38 -10.47
CA LEU A 591 10.77 -42.45 -9.46
C LEU A 591 11.51 -43.22 -8.34
N GLU A 592 10.88 -44.27 -7.84
CA GLU A 592 11.51 -45.05 -6.79
C GLU A 592 12.80 -45.71 -7.27
N ALA A 593 12.82 -46.25 -8.50
CA ALA A 593 14.06 -46.86 -9.00
C ALA A 593 15.19 -45.81 -9.12
N PHE A 594 14.84 -44.64 -9.64
CA PHE A 594 15.80 -43.55 -9.74
C PHE A 594 16.39 -43.19 -8.36
N ALA A 595 15.52 -42.87 -7.41
CA ALA A 595 15.97 -42.48 -6.08
C ALA A 595 16.74 -43.60 -5.40
N SER A 596 16.30 -44.85 -5.57
CA SER A 596 16.98 -45.96 -4.89
C SER A 596 18.46 -46.04 -5.27
N GLU A 597 18.77 -45.78 -6.53
CA GLU A 597 20.15 -45.78 -6.97
C GLU A 597 20.96 -44.59 -6.43
N TYR A 598 20.34 -43.41 -6.31
CA TYR A 598 21.03 -42.31 -5.64
C TYR A 598 21.45 -42.76 -4.22
N PHE A 599 20.49 -43.29 -3.46
CA PHE A 599 20.78 -43.63 -2.07
C PHE A 599 21.75 -44.81 -1.98
N ARG A 600 21.69 -45.73 -2.95
CA ARG A 600 22.58 -46.88 -2.97
C ARG A 600 24.03 -46.45 -3.19
N VAL A 601 24.23 -45.56 -4.17
CA VAL A 601 25.59 -45.14 -4.51
C VAL A 601 26.21 -44.35 -3.35
N VAL A 602 25.46 -43.40 -2.80
CA VAL A 602 25.94 -42.63 -1.66
C VAL A 602 26.25 -43.54 -0.48
N LYS A 603 25.33 -44.44 -0.12
CA LYS A 603 25.60 -45.38 0.98
C LYS A 603 26.92 -46.12 0.75
N GLN A 604 27.09 -46.65 -0.46
CA GLN A 604 28.26 -47.47 -0.76
C GLN A 604 29.56 -46.71 -0.61
N GLU A 605 29.60 -45.50 -1.16
CA GLU A 605 30.81 -44.70 -1.11
C GLU A 605 31.09 -44.28 0.34
N LEU A 606 30.04 -43.97 1.10
CA LEU A 606 30.24 -43.65 2.52
C LEU A 606 30.84 -44.84 3.26
N LYS A 607 30.30 -46.03 3.04
CA LYS A 607 30.73 -47.20 3.81
C LYS A 607 32.12 -47.67 3.41
N LYS A 608 32.58 -47.37 2.20
CA LYS A 608 33.92 -47.78 1.78
C LYS A 608 34.99 -47.09 2.60
N GLN A 609 34.72 -45.86 3.01
CA GLN A 609 35.71 -45.05 3.71
C GLN A 609 35.35 -44.86 5.19
N LEU A 610 34.06 -44.91 5.50
CA LEU A 610 33.60 -44.67 6.86
C LEU A 610 32.56 -45.70 7.29
N PRO A 611 32.97 -46.98 7.34
CA PRO A 611 32.02 -48.08 7.48
C PRO A 611 31.29 -48.09 8.82
N ASN A 612 31.77 -47.32 9.79
CA ASN A 612 31.24 -47.37 11.16
C ASN A 612 30.29 -46.23 11.50
N HIS A 613 30.13 -45.28 10.58
CA HIS A 613 29.38 -44.08 10.87
C HIS A 613 28.02 -44.07 10.19
N LEU A 614 27.02 -43.57 10.90
CA LEU A 614 25.66 -43.51 10.41
C LEU A 614 25.51 -42.61 9.20
N TYR A 615 24.79 -43.12 8.22
CA TYR A 615 24.42 -42.33 7.05
C TYR A 615 22.98 -41.85 7.26
N LEU A 616 22.81 -40.54 7.33
CA LEU A 616 21.57 -39.95 7.81
C LEU A 616 20.68 -39.40 6.72
N GLY A 617 20.99 -39.67 5.46
CA GLY A 617 20.10 -39.30 4.39
C GLY A 617 20.28 -37.91 3.80
N CYS A 618 19.22 -37.37 3.20
CA CYS A 618 19.32 -36.17 2.39
C CYS A 618 18.41 -35.03 2.80
N ARG A 619 17.81 -35.15 3.98
CA ARG A 619 17.05 -34.08 4.57
C ARG A 619 15.91 -33.63 3.65
N PHE A 620 14.84 -34.44 3.63
CA PHE A 620 13.66 -34.18 2.80
C PHE A 620 12.91 -32.89 3.21
N ALA A 621 12.79 -31.94 2.30
CA ALA A 621 11.84 -30.84 2.54
C ALA A 621 10.43 -31.36 2.32
N ASP A 622 9.44 -30.70 2.91
CA ASP A 622 8.06 -31.17 2.79
C ASP A 622 7.51 -31.03 1.36
N TRP A 623 8.14 -30.16 0.55
CA TRP A 623 7.79 -30.02 -0.86
C TRP A 623 8.68 -30.89 -1.76
N GLY A 624 9.63 -31.58 -1.15
CA GLY A 624 10.54 -32.43 -1.88
C GLY A 624 10.55 -33.81 -1.30
N MET A 625 9.37 -34.40 -1.16
CA MET A 625 9.24 -35.76 -0.67
C MET A 625 7.93 -36.39 -1.06
N ASN A 626 7.94 -37.72 -1.05
CA ASN A 626 6.83 -38.52 -1.52
C ASN A 626 7.08 -39.98 -1.15
N PRO A 627 6.03 -40.84 -1.18
CA PRO A 627 6.24 -42.23 -0.74
C PRO A 627 7.37 -42.91 -1.49
N GLU A 628 7.46 -42.66 -2.78
CA GLU A 628 8.50 -43.28 -3.59
C GLU A 628 9.93 -43.00 -3.11
N VAL A 629 10.28 -41.74 -2.86
CA VAL A 629 11.66 -41.43 -2.49
C VAL A 629 11.92 -41.75 -1.01
N VAL A 630 10.88 -41.77 -0.19
CA VAL A 630 11.05 -42.21 1.20
C VAL A 630 11.32 -43.72 1.24
N ARG A 631 10.55 -44.51 0.51
CA ARG A 631 10.83 -45.95 0.44
C ARG A 631 12.25 -46.19 -0.14
N ALA A 632 12.69 -45.36 -1.09
CA ALA A 632 14.02 -45.53 -1.63
C ALA A 632 15.07 -45.26 -0.56
N ALA A 633 14.84 -44.24 0.25
CA ALA A 633 15.81 -43.87 1.25
C ALA A 633 15.88 -44.98 2.28
N ALA A 634 14.71 -45.45 2.70
CA ALA A 634 14.60 -46.50 3.70
C ALA A 634 15.44 -47.76 3.35
N LYS A 635 15.72 -48.00 2.06
CA LYS A 635 16.48 -49.19 1.64
C LYS A 635 17.95 -49.08 2.01
N HIS A 636 18.44 -47.86 2.16
CA HIS A 636 19.88 -47.67 2.23
C HIS A 636 20.39 -46.78 3.38
N VAL A 637 19.62 -45.80 3.83
CA VAL A 637 20.10 -44.96 4.91
C VAL A 637 20.02 -45.68 6.25
N ASP A 638 20.78 -45.18 7.23
CA ASP A 638 20.68 -45.67 8.57
C ASP A 638 19.57 -44.94 9.32
N VAL A 639 19.43 -43.64 9.06
CA VAL A 639 18.40 -42.82 9.64
C VAL A 639 17.81 -41.97 8.53
N VAL A 640 16.49 -41.88 8.48
CA VAL A 640 15.84 -41.01 7.49
C VAL A 640 15.72 -39.61 8.08
N SER A 641 16.16 -38.60 7.33
CA SER A 641 16.15 -37.22 7.81
C SER A 641 15.09 -36.40 7.09
N TYR A 642 14.34 -35.62 7.87
CA TYR A 642 13.33 -34.71 7.36
C TYR A 642 13.55 -33.29 7.92
N ASN A 643 13.27 -32.27 7.12
CA ASN A 643 13.18 -30.90 7.65
C ASN A 643 11.70 -30.54 7.78
N TYR A 644 11.28 -29.93 8.87
CA TYR A 644 9.86 -29.75 9.07
C TYR A 644 9.52 -28.50 9.86
N TYR A 645 9.15 -27.47 9.10
CA TYR A 645 8.85 -26.15 9.62
C TYR A 645 7.36 -26.03 9.85
N LYS A 646 6.88 -26.65 10.93
CA LYS A 646 5.49 -26.53 11.36
C LYS A 646 5.54 -26.46 12.89
N GLU A 647 4.39 -26.43 13.52
CA GLU A 647 4.35 -26.29 14.97
C GLU A 647 4.80 -27.57 15.68
N GLY A 648 4.82 -28.69 14.95
CA GLY A 648 5.32 -29.96 15.45
C GLY A 648 4.92 -31.09 14.51
N LEU A 649 5.19 -32.33 14.92
CA LEU A 649 4.89 -33.52 14.12
C LEU A 649 3.41 -33.86 14.20
N HIS A 650 2.61 -33.06 13.50
CA HIS A 650 1.18 -33.27 13.42
C HIS A 650 0.89 -34.71 12.98
N PRO A 651 0.01 -35.41 13.72
CA PRO A 651 -0.27 -36.82 13.45
C PRO A 651 -0.68 -37.14 12.01
N GLU A 652 -1.44 -36.26 11.37
CA GLU A 652 -1.98 -36.55 10.05
C GLU A 652 -0.91 -36.74 8.94
N PRO A 653 0.04 -35.79 8.77
CA PRO A 653 1.01 -36.06 7.69
C PRO A 653 2.11 -37.05 8.08
N TRP A 654 2.22 -37.37 9.36
CA TRP A 654 3.25 -38.31 9.79
C TRP A 654 2.73 -39.77 9.98
N SER A 655 1.50 -40.04 9.52
CA SER A 655 0.88 -41.38 9.48
C SER A 655 1.74 -42.50 8.90
N PHE A 656 2.48 -42.18 7.86
CA PHE A 656 3.27 -43.12 7.09
C PHE A 656 4.43 -43.74 7.84
N LEU A 657 4.83 -43.12 8.95
CA LEU A 657 6.04 -43.52 9.68
C LEU A 657 6.05 -44.99 10.05
N ALA A 658 4.90 -45.51 10.48
CA ALA A 658 4.79 -46.90 10.91
C ALA A 658 5.15 -47.90 9.81
N ASP A 659 4.59 -47.69 8.61
CA ASP A 659 4.85 -48.55 7.47
C ASP A 659 6.31 -48.58 7.07
N ILE A 660 7.00 -47.45 7.22
CA ILE A 660 8.42 -47.35 6.88
C ILE A 660 9.25 -47.98 7.97
N ASP A 661 8.87 -47.70 9.21
CA ASP A 661 9.51 -48.24 10.41
C ASP A 661 11.03 -48.09 10.39
N MET A 662 11.46 -46.86 10.15
CA MET A 662 12.87 -46.49 10.20
C MET A 662 13.09 -45.48 11.33
N PRO A 663 14.25 -45.52 12.01
CA PRO A 663 14.58 -44.39 12.87
C PRO A 663 14.69 -43.13 12.03
N SER A 664 14.16 -42.03 12.55
CA SER A 664 14.05 -40.79 11.80
C SER A 664 14.64 -39.62 12.61
N ILE A 665 15.01 -38.56 11.90
CA ILE A 665 15.54 -37.37 12.58
C ILE A 665 15.06 -36.06 11.91
N ILE A 666 14.66 -35.10 12.74
CA ILE A 666 14.31 -33.78 12.25
C ILE A 666 15.58 -32.97 12.04
N GLY A 667 15.81 -32.52 10.82
CA GLY A 667 17.02 -31.77 10.50
C GLY A 667 16.94 -30.28 10.78
N GLU A 668 15.73 -29.73 10.70
CA GLU A 668 15.47 -28.31 10.82
C GLU A 668 14.05 -28.03 11.28
N PHE A 669 13.91 -27.03 12.14
CA PHE A 669 12.62 -26.42 12.48
C PHE A 669 12.94 -25.09 13.18
N HIS A 670 11.99 -24.18 13.21
CA HIS A 670 12.20 -22.99 14.03
C HIS A 670 10.94 -22.23 14.37
N PHE A 671 11.14 -21.23 15.22
CA PHE A 671 10.11 -20.28 15.59
C PHE A 671 10.69 -18.86 15.68
N GLY A 672 10.06 -17.91 15.00
CA GLY A 672 10.46 -16.52 15.11
C GLY A 672 9.35 -15.54 15.50
N ALA A 673 9.75 -14.32 15.83
CA ALA A 673 8.80 -13.29 16.21
C ALA A 673 9.28 -11.95 15.64
N LEU A 674 8.57 -10.87 15.97
CA LEU A 674 8.93 -9.58 15.41
C LEU A 674 9.24 -8.57 16.50
N ASP A 675 9.27 -9.01 17.76
CA ASP A 675 9.47 -8.07 18.85
C ASP A 675 10.96 -7.85 19.17
N SER A 676 11.86 -8.43 18.40
CA SER A 676 13.27 -8.08 18.56
C SER A 676 13.73 -7.26 17.36
N GLY A 677 12.79 -6.62 16.69
CA GLY A 677 13.08 -5.61 15.70
C GLY A 677 13.34 -6.10 14.29
N PHE A 678 12.87 -7.30 13.98
CA PHE A 678 13.05 -7.90 12.67
C PHE A 678 11.91 -7.52 11.75
N PHE A 679 12.09 -7.68 10.46
CA PHE A 679 11.03 -7.44 9.50
C PHE A 679 10.29 -8.70 9.07
N HIS A 680 10.81 -9.85 9.45
CA HIS A 680 10.30 -11.16 9.02
C HIS A 680 10.46 -12.12 10.20
N ALA A 681 9.38 -12.76 10.64
CA ALA A 681 9.46 -13.69 11.77
C ALA A 681 9.71 -15.15 11.31
N GLY A 682 9.86 -15.36 10.02
CA GLY A 682 10.25 -16.67 9.53
C GLY A 682 9.09 -17.56 9.10
N LEU A 683 9.33 -18.87 9.09
CA LEU A 683 8.40 -19.81 8.45
C LEU A 683 7.24 -20.18 9.38
N VAL A 684 7.54 -20.29 10.67
CA VAL A 684 6.55 -20.54 11.70
C VAL A 684 6.73 -19.47 12.77
N THR A 685 5.63 -18.82 13.17
CA THR A 685 5.76 -17.58 13.91
C THR A 685 5.05 -17.55 15.28
N ALA A 686 5.62 -16.74 16.18
CA ALA A 686 5.11 -16.53 17.53
C ALA A 686 4.85 -15.03 17.71
N CYS A 687 4.12 -14.64 18.76
CA CYS A 687 3.79 -13.24 18.96
C CYS A 687 4.85 -12.51 19.77
N SER A 688 5.77 -13.25 20.36
CA SER A 688 6.72 -12.66 21.27
C SER A 688 7.89 -13.60 21.47
N GLN A 689 8.99 -13.10 22.02
CA GLN A 689 10.13 -13.93 22.39
C GLN A 689 9.72 -15.03 23.36
N GLN A 690 8.85 -14.69 24.29
CA GLN A 690 8.40 -15.68 25.27
C GLN A 690 7.69 -16.83 24.58
N GLU A 691 6.84 -16.52 23.60
CA GLU A 691 6.10 -17.55 22.93
C GLU A 691 6.99 -18.40 22.01
N ARG A 692 8.11 -17.84 21.55
CA ARG A 692 9.07 -18.59 20.76
C ARG A 692 9.56 -19.82 21.52
N GLY A 693 9.94 -19.58 22.77
CA GLY A 693 10.38 -20.62 23.66
C GLY A 693 9.26 -21.62 23.93
N GLN A 694 8.04 -21.13 24.19
CA GLN A 694 6.89 -22.02 24.39
C GLN A 694 6.68 -22.92 23.16
N MET A 695 6.76 -22.32 21.98
CA MET A 695 6.50 -23.11 20.78
C MET A 695 7.64 -24.08 20.53
N PHE A 696 8.87 -23.70 20.89
CA PHE A 696 10.01 -24.61 20.79
C PHE A 696 9.71 -25.86 21.62
N GLU A 697 9.24 -25.66 22.83
CA GLU A 697 8.96 -26.77 23.73
C GLU A 697 7.86 -27.65 23.18
N ARG A 698 6.78 -27.03 22.71
CA ARG A 698 5.66 -27.79 22.15
C ARG A 698 6.10 -28.65 20.96
N TYR A 699 6.92 -28.08 20.09
CA TYR A 699 7.48 -28.84 18.98
C TYR A 699 8.23 -30.03 19.51
N MET A 700 9.15 -29.80 20.44
CA MET A 700 10.01 -30.89 20.88
C MET A 700 9.29 -32.04 21.56
N GLN A 701 8.23 -31.75 22.32
CA GLN A 701 7.49 -32.78 23.04
C GLN A 701 6.98 -33.80 22.05
N THR A 702 6.50 -33.23 20.96
CA THR A 702 5.94 -33.92 19.84
C THR A 702 6.94 -34.90 19.16
N VAL A 703 8.21 -34.55 19.17
CA VAL A 703 9.23 -35.41 18.59
C VAL A 703 9.65 -36.47 19.60
N VAL A 704 9.83 -36.06 20.85
CA VAL A 704 10.17 -36.99 21.91
C VAL A 704 9.09 -38.06 22.05
N ASP A 705 7.84 -37.67 21.81
CA ASP A 705 6.70 -38.59 21.93
C ASP A 705 6.56 -39.52 20.74
N ASN A 706 7.23 -39.21 19.63
CA ASN A 706 7.09 -40.04 18.44
C ASN A 706 8.13 -41.14 18.43
N PRO A 707 7.68 -42.39 18.41
CA PRO A 707 8.60 -43.50 18.61
C PRO A 707 9.49 -43.80 17.39
N TYR A 708 9.36 -43.05 16.30
CA TYR A 708 10.26 -43.26 15.16
C TYR A 708 11.36 -42.22 15.10
N PHE A 709 11.30 -41.24 15.99
CA PHE A 709 12.28 -40.18 15.94
C PHE A 709 13.34 -40.27 17.03
N VAL A 710 14.57 -39.98 16.64
CA VAL A 710 15.69 -40.14 17.53
C VAL A 710 16.38 -38.81 17.77
N GLY A 711 15.79 -37.73 17.28
CA GLY A 711 16.37 -36.42 17.46
C GLY A 711 15.65 -35.32 16.69
N ALA A 712 16.01 -34.07 17.00
CA ALA A 712 15.52 -32.90 16.29
C ALA A 712 16.53 -31.74 16.39
N HIS A 713 16.87 -31.17 15.24
CA HIS A 713 17.84 -30.09 15.18
C HIS A 713 17.16 -28.78 14.77
N TYR A 714 17.53 -27.71 15.48
CA TYR A 714 16.90 -26.42 15.34
C TYR A 714 17.71 -25.50 14.42
N PHE A 715 17.02 -24.89 13.46
CA PHE A 715 17.67 -23.99 12.51
C PHE A 715 17.29 -22.56 12.93
N GLN A 716 18.20 -21.81 13.56
CA GLN A 716 19.63 -22.04 13.60
C GLN A 716 20.20 -21.38 14.87
N TYR A 717 21.50 -21.55 15.10
CA TYR A 717 22.20 -21.00 16.26
C TYR A 717 21.99 -19.47 16.38
N ILE A 718 22.32 -18.77 15.30
CA ILE A 718 22.41 -17.31 15.27
C ILE A 718 21.24 -16.69 14.50
N ASP A 719 20.64 -15.62 15.02
CA ASP A 719 19.72 -14.80 14.24
C ASP A 719 20.23 -14.57 12.80
N SER A 720 19.34 -14.58 11.81
CA SER A 720 19.65 -14.01 10.50
C SER A 720 19.99 -12.53 10.66
N PRO A 721 20.83 -11.98 9.75
CA PRO A 721 20.98 -10.51 9.74
C PRO A 721 19.63 -9.87 9.43
N ILE A 722 19.33 -8.74 10.04
CA ILE A 722 18.03 -8.09 9.86
C ILE A 722 17.90 -7.59 8.42
N THR A 723 19.05 -7.30 7.83
CA THR A 723 19.12 -6.86 6.43
C THR A 723 19.29 -8.05 5.48
N GLY A 724 19.26 -9.26 6.01
CA GLY A 724 19.34 -10.44 5.17
C GLY A 724 20.72 -11.03 4.94
N ARG A 725 20.76 -12.37 4.93
CA ARG A 725 21.90 -13.14 4.47
C ARG A 725 22.27 -12.71 3.07
N SER A 726 23.57 -12.47 2.85
CA SER A 726 24.07 -12.02 1.56
C SER A 726 23.63 -12.91 0.40
N PHE A 727 23.84 -14.21 0.58
CA PHE A 727 23.52 -15.21 -0.44
C PHE A 727 22.06 -15.15 -0.93
N ASP A 728 21.08 -15.19 -0.02
CA ASP A 728 19.68 -15.36 -0.42
C ASP A 728 18.67 -14.39 0.20
N GLY A 729 19.13 -13.55 1.13
CA GLY A 729 18.27 -12.55 1.73
C GLY A 729 17.49 -13.01 2.95
N GLU A 730 17.76 -14.23 3.39
CA GLU A 730 17.13 -14.78 4.60
C GLU A 730 17.28 -13.84 5.82
N ASN A 731 16.16 -13.41 6.39
CA ASN A 731 16.18 -12.28 7.33
C ASN A 731 15.25 -12.47 8.52
N TYR A 732 15.26 -13.68 9.08
CA TYR A 732 14.30 -14.10 10.07
C TYR A 732 14.83 -13.99 11.48
N ASN A 733 13.95 -13.63 12.41
CA ASN A 733 14.27 -13.76 13.83
C ASN A 733 14.18 -15.20 14.27
N ILE A 734 15.20 -16.01 13.95
CA ILE A 734 15.13 -17.45 14.28
C ILE A 734 16.27 -17.97 15.15
N GLY A 735 17.16 -17.08 15.57
CA GLY A 735 18.30 -17.53 16.32
C GLY A 735 18.02 -17.90 17.78
N PHE A 736 18.90 -18.73 18.31
CA PHE A 736 19.03 -18.87 19.76
C PHE A 736 19.78 -17.69 20.35
N VAL A 737 20.68 -17.11 19.57
CA VAL A 737 21.40 -15.91 19.99
C VAL A 737 21.19 -14.75 19.02
N SER A 738 21.22 -13.53 19.53
CA SER A 738 21.07 -12.37 18.67
C SER A 738 22.31 -12.15 17.80
N ILE A 739 22.25 -11.13 16.98
CA ILE A 739 23.40 -10.78 16.14
C ILE A 739 24.52 -10.19 17.01
N SER A 740 24.19 -9.80 18.24
CA SER A 740 25.23 -9.41 19.19
C SER A 740 25.62 -10.55 20.12
N ASP A 741 25.37 -11.78 19.68
CA ASP A 741 25.74 -13.00 20.42
C ASP A 741 25.12 -13.02 21.81
N VAL A 742 23.92 -12.48 21.96
CA VAL A 742 23.22 -12.61 23.23
C VAL A 742 22.11 -13.67 23.13
N PRO A 743 22.20 -14.74 23.93
CA PRO A 743 21.17 -15.78 23.95
C PRO A 743 19.78 -15.26 24.34
N TYR A 744 18.78 -15.49 23.49
CA TYR A 744 17.40 -15.17 23.84
C TYR A 744 16.98 -16.04 25.02
N GLN A 745 16.54 -15.42 26.11
CA GLN A 745 16.35 -16.18 27.35
C GLN A 745 15.24 -17.24 27.29
N PRO A 746 14.08 -16.93 26.68
CA PRO A 746 13.08 -18.00 26.64
C PRO A 746 13.48 -19.19 25.75
N MET A 747 14.35 -18.98 24.75
CA MET A 747 14.82 -20.11 23.93
C MET A 747 15.71 -20.99 24.79
N VAL A 748 16.68 -20.38 25.47
CA VAL A 748 17.56 -21.08 26.38
C VAL A 748 16.77 -21.82 27.47
N ASP A 749 15.78 -21.16 28.04
CA ASP A 749 15.01 -21.80 29.10
C ASP A 749 14.20 -22.98 28.56
N ALA A 750 13.56 -22.79 27.41
CA ALA A 750 12.82 -23.89 26.78
C ALA A 750 13.73 -25.06 26.45
N ALA A 751 14.89 -24.77 25.86
CA ALA A 751 15.88 -25.80 25.59
C ALA A 751 16.20 -26.60 26.86
N LYS A 752 16.37 -25.91 27.98
CA LYS A 752 16.68 -26.59 29.25
C LYS A 752 15.51 -27.46 29.75
N ARG A 753 14.28 -26.97 29.66
CA ARG A 753 13.12 -27.78 30.03
C ARG A 753 13.04 -29.04 29.16
N VAL A 754 13.14 -28.89 27.84
CA VAL A 754 13.14 -30.04 26.96
C VAL A 754 14.27 -31.03 27.28
N ASN A 755 15.48 -30.52 27.36
CA ASN A 755 16.67 -31.35 27.47
C ASN A 755 16.80 -32.07 28.81
N GLN A 756 16.21 -31.49 29.87
CA GLN A 756 16.27 -32.12 31.19
C GLN A 756 15.16 -33.14 31.35
N SER A 757 14.08 -32.99 30.60
CA SER A 757 12.97 -33.93 30.71
C SER A 757 12.96 -35.06 29.67
N MET A 758 13.52 -34.84 28.49
CA MET A 758 13.35 -35.76 27.36
C MET A 758 13.79 -37.21 27.64
N TYR A 759 14.93 -37.39 28.27
CA TYR A 759 15.45 -38.73 28.51
C TYR A 759 14.55 -39.54 29.45
N PRO A 760 14.19 -38.99 30.62
CA PRO A 760 13.26 -39.80 31.42
C PRO A 760 11.90 -39.98 30.77
N LYS A 761 11.42 -39.00 30.01
CA LYS A 761 10.14 -39.18 29.33
C LYS A 761 10.22 -40.24 28.24
N ARG A 762 11.28 -40.20 27.46
CA ARG A 762 11.44 -41.11 26.38
C ARG A 762 11.55 -42.53 26.78
N PHE A 763 12.46 -42.77 27.71
CA PHE A 763 12.81 -44.08 28.17
C PHE A 763 12.07 -44.58 29.39
N ARG A 764 10.76 -44.45 29.29
CA ARG A 764 9.70 -44.77 30.20
C ARG A 764 9.55 -43.83 31.33
N ALA B 36 -12.83 17.68 28.47
CA ALA B 36 -12.16 16.46 28.87
C ALA B 36 -10.68 16.71 29.24
N LEU B 37 -9.76 16.30 28.37
CA LEU B 37 -8.33 16.36 28.71
C LEU B 37 -7.59 17.57 28.11
N PRO B 38 -7.15 18.49 28.97
CA PRO B 38 -6.39 19.67 28.51
C PRO B 38 -5.01 19.27 27.97
N LEU B 39 -4.60 19.89 26.88
CA LEU B 39 -3.32 19.58 26.26
C LEU B 39 -2.26 20.59 26.61
N PHE B 40 -2.67 21.83 26.82
CA PHE B 40 -1.72 22.91 27.12
C PHE B 40 -2.21 23.79 28.27
N ASP B 41 -1.26 24.42 28.94
CA ASP B 41 -1.55 25.26 30.08
C ASP B 41 -1.20 26.70 29.78
N PHE B 42 -2.18 27.48 29.31
CA PHE B 42 -1.92 28.87 28.96
C PHE B 42 -2.06 29.78 30.17
N SER B 43 -2.09 29.20 31.37
CA SER B 43 -2.22 29.99 32.59
C SER B 43 -1.12 31.04 32.61
N GLN B 44 0.08 30.65 33.00
CA GLN B 44 1.23 31.55 32.93
C GLN B 44 2.48 30.69 32.71
N SER B 45 3.59 31.26 32.22
CA SER B 45 3.73 32.67 31.89
C SER B 45 4.39 32.87 30.53
N THR B 46 4.99 31.80 30.00
CA THR B 46 5.49 31.78 28.64
C THR B 46 4.71 30.76 27.83
N LEU B 47 4.74 30.89 26.52
CA LEU B 47 4.01 29.98 25.67
C LEU B 47 4.67 28.60 25.69
N PRO B 48 3.86 27.53 25.75
CA PRO B 48 4.40 26.18 25.59
C PRO B 48 5.35 26.09 24.41
N GLU B 49 6.49 25.45 24.60
CA GLU B 49 7.52 25.44 23.58
C GLU B 49 7.17 24.53 22.40
N GLU B 50 6.05 23.83 22.51
CA GLU B 50 5.54 23.04 21.39
C GLU B 50 5.05 23.91 20.25
N PHE B 51 4.79 25.19 20.56
CA PHE B 51 4.26 26.14 19.61
C PHE B 51 5.37 26.87 18.86
N SER B 52 5.26 26.92 17.54
CA SER B 52 6.12 27.77 16.74
C SER B 52 5.31 28.44 15.63
N PHE B 53 5.87 29.46 14.99
CA PHE B 53 5.07 30.29 14.11
C PHE B 53 5.79 30.69 12.84
N SER B 54 5.04 30.72 11.75
CA SER B 54 5.53 31.26 10.48
C SER B 54 4.57 32.32 9.96
N ASN B 55 5.07 33.55 9.87
CA ASN B 55 4.28 34.69 9.41
C ASN B 55 3.06 34.88 10.27
N VAL B 56 3.21 34.56 11.56
CA VAL B 56 2.18 34.77 12.56
C VAL B 56 2.81 35.39 13.81
N GLU B 57 2.29 36.52 14.25
CA GLU B 57 2.75 37.14 15.49
C GLU B 57 1.95 36.56 16.64
N ALA B 58 2.61 36.28 17.75
CA ALA B 58 1.94 35.58 18.85
C ALA B 58 2.34 36.02 20.26
N ASN B 59 1.32 36.23 21.11
CA ASN B 59 1.52 36.60 22.50
C ASN B 59 0.51 35.88 23.37
N LEU B 60 0.95 35.40 24.52
CA LEU B 60 0.00 35.01 25.54
C LEU B 60 -0.64 36.28 26.07
N ARG B 61 -1.95 36.28 26.16
CA ARG B 61 -2.69 37.36 26.79
C ARG B 61 -3.67 36.72 27.76
N PHE B 62 -3.60 37.10 29.03
CA PHE B 62 -4.36 36.42 30.06
C PHE B 62 -4.12 34.91 29.89
N GLU B 63 -5.17 34.11 29.69
CA GLU B 63 -4.93 32.69 29.44
C GLU B 63 -5.29 32.30 28.00
N CYS B 64 -5.03 33.23 27.09
CA CYS B 64 -5.32 33.08 25.67
C CYS B 64 -4.07 33.19 24.84
N LEU B 65 -4.03 32.45 23.73
CA LEU B 65 -3.01 32.69 22.72
C LEU B 65 -3.55 33.68 21.71
N GLU B 66 -3.02 34.89 21.72
CA GLU B 66 -3.40 35.89 20.75
C GLU B 66 -2.48 35.79 19.55
N ILE B 67 -3.05 35.67 18.36
CA ILE B 67 -2.25 35.61 17.15
C ILE B 67 -2.70 36.66 16.13
N LYS B 68 -1.74 37.16 15.38
CA LYS B 68 -2.03 37.96 14.21
C LYS B 68 -1.36 37.33 12.99
N ALA B 69 -2.18 36.72 12.15
CA ALA B 69 -1.72 36.14 10.90
C ALA B 69 -1.41 37.25 9.91
N LEU B 70 -0.16 37.33 9.47
CA LEU B 70 0.24 38.33 8.49
C LEU B 70 -0.09 37.81 7.08
N SER B 71 -1.36 37.52 6.83
CA SER B 71 -1.75 36.81 5.60
C SER B 71 -2.04 37.74 4.41
N LYS B 72 -2.26 39.03 4.64
CA LYS B 72 -2.37 39.96 3.52
C LYS B 72 -1.06 39.94 2.72
N LYS B 73 0.05 40.04 3.44
CA LYS B 73 1.38 40.06 2.83
C LYS B 73 1.86 38.66 2.43
N HIS B 74 1.75 37.69 3.32
CA HIS B 74 2.25 36.34 3.04
C HIS B 74 1.13 35.39 2.70
N PHE B 75 1.31 34.63 1.63
CA PHE B 75 0.31 33.64 1.24
C PHE B 75 0.12 32.59 2.33
N TYR B 76 1.20 32.03 2.84
CA TYR B 76 1.11 31.01 3.87
C TYR B 76 1.43 31.53 5.26
N THR B 77 0.50 31.35 6.20
CA THR B 77 0.77 31.61 7.61
C THR B 77 0.39 30.37 8.41
N SER B 78 1.16 30.07 9.44
CA SER B 78 0.97 28.84 10.19
C SER B 78 1.27 28.99 11.67
N VAL B 79 0.45 28.34 12.50
CA VAL B 79 0.81 28.04 13.87
C VAL B 79 1.18 26.56 13.90
N PHE B 80 2.37 26.24 14.38
CA PHE B 80 2.79 24.84 14.44
C PHE B 80 2.79 24.33 15.88
N ILE B 81 2.25 23.12 16.04
CA ILE B 81 2.25 22.43 17.32
C ILE B 81 2.86 21.04 17.16
N GLU B 82 4.11 20.88 17.59
CA GLU B 82 4.76 19.57 17.53
C GLU B 82 5.35 19.19 18.89
N PRO B 83 4.89 18.07 19.45
CA PRO B 83 5.39 17.64 20.75
C PRO B 83 6.82 17.09 20.68
N GLN B 84 7.45 17.09 21.85
CA GLN B 84 8.71 16.39 22.10
C GLN B 84 8.66 14.96 21.56
N GLN B 85 7.77 14.17 22.13
CA GLN B 85 7.50 12.84 21.63
C GLN B 85 6.12 12.80 21.01
N ASN B 86 5.99 12.11 19.89
CA ASN B 86 4.71 11.92 19.21
C ASN B 86 3.58 11.67 20.20
N TRP B 87 2.41 12.24 19.94
CA TRP B 87 1.27 11.97 20.82
C TRP B 87 0.77 10.55 20.58
N ASP B 88 0.22 9.95 21.63
CA ASP B 88 -0.43 8.64 21.52
C ASP B 88 -1.87 8.76 22.00
N TRP B 89 -2.77 9.04 21.06
CA TRP B 89 -4.18 9.25 21.40
C TRP B 89 -5.04 8.06 20.99
N SER B 90 -4.42 6.90 20.86
CA SER B 90 -5.10 5.70 20.35
C SER B 90 -5.93 4.98 21.40
N ASP B 91 -5.78 5.34 22.66
CA ASP B 91 -6.46 4.62 23.75
C ASP B 91 -7.42 5.52 24.51
N LEU B 92 -8.19 6.33 23.78
CA LEU B 92 -9.11 7.28 24.40
C LEU B 92 -10.53 7.07 23.89
N GLY B 93 -10.68 6.16 22.94
CA GLY B 93 -11.96 5.91 22.31
C GLY B 93 -12.27 6.97 21.28
N ASN B 94 -13.55 7.28 21.14
CA ASN B 94 -13.97 8.28 20.17
C ASN B 94 -13.75 9.69 20.71
N PHE B 95 -12.86 10.43 20.07
CA PHE B 95 -12.49 11.76 20.57
C PHE B 95 -12.28 12.79 19.47
N CYS B 96 -12.37 14.05 19.86
CA CYS B 96 -12.00 15.16 19.00
C CYS B 96 -10.81 15.89 19.56
N PHE B 97 -9.93 16.36 18.67
CA PHE B 97 -9.00 17.42 19.02
C PHE B 97 -9.80 18.72 18.97
N ALA B 98 -9.73 19.51 20.04
CA ALA B 98 -10.62 20.67 20.19
C ALA B 98 -9.93 21.91 20.73
N PHE B 99 -10.46 23.07 20.38
CA PHE B 99 -10.06 24.34 20.98
C PHE B 99 -11.16 25.38 20.80
N ASP B 100 -11.04 26.47 21.56
CA ASP B 100 -11.95 27.59 21.51
C ASP B 100 -11.31 28.72 20.72
N ALA B 101 -12.10 29.47 19.97
CA ALA B 101 -11.53 30.61 19.25
C ALA B 101 -12.58 31.66 18.93
N ARG B 102 -12.11 32.88 18.76
CA ARG B 102 -12.95 33.89 18.15
C ARG B 102 -12.08 34.93 17.48
N ALA B 103 -12.63 35.50 16.42
CA ALA B 103 -11.92 36.48 15.66
C ALA B 103 -12.15 37.85 16.27
N LEU B 104 -11.09 38.65 16.36
CA LEU B 104 -11.18 40.02 16.84
C LEU B 104 -11.44 41.03 15.72
N ASP B 105 -11.35 40.56 14.47
CA ASP B 105 -11.67 41.40 13.32
C ASP B 105 -13.17 41.55 13.12
N GLU B 106 -13.56 42.43 12.21
CA GLU B 106 -14.94 42.47 11.76
C GLU B 106 -15.21 41.38 10.73
N HIS B 107 -14.15 40.81 10.17
CA HIS B 107 -14.27 39.72 9.21
C HIS B 107 -13.84 38.40 9.85
N SER B 108 -14.29 37.28 9.27
CA SER B 108 -14.01 35.96 9.82
C SER B 108 -12.64 35.46 9.39
N THR B 109 -12.20 34.38 10.00
CA THR B 109 -10.98 33.69 9.63
C THR B 109 -11.32 32.28 9.16
N GLN B 110 -10.92 31.94 7.93
CA GLN B 110 -10.94 30.54 7.54
C GLN B 110 -9.62 29.91 7.98
N MET B 111 -9.72 28.93 8.88
CA MET B 111 -8.52 28.26 9.39
C MET B 111 -8.50 26.77 9.05
N PHE B 112 -7.42 26.31 8.42
CA PHE B 112 -7.28 24.89 8.16
C PHE B 112 -6.59 24.25 9.36
N ILE B 113 -7.02 23.06 9.72
CA ILE B 113 -6.39 22.30 10.80
C ILE B 113 -5.80 21.02 10.24
N ASN B 114 -4.49 21.03 10.03
CA ASN B 114 -3.79 19.91 9.42
C ASN B 114 -3.09 19.06 10.47
N ILE B 115 -3.53 17.81 10.62
CA ILE B 115 -2.96 16.92 11.63
C ILE B 115 -2.16 15.79 10.97
N PHE B 116 -0.91 15.63 11.37
CA PHE B 116 0.00 14.65 10.76
C PHE B 116 0.38 13.52 11.70
N ASP B 117 0.46 12.30 11.18
CA ASP B 117 1.00 11.20 12.00
C ASP B 117 2.46 10.92 11.64
N HIS B 118 3.05 9.97 12.34
CA HIS B 118 4.47 9.64 12.20
C HIS B 118 4.83 9.13 10.80
N GLN B 119 3.87 8.52 10.12
CA GLN B 119 4.12 7.99 8.80
C GLN B 119 3.94 9.06 7.73
N GLY B 120 3.42 10.22 8.14
CA GLY B 120 3.31 11.35 7.23
C GLY B 120 1.95 11.58 6.65
N GLN B 121 0.97 10.75 7.01
CA GLN B 121 -0.40 10.95 6.57
C GLN B 121 -1.02 12.18 7.22
N MET B 122 -1.97 12.79 6.53
CA MET B 122 -2.50 14.08 6.95
C MET B 122 -4.00 14.07 6.99
N HIS B 123 -4.57 14.35 8.16
CA HIS B 123 -5.99 14.55 8.34
C HIS B 123 -6.26 16.05 8.33
N SER B 124 -6.85 16.54 7.24
CA SER B 124 -7.00 17.98 7.04
C SER B 124 -8.44 18.42 7.12
N ARG B 125 -8.74 19.24 8.12
CA ARG B 125 -10.06 19.80 8.28
C ARG B 125 -10.02 21.32 8.16
N CYS B 126 -11.20 21.94 8.12
CA CYS B 126 -11.33 23.38 8.03
C CYS B 126 -12.45 23.93 8.90
N ILE B 127 -12.25 25.11 9.48
CA ILE B 127 -13.31 25.83 10.20
C ILE B 127 -13.37 27.28 9.81
N ASN B 128 -14.54 27.89 9.98
CA ASN B 128 -14.66 29.33 9.91
C ASN B 128 -14.84 29.90 11.30
N ILE B 129 -13.97 30.83 11.67
CA ILE B 129 -14.00 31.44 13.00
C ILE B 129 -14.67 32.80 12.91
N ALA B 130 -15.86 32.90 13.48
CA ALA B 130 -16.67 34.10 13.32
C ALA B 130 -16.19 35.18 14.24
N PRO B 131 -16.43 36.44 13.86
CA PRO B 131 -16.17 37.52 14.80
C PRO B 131 -17.26 37.50 15.87
N GLY B 132 -17.05 38.16 17.00
CA GLY B 132 -18.09 38.17 18.01
C GLY B 132 -17.91 37.08 19.05
N LYS B 133 -18.98 36.35 19.33
CA LYS B 133 -19.00 35.38 20.43
C LYS B 133 -18.02 34.23 20.22
N GLN B 134 -17.41 33.78 21.31
CA GLN B 134 -16.49 32.65 21.31
C GLN B 134 -17.13 31.36 20.80
N GLN B 135 -16.38 30.57 20.05
CA GLN B 135 -16.86 29.30 19.54
C GLN B 135 -15.93 28.17 19.97
N SER B 136 -16.45 26.96 20.08
CA SER B 136 -15.65 25.77 20.33
C SER B 136 -15.58 24.95 19.07
N PHE B 137 -14.38 24.51 18.71
CA PHE B 137 -14.20 23.78 17.47
C PHE B 137 -13.71 22.35 17.71
N MET B 138 -14.36 21.40 17.06
CA MET B 138 -14.08 19.98 17.24
C MET B 138 -13.52 19.33 15.97
N VAL B 139 -12.33 18.76 16.06
CA VAL B 139 -11.82 17.92 15.01
C VAL B 139 -11.88 16.45 15.43
N GLU B 140 -12.93 15.75 15.00
CA GLU B 140 -13.09 14.33 15.30
C GLU B 140 -12.01 13.49 14.63
N LEU B 141 -11.16 12.87 15.45
CA LEU B 141 -10.07 12.04 14.94
C LEU B 141 -10.37 10.53 14.97
N LYS B 142 -11.46 10.14 15.61
CA LYS B 142 -11.89 8.75 15.63
C LYS B 142 -13.35 8.61 16.07
N GLY B 149 -15.28 4.85 11.08
CA GLY B 149 -14.53 5.81 10.31
C GLY B 149 -13.99 6.96 11.15
N ALA B 150 -14.81 7.99 11.28
CA ALA B 150 -14.52 9.31 11.89
C ALA B 150 -15.41 10.25 11.11
N CYS B 151 -16.25 11.00 11.81
CA CYS B 151 -17.37 11.67 11.16
C CYS B 151 -16.97 12.68 10.06
N ASN B 152 -17.74 12.70 8.98
CA ASN B 152 -17.54 13.64 7.89
C ASN B 152 -18.71 13.69 6.92
N TYR B 153 -18.74 14.75 6.12
CA TYR B 153 -19.80 15.00 5.14
C TYR B 153 -19.28 15.16 3.70
N ALA B 154 -18.13 14.60 3.38
CA ALA B 154 -17.61 14.66 2.03
C ALA B 154 -17.34 13.27 1.45
N SER B 155 -18.22 12.32 1.75
CA SER B 155 -18.11 10.95 1.25
C SER B 155 -19.39 10.48 0.59
N GLY B 156 -20.37 11.36 0.47
CA GLY B 156 -21.66 10.99 -0.08
C GLY B 156 -22.46 10.10 0.84
N LEU B 157 -22.82 8.92 0.36
CA LEU B 157 -23.64 7.99 1.13
C LEU B 157 -22.82 7.26 2.22
N ARG B 158 -21.51 7.16 2.01
CA ARG B 158 -20.62 6.55 3.01
C ARG B 158 -20.19 7.56 4.07
N SER B 159 -20.99 8.60 4.25
CA SER B 159 -20.71 9.62 5.25
C SER B 159 -21.20 9.22 6.64
N ASN B 160 -20.37 9.50 7.64
CA ASN B 160 -20.80 9.42 9.04
C ASN B 160 -20.93 10.86 9.52
N PRO B 161 -22.17 11.33 9.68
CA PRO B 161 -22.51 12.73 9.96
C PRO B 161 -21.97 13.27 11.29
N CYS B 162 -21.21 14.36 11.21
CA CYS B 162 -20.87 15.13 12.40
C CYS B 162 -22.08 15.93 12.82
N PRO B 163 -22.30 16.07 14.15
CA PRO B 163 -23.34 16.97 14.66
C PRO B 163 -23.20 18.36 14.06
N TRP B 164 -24.31 18.97 13.66
CA TRP B 164 -24.30 20.31 13.09
C TRP B 164 -25.21 21.23 13.88
N THR B 166 -24.89 22.96 18.18
CA THR B 166 -24.33 21.97 19.10
C THR B 166 -23.97 22.52 20.50
N LYS B 167 -23.29 23.67 20.65
CA LYS B 167 -22.83 24.56 19.59
C LYS B 167 -21.32 24.51 19.50
N ASP B 168 -20.78 23.33 19.77
CA ASP B 168 -19.44 23.05 19.30
C ASP B 168 -19.55 23.03 17.78
N VAL B 169 -18.58 23.62 17.10
CA VAL B 169 -18.54 23.52 15.66
C VAL B 169 -17.70 22.32 15.30
N TYR B 170 -18.27 21.38 14.54
CA TYR B 170 -17.46 20.27 14.05
C TYR B 170 -16.75 20.69 12.79
N ALA B 171 -15.44 20.67 12.86
CA ALA B 171 -14.57 21.04 11.75
C ALA B 171 -14.92 20.25 10.50
N THR B 172 -14.96 20.95 9.37
CA THR B 172 -15.34 20.34 8.11
C THR B 172 -14.21 19.54 7.48
N TRP B 173 -14.50 18.30 7.14
CA TRP B 173 -13.52 17.44 6.50
C TRP B 173 -13.17 17.93 5.09
N MET B 174 -11.89 18.14 4.82
CA MET B 174 -11.47 18.68 3.54
C MET B 174 -10.72 17.65 2.70
N TRP B 175 -9.60 17.14 3.21
CA TRP B 175 -8.87 16.09 2.51
C TRP B 175 -7.80 15.40 3.36
N GLY B 176 -7.07 14.52 2.69
CA GLY B 176 -6.07 13.68 3.32
C GLY B 176 -6.69 12.38 3.81
N ALA B 177 -6.08 11.78 4.82
CA ALA B 177 -6.59 10.54 5.38
C ALA B 177 -7.68 10.81 6.41
N LEU B 178 -8.81 10.14 6.27
CA LEU B 178 -9.88 10.22 7.24
C LEU B 178 -9.46 9.64 8.58
N ASN B 179 -8.70 8.55 8.54
CA ASN B 179 -8.19 7.91 9.74
C ASN B 179 -6.68 7.79 9.71
N ILE B 180 -5.99 8.44 10.63
CA ILE B 180 -4.54 8.41 10.65
C ILE B 180 -4.03 7.53 11.78
N ASP B 181 -2.72 7.39 11.89
CA ASP B 181 -2.17 6.58 12.98
C ASP B 181 -2.24 7.37 14.28
N LEU B 182 -3.33 7.18 15.00
CA LEU B 182 -3.57 7.88 16.26
C LEU B 182 -2.57 7.49 17.35
N SER B 183 -1.78 6.44 17.08
CA SER B 183 -0.77 5.98 18.02
C SER B 183 0.43 6.91 18.07
N ALA B 184 0.79 7.49 16.93
CA ALA B 184 1.88 8.47 16.88
C ALA B 184 1.51 9.67 16.02
N ILE B 185 0.99 10.70 16.66
CA ILE B 185 0.66 11.94 15.98
C ILE B 185 1.78 12.93 16.24
N SER B 186 2.34 13.48 15.17
CA SER B 186 3.58 14.21 15.31
C SER B 186 3.43 15.72 15.15
N LYS B 187 2.42 16.18 14.42
CA LYS B 187 2.31 17.61 14.16
C LYS B 187 0.89 18.06 13.91
N ILE B 188 0.55 19.21 14.47
CA ILE B 188 -0.71 19.87 14.16
C ILE B 188 -0.40 21.27 13.64
N GLU B 189 -0.92 21.57 12.46
CA GLU B 189 -0.79 22.89 11.87
C GLU B 189 -2.12 23.61 11.82
N LEU B 190 -2.12 24.85 12.27
CA LEU B 190 -3.22 25.76 12.05
C LEU B 190 -2.84 26.68 10.89
N SER B 191 -3.54 26.53 9.77
CA SER B 191 -3.18 27.22 8.55
C SER B 191 -4.20 28.29 8.18
N ILE B 192 -3.69 29.50 8.00
CA ILE B 192 -4.45 30.59 7.41
C ILE B 192 -3.72 31.02 6.15
N HIS B 193 -4.34 30.81 5.00
CA HIS B 193 -3.63 31.05 3.74
C HIS B 193 -4.56 31.52 2.65
N GLY B 194 -3.99 32.14 1.63
CA GLY B 194 -4.74 32.62 0.47
C GLY B 194 -5.78 33.66 0.83
N SER B 195 -5.41 34.57 1.73
CA SER B 195 -6.32 35.57 2.23
C SER B 195 -5.92 36.96 1.73
N LEU B 196 -6.89 37.86 1.66
CA LEU B 196 -6.63 39.25 1.28
C LEU B 196 -6.44 40.15 2.48
N LEU B 197 -6.52 39.56 3.67
CA LEU B 197 -6.57 40.31 4.90
C LEU B 197 -5.70 39.65 5.97
N ASP B 198 -5.25 40.44 6.94
CA ASP B 198 -4.65 39.87 8.13
C ASP B 198 -5.73 39.34 9.05
N HIS B 199 -5.37 38.50 10.01
CA HIS B 199 -6.38 37.99 10.94
C HIS B 199 -5.90 38.04 12.41
N HIS B 200 -6.71 38.63 13.28
CA HIS B 200 -6.42 38.68 14.70
C HIS B 200 -7.36 37.77 15.46
N LEU B 201 -6.80 36.80 16.16
CA LEU B 201 -7.59 35.75 16.78
C LEU B 201 -7.20 35.51 18.23
N LEU B 202 -8.13 35.01 19.02
CA LEU B 202 -7.81 34.48 20.34
C LEU B 202 -8.06 32.98 20.34
N LEU B 203 -7.07 32.21 20.81
CA LEU B 203 -7.14 30.75 20.88
C LEU B 203 -6.95 30.29 22.30
N SER B 204 -7.79 29.37 22.75
CA SER B 204 -7.69 28.88 24.12
C SER B 204 -8.26 27.46 24.29
N ASN B 205 -8.00 26.89 25.47
CA ASN B 205 -8.57 25.61 25.86
C ASN B 205 -8.30 24.48 24.87
N PHE B 206 -7.07 24.42 24.37
CA PHE B 206 -6.62 23.30 23.56
C PHE B 206 -6.77 22.03 24.39
N ARG B 207 -7.45 21.03 23.83
CA ARG B 207 -7.87 19.87 24.60
C ARG B 207 -8.29 18.71 23.73
N LEU B 208 -8.39 17.53 24.33
CA LEU B 208 -9.04 16.41 23.69
C LEU B 208 -10.42 16.30 24.32
N GLN B 209 -11.40 15.88 23.54
CA GLN B 209 -12.77 15.80 24.05
C GLN B 209 -13.49 14.62 23.44
N SER B 210 -14.21 13.87 24.26
CA SER B 210 -14.92 12.70 23.77
C SER B 210 -16.11 13.09 22.90
N SER B 211 -16.66 12.10 22.20
CA SER B 211 -17.77 12.31 21.28
C SER B 211 -18.99 11.48 21.69
N PRO B 212 -20.09 12.15 22.09
CA PRO B 212 -21.31 11.52 22.62
C PRO B 212 -21.87 10.39 21.75
N ASN B 217 -29.68 7.15 13.03
CA ASN B 217 -30.60 7.92 12.21
C ASN B 217 -30.19 9.39 12.12
N TYR B 218 -30.62 10.21 13.09
CA TYR B 218 -30.13 11.59 13.23
C TYR B 218 -30.42 12.49 12.02
N LEU B 219 -29.91 12.10 10.86
CA LEU B 219 -30.14 12.82 9.63
C LEU B 219 -31.51 12.50 9.04
N SER B 220 -32.28 11.72 9.77
CA SER B 220 -33.63 11.37 9.37
C SER B 220 -34.48 12.63 9.18
N GLY B 221 -35.16 12.72 8.03
CA GLY B 221 -36.07 13.81 7.76
C GLY B 221 -35.47 15.22 7.73
N ILE B 222 -34.19 15.30 7.41
CA ILE B 222 -33.45 16.57 7.40
C ILE B 222 -33.78 17.48 6.17
N ILE B 223 -34.33 16.89 5.12
CA ILE B 223 -34.64 17.63 3.89
C ILE B 223 -36.14 17.83 3.70
N ASP B 224 -36.57 19.08 3.47
CA ASP B 224 -37.99 19.34 3.26
C ASP B 224 -38.39 19.12 1.80
N ARG B 225 -39.66 19.36 1.49
CA ARG B 225 -40.17 19.05 0.17
C ARG B 225 -39.63 19.99 -0.92
N PHE B 226 -38.93 21.04 -0.50
CA PHE B 226 -38.27 21.98 -1.42
C PHE B 226 -36.77 21.68 -1.63
N GLY B 227 -36.22 20.75 -0.84
CA GLY B 227 -34.81 20.41 -0.91
C GLY B 227 -33.98 21.15 0.11
N GLN B 228 -34.64 21.96 0.94
CA GLN B 228 -33.96 22.78 1.94
C GLN B 228 -33.74 21.99 3.21
N ASN B 229 -32.96 22.56 4.12
CA ASN B 229 -32.75 21.92 5.41
C ASN B 229 -34.01 22.13 6.22
N ALA B 230 -34.62 21.04 6.62
CA ALA B 230 -35.94 21.09 7.26
C ALA B 230 -35.84 21.61 8.69
N GLN B 231 -34.76 21.26 9.37
CA GLN B 231 -34.60 21.55 10.79
C GLN B 231 -33.86 22.87 11.04
N GLN B 232 -33.59 23.61 9.97
CA GLN B 232 -32.80 24.82 10.06
C GLN B 232 -33.56 25.99 9.45
N GLU B 233 -33.29 27.16 9.99
CA GLU B 233 -34.02 28.34 9.65
C GLU B 233 -33.04 29.45 9.23
N HIS B 234 -33.36 30.15 8.16
CA HIS B 234 -32.53 31.27 7.74
C HIS B 234 -33.39 32.30 7.01
N ALA B 235 -32.85 33.49 6.83
CA ALA B 235 -33.62 34.69 6.44
C ALA B 235 -34.39 34.54 5.14
N GLN B 236 -33.88 33.77 4.20
CA GLN B 236 -34.55 33.68 2.91
C GLN B 236 -35.10 32.28 2.64
N LYS B 237 -35.15 31.45 3.68
CA LYS B 237 -35.79 30.14 3.56
C LYS B 237 -37.25 30.25 3.13
N ILE B 238 -37.63 29.39 2.20
CA ILE B 238 -39.00 29.24 1.73
C ILE B 238 -39.74 28.17 2.58
N HIS B 239 -40.97 28.46 3.02
CA HIS B 239 -41.69 27.52 3.87
C HIS B 239 -42.93 26.94 3.22
N SER B 240 -43.27 27.43 2.05
CA SER B 240 -44.44 26.98 1.33
C SER B 240 -44.47 27.55 -0.07
N GLU B 241 -45.20 26.90 -0.95
CA GLU B 241 -45.42 27.39 -2.29
C GLU B 241 -46.07 28.76 -2.24
N GLN B 242 -46.92 29.00 -1.24
CA GLN B 242 -47.54 30.31 -1.04
C GLN B 242 -46.51 31.41 -0.86
N GLU B 243 -45.57 31.20 0.06
CA GLU B 243 -44.49 32.15 0.30
C GLU B 243 -43.58 32.30 -0.93
N LEU B 244 -43.31 31.18 -1.59
CA LEU B 244 -42.45 31.13 -2.76
C LEU B 244 -43.05 31.99 -3.87
N ALA B 245 -44.38 31.94 -4.00
CA ALA B 245 -45.11 32.73 -4.97
C ALA B 245 -45.03 34.21 -4.65
N GLU B 246 -45.11 34.55 -3.37
CA GLU B 246 -44.90 35.93 -2.96
C GLU B 246 -43.48 36.41 -3.26
N VAL B 247 -42.50 35.59 -2.91
CA VAL B 247 -41.08 35.93 -3.10
C VAL B 247 -40.78 36.06 -4.59
N THR B 248 -41.37 35.19 -5.40
CA THR B 248 -41.22 35.18 -6.85
C THR B 248 -41.80 36.45 -7.48
N LYS B 249 -43.02 36.80 -7.10
CA LYS B 249 -43.69 37.96 -7.69
C LYS B 249 -42.93 39.24 -7.33
N ALA B 250 -42.38 39.28 -6.13
CA ALA B 250 -41.55 40.41 -5.72
C ALA B 250 -40.26 40.52 -6.56
N GLU B 251 -39.68 39.38 -6.95
CA GLU B 251 -38.48 39.43 -7.79
C GLU B 251 -38.83 39.86 -9.21
N LEU B 252 -39.89 39.30 -9.77
CA LEU B 252 -40.22 39.61 -11.15
C LEU B 252 -40.55 41.09 -11.31
N THR B 253 -41.11 41.69 -10.26
CA THR B 253 -41.37 43.12 -10.21
C THR B 253 -40.06 43.91 -10.14
N GLU B 254 -39.10 43.44 -9.35
CA GLU B 254 -37.80 44.11 -9.30
C GLU B 254 -37.05 43.95 -10.62
N LEU B 255 -37.13 42.78 -11.21
CA LEU B 255 -36.43 42.51 -12.47
C LEU B 255 -37.01 43.35 -13.60
N ALA B 256 -38.28 43.73 -13.46
CA ALA B 256 -38.98 44.55 -14.45
C ALA B 256 -38.42 45.97 -14.56
N LYS B 257 -37.62 46.37 -13.58
CA LYS B 257 -36.92 47.64 -13.62
C LYS B 257 -35.87 47.66 -14.73
N GLY B 258 -35.47 46.48 -15.19
CA GLY B 258 -34.58 46.38 -16.33
C GLY B 258 -33.11 46.19 -16.04
N PRO B 259 -32.29 46.12 -17.10
CA PRO B 259 -30.86 45.90 -16.99
C PRO B 259 -30.12 47.06 -16.32
N MET B 260 -28.94 46.77 -15.79
CA MET B 260 -28.04 47.84 -15.36
C MET B 260 -27.62 48.62 -16.59
N LEU B 261 -27.58 49.95 -16.51
CA LEU B 261 -27.22 50.77 -17.67
C LEU B 261 -25.71 50.91 -17.84
N GLY B 262 -25.33 51.68 -18.85
CA GLY B 262 -23.94 52.01 -19.08
C GLY B 262 -23.25 51.09 -20.07
N ARG B 263 -23.96 50.06 -20.51
CA ARG B 263 -23.39 49.06 -21.41
C ARG B 263 -23.81 49.24 -22.88
N SER B 264 -22.93 48.77 -23.77
CA SER B 264 -23.24 48.65 -25.17
C SER B 264 -24.08 47.41 -25.40
N LYS B 265 -24.42 47.14 -26.64
CA LYS B 265 -25.31 46.03 -26.96
C LYS B 265 -24.76 44.70 -26.45
N PHE B 266 -23.46 44.51 -26.60
CA PHE B 266 -22.81 43.26 -26.28
C PHE B 266 -22.17 43.26 -24.88
N GLY B 267 -22.57 44.17 -24.01
CA GLY B 267 -22.04 44.22 -22.66
C GLY B 267 -20.80 45.05 -22.40
N GLY B 268 -20.22 45.67 -23.42
CA GLY B 268 -19.05 46.50 -23.26
C GLY B 268 -19.32 47.84 -22.61
N TYR B 269 -18.26 48.58 -22.30
CA TYR B 269 -18.38 49.87 -21.63
C TYR B 269 -18.70 51.00 -22.60
N LEU B 270 -19.94 51.49 -22.54
CA LEU B 270 -20.42 52.46 -23.49
C LEU B 270 -19.56 53.71 -23.49
N ASP B 271 -19.13 54.12 -22.30
CA ASP B 271 -18.36 55.36 -22.15
C ASP B 271 -16.84 55.16 -22.10
N GLY B 272 -16.36 53.97 -22.46
CA GLY B 272 -14.94 53.69 -22.40
C GLY B 272 -14.24 54.07 -23.69
N PRO B 273 -12.91 53.96 -23.72
CA PRO B 273 -12.12 54.25 -24.92
C PRO B 273 -12.45 53.27 -26.06
N ARG B 274 -13.11 53.77 -27.10
CA ARG B 274 -13.58 52.93 -28.20
C ARG B 274 -12.45 52.36 -29.02
N GLN B 275 -12.57 51.09 -29.37
CA GLN B 275 -11.59 50.39 -30.15
C GLN B 275 -12.15 50.00 -31.53
N GLN B 276 -11.28 49.48 -32.38
CA GLN B 276 -11.69 48.91 -33.66
C GLN B 276 -12.60 47.72 -33.47
N ALA B 277 -13.75 47.76 -34.15
CA ALA B 277 -14.74 46.67 -34.13
C ALA B 277 -14.44 45.62 -35.20
N SER B 278 -14.29 44.37 -34.77
CA SER B 278 -14.00 43.29 -35.70
C SER B 278 -15.25 42.47 -36.00
N GLY B 279 -16.31 42.71 -35.23
CA GLY B 279 -17.53 41.94 -35.35
C GLY B 279 -17.55 40.75 -34.39
N TYR B 280 -16.47 40.57 -33.65
CA TYR B 280 -16.38 39.48 -32.68
C TYR B 280 -15.66 39.94 -31.40
N PHE B 281 -15.85 39.22 -30.30
CA PHE B 281 -15.06 39.49 -29.12
C PHE B 281 -13.60 39.19 -29.42
N ARG B 282 -12.72 40.09 -29.03
CA ARG B 282 -11.29 39.90 -29.27
C ARG B 282 -10.52 40.52 -28.11
N THR B 283 -9.22 40.30 -28.09
CA THR B 283 -8.34 40.87 -27.07
C THR B 283 -7.64 42.12 -27.56
N GLU B 284 -7.19 42.95 -26.64
CA GLU B 284 -6.47 44.16 -26.99
C GLU B 284 -5.81 44.75 -25.76
N LYS B 285 -4.61 45.27 -25.92
CA LYS B 285 -3.98 45.97 -24.82
C LYS B 285 -4.42 47.43 -24.91
N ILE B 286 -5.09 47.92 -23.87
CA ILE B 286 -5.58 49.29 -23.87
C ILE B 286 -5.02 50.07 -22.68
N ALA B 287 -4.39 51.19 -22.98
CA ALA B 287 -3.80 52.08 -21.97
C ALA B 287 -2.93 51.33 -20.97
N GLY B 288 -2.12 50.41 -21.46
CA GLY B 288 -1.23 49.65 -20.60
C GLY B 288 -1.77 48.34 -20.03
N LYS B 289 -3.08 48.18 -19.99
CA LYS B 289 -3.74 46.98 -19.43
C LYS B 289 -4.23 46.03 -20.52
N TRP B 290 -4.36 44.75 -20.21
CA TRP B 290 -5.03 43.85 -21.14
C TRP B 290 -6.54 44.07 -21.06
N SER B 291 -7.23 43.82 -22.16
CA SER B 291 -8.67 44.00 -22.18
C SER B 291 -9.32 43.06 -23.21
N LEU B 292 -10.60 42.80 -23.02
CA LEU B 292 -11.43 42.30 -24.10
C LEU B 292 -12.10 43.51 -24.78
N VAL B 293 -12.57 43.26 -26.00
CA VAL B 293 -13.22 44.23 -26.85
C VAL B 293 -14.45 43.53 -27.43
N ASP B 294 -15.62 44.16 -27.38
CA ASP B 294 -16.82 43.48 -27.81
C ASP B 294 -16.95 43.62 -29.36
N PRO B 295 -17.96 42.98 -29.96
CA PRO B 295 -17.97 43.01 -31.42
C PRO B 295 -18.06 44.39 -32.05
N GLU B 296 -18.52 45.38 -31.30
CA GLU B 296 -18.72 46.72 -31.80
C GLU B 296 -17.56 47.64 -31.42
N GLY B 297 -16.50 47.08 -30.87
CA GLY B 297 -15.34 47.85 -30.52
C GLY B 297 -15.32 48.44 -29.11
N TYR B 298 -16.34 48.17 -28.30
CA TYR B 298 -16.34 48.66 -26.93
C TYR B 298 -15.48 47.79 -26.02
N PRO B 299 -14.68 48.45 -25.16
CA PRO B 299 -13.88 47.71 -24.20
C PRO B 299 -14.79 46.87 -23.30
N TYR B 300 -14.35 45.67 -22.96
CA TYR B 300 -15.22 44.67 -22.36
C TYR B 300 -14.48 43.96 -21.23
N PHE B 301 -15.21 43.66 -20.17
CA PHE B 301 -14.67 42.92 -19.02
C PHE B 301 -15.73 41.89 -18.62
N ALA B 302 -15.34 40.62 -18.56
CA ALA B 302 -16.31 39.54 -18.45
C ALA B 302 -16.59 39.15 -17.00
N THR B 303 -17.80 39.42 -16.52
CA THR B 303 -18.27 38.91 -15.24
C THR B 303 -19.51 38.06 -15.48
N GLY B 304 -19.64 36.96 -14.73
CA GLY B 304 -20.76 36.06 -14.88
C GLY B 304 -20.65 34.82 -14.02
N LEU B 305 -21.61 33.91 -14.20
CA LEU B 305 -21.72 32.70 -13.38
C LEU B 305 -21.53 31.45 -14.20
N ASP B 306 -20.91 30.44 -13.60
CA ASP B 306 -20.78 29.12 -14.22
C ASP B 306 -21.97 28.23 -13.92
N ILE B 307 -22.10 27.16 -14.71
CA ILE B 307 -23.12 26.11 -14.61
C ILE B 307 -24.52 26.72 -14.73
N ILE B 308 -24.84 27.19 -15.93
CA ILE B 308 -26.15 27.73 -16.14
C ILE B 308 -27.00 26.70 -16.89
N ARG B 309 -27.51 25.74 -16.11
CA ARG B 309 -28.14 24.51 -16.62
C ARG B 309 -28.61 23.69 -15.42
N LEU B 310 -29.36 22.63 -15.70
CA LEU B 310 -29.94 21.83 -14.61
C LEU B 310 -29.15 20.61 -14.20
N ALA B 311 -28.19 20.22 -15.04
CA ALA B 311 -27.56 18.90 -15.00
C ALA B 311 -26.90 18.55 -13.65
N ASN B 312 -26.43 19.56 -12.95
CA ASN B 312 -25.73 19.29 -11.70
C ASN B 312 -26.57 19.58 -10.46
N THR B 313 -27.89 19.62 -10.63
CA THR B 313 -28.79 19.91 -9.50
C THR B 313 -29.38 18.65 -8.86
N SER B 314 -29.13 17.48 -9.43
CA SER B 314 -29.79 16.28 -8.94
C SER B 314 -29.05 15.69 -7.75
N THR B 315 -29.76 14.90 -6.95
CA THR B 315 -29.17 14.27 -5.78
C THR B 315 -29.66 12.83 -5.66
N ILE B 316 -28.84 11.95 -5.09
CA ILE B 316 -29.18 10.53 -4.96
C ILE B 316 -30.32 10.31 -3.95
N THR B 317 -31.40 9.69 -4.39
CA THR B 317 -32.54 9.44 -3.49
C THR B 317 -32.35 8.22 -2.61
N GLY B 318 -31.46 7.32 -3.00
CA GLY B 318 -31.26 6.09 -2.26
C GLY B 318 -32.08 4.93 -2.80
N ILE B 319 -33.07 5.24 -3.63
CA ILE B 319 -33.89 4.20 -4.27
C ILE B 319 -33.14 3.56 -5.43
N ASP B 320 -33.19 2.22 -5.50
CA ASP B 320 -32.52 1.44 -6.54
C ASP B 320 -31.03 1.74 -6.64
N ALA B 356 -27.08 2.24 3.75
CA ALA B 356 -26.72 3.43 2.99
C ALA B 356 -27.93 3.92 2.20
N SER B 357 -28.45 3.05 1.34
CA SER B 357 -29.65 3.34 0.58
C SER B 357 -30.80 3.68 1.51
N GLU B 358 -30.92 2.93 2.60
CA GLU B 358 -32.03 3.17 3.52
C GLU B 358 -31.90 4.51 4.26
N VAL B 359 -30.69 4.83 4.72
CA VAL B 359 -30.49 6.04 5.51
C VAL B 359 -30.50 7.29 4.62
N ARG B 360 -30.11 7.13 3.36
CA ARG B 360 -30.23 8.23 2.40
C ARG B 360 -31.71 8.53 2.20
N ARG B 361 -32.46 7.52 1.75
CA ARG B 361 -33.88 7.67 1.49
C ARG B 361 -34.62 8.30 2.67
N ALA B 362 -34.17 7.99 3.89
CA ALA B 362 -34.84 8.51 5.09
C ALA B 362 -34.56 9.99 5.36
N MET B 363 -33.58 10.57 4.68
CA MET B 363 -33.28 12.00 4.85
C MET B 363 -34.39 12.89 4.29
N TYR B 364 -35.08 12.40 3.26
CA TYR B 364 -36.12 13.18 2.59
C TYR B 364 -37.50 13.03 3.22
N GLN B 365 -38.09 14.15 3.63
CA GLN B 365 -39.48 14.16 4.11
C GLN B 365 -40.50 13.93 2.99
N TRP B 366 -40.14 14.31 1.77
CA TRP B 366 -41.05 14.17 0.64
C TRP B 366 -40.33 13.81 -0.65
N LEU B 367 -40.82 12.78 -1.32
CA LEU B 367 -40.51 12.57 -2.74
C LEU B 367 -41.82 12.22 -3.48
N PRO B 368 -41.92 12.59 -4.76
CA PRO B 368 -43.19 12.36 -5.46
C PRO B 368 -43.46 10.88 -5.82
N ASP B 369 -44.74 10.50 -5.80
CA ASP B 369 -45.19 9.26 -6.43
C ASP B 369 -44.77 9.28 -7.87
N TYR B 370 -44.51 8.10 -8.46
CA TYR B 370 -44.06 8.07 -9.84
C TYR B 370 -45.11 8.57 -10.84
N ASN B 371 -46.35 8.77 -10.41
CA ASN B 371 -47.35 9.30 -11.34
C ASN B 371 -47.71 10.75 -11.02
N ASP B 372 -47.06 11.28 -10.00
CA ASP B 372 -47.10 12.71 -9.69
C ASP B 372 -46.49 13.50 -10.86
N PRO B 373 -47.08 14.65 -11.21
CA PRO B 373 -46.42 15.47 -12.23
C PRO B 373 -44.95 15.82 -11.88
N LEU B 374 -44.69 16.08 -10.61
CA LEU B 374 -43.34 16.48 -10.17
C LEU B 374 -42.33 15.32 -10.28
N ALA B 375 -42.82 14.13 -10.62
CA ALA B 375 -41.96 12.96 -10.80
C ALA B 375 -41.20 13.05 -12.13
N GLU B 376 -41.55 14.05 -12.91
CA GLU B 376 -40.80 14.40 -14.11
C GLU B 376 -39.31 14.59 -13.80
N HIS B 377 -39.01 14.98 -12.57
CA HIS B 377 -37.66 15.42 -12.21
C HIS B 377 -36.81 14.34 -11.57
N TYR B 378 -37.27 13.10 -11.67
CA TYR B 378 -36.46 11.95 -11.34
C TYR B 378 -35.47 11.71 -12.47
N GLY B 379 -34.27 11.25 -12.13
CA GLY B 379 -33.30 10.82 -13.12
C GLY B 379 -32.65 9.56 -12.60
N TYR B 380 -31.53 9.18 -13.21
CA TYR B 380 -30.79 8.00 -12.80
C TYR B 380 -29.33 8.23 -13.16
N MET B 381 -28.42 8.03 -12.22
CA MET B 381 -27.01 8.17 -12.55
C MET B 381 -26.31 6.82 -12.40
N ARG B 382 -25.27 6.61 -13.21
CA ARG B 382 -24.56 5.34 -13.23
C ARG B 382 -23.05 5.54 -13.31
N GLN B 391 -24.54 3.63 -8.47
CA GLN B 391 -25.66 3.94 -9.35
C GLN B 391 -27.00 4.04 -8.62
N GLY B 392 -27.92 4.82 -9.18
CA GLY B 392 -29.22 4.93 -8.56
C GLY B 392 -30.12 6.04 -9.08
N GLU B 393 -31.33 6.05 -8.55
CA GLU B 393 -32.30 7.08 -8.84
C GLU B 393 -31.82 8.44 -8.29
N THR B 394 -32.04 9.49 -9.07
CA THR B 394 -31.72 10.85 -8.64
C THR B 394 -32.98 11.69 -8.61
N TYR B 395 -32.96 12.80 -7.89
CA TYR B 395 -34.04 13.77 -7.99
C TYR B 395 -33.47 15.19 -8.08
N SER B 396 -34.13 16.05 -8.84
CA SER B 396 -33.78 17.47 -8.84
C SER B 396 -34.89 18.30 -8.21
N PHE B 397 -34.69 18.65 -6.94
CA PHE B 397 -35.56 19.58 -6.25
C PHE B 397 -35.53 20.97 -6.89
N TYR B 398 -34.40 21.35 -7.48
CA TYR B 398 -34.33 22.64 -8.17
C TYR B 398 -35.34 22.66 -9.30
N ALA B 399 -35.31 21.62 -10.15
CA ALA B 399 -36.23 21.49 -11.28
C ALA B 399 -37.69 21.47 -10.83
N ALA B 400 -37.97 20.79 -9.72
CA ALA B 400 -39.32 20.72 -9.19
C ALA B 400 -39.79 22.10 -8.76
N ASN B 401 -38.90 22.84 -8.13
CA ASN B 401 -39.23 24.18 -7.68
C ASN B 401 -39.44 25.16 -8.86
N LEU B 402 -38.72 24.95 -9.96
CA LEU B 402 -39.00 25.70 -11.19
C LEU B 402 -40.41 25.40 -11.72
N GLN B 403 -40.82 24.14 -11.67
CA GLN B 403 -42.17 23.79 -12.08
C GLN B 403 -43.21 24.41 -11.13
N ARG B 404 -42.94 24.36 -9.83
CA ARG B 404 -43.80 25.00 -8.83
C ARG B 404 -43.97 26.50 -9.10
N LYS B 405 -42.86 27.19 -9.31
CA LYS B 405 -42.84 28.64 -9.53
C LYS B 405 -43.49 29.09 -10.84
N TYR B 406 -43.20 28.38 -11.93
CA TYR B 406 -43.49 28.87 -13.26
C TYR B 406 -44.37 27.94 -14.09
N GLY B 407 -44.63 26.74 -13.58
CA GLY B 407 -45.25 25.69 -14.37
C GLY B 407 -46.74 25.43 -14.20
N ALA B 408 -47.44 26.31 -13.50
CA ALA B 408 -48.88 26.18 -13.32
C ALA B 408 -49.66 26.16 -14.65
N ASP B 409 -50.61 25.23 -14.74
CA ASP B 409 -51.48 25.12 -15.91
C ASP B 409 -50.72 24.79 -17.19
N GLY B 410 -49.74 23.91 -17.06
CA GLY B 410 -49.01 23.41 -18.21
C GLY B 410 -48.03 24.41 -18.81
N ALA B 411 -47.82 25.54 -18.13
CA ALA B 411 -46.90 26.57 -18.62
C ALA B 411 -45.48 26.03 -18.79
N ASP B 412 -44.77 26.56 -19.78
CA ASP B 412 -43.40 26.14 -20.06
C ASP B 412 -42.44 26.76 -19.04
N TYR B 413 -42.21 26.06 -17.94
CA TYR B 413 -41.45 26.62 -16.82
C TYR B 413 -39.95 26.72 -17.16
N MET B 414 -39.47 25.87 -18.06
CA MET B 414 -38.07 25.89 -18.48
C MET B 414 -37.75 27.14 -19.32
N ALA B 415 -38.64 27.49 -20.25
CA ALA B 415 -38.51 28.73 -20.99
C ALA B 415 -38.60 29.94 -20.08
N LYS B 416 -39.52 29.91 -19.12
CA LYS B 416 -39.62 31.00 -18.17
C LYS B 416 -38.31 31.13 -17.37
N TRP B 417 -37.75 29.99 -16.95
CA TRP B 417 -36.49 30.01 -16.22
C TRP B 417 -35.37 30.62 -17.05
N ARG B 418 -35.32 30.28 -18.33
CA ARG B 418 -34.28 30.82 -19.19
C ARG B 418 -34.42 32.32 -19.33
N ASP B 419 -35.64 32.82 -19.53
CA ASP B 419 -35.84 34.27 -19.66
C ASP B 419 -35.51 34.98 -18.36
N VAL B 420 -35.99 34.43 -17.25
CA VAL B 420 -35.74 35.05 -15.97
C VAL B 420 -34.26 35.02 -15.65
N THR B 421 -33.56 33.96 -16.04
CA THR B 421 -32.13 33.85 -15.75
C THR B 421 -31.35 34.96 -16.46
N VAL B 422 -31.68 35.21 -17.72
CA VAL B 422 -31.05 36.30 -18.47
C VAL B 422 -31.45 37.66 -17.87
N ASP B 423 -32.72 37.84 -17.52
CA ASP B 423 -33.17 39.06 -16.84
C ASP B 423 -32.35 39.35 -15.58
N ARG B 424 -32.13 38.31 -14.78
CA ARG B 424 -31.29 38.41 -13.58
C ARG B 424 -29.87 38.88 -13.90
N MET B 425 -29.19 38.17 -14.82
CA MET B 425 -27.80 38.49 -15.11
C MET B 425 -27.64 39.94 -15.56
N LEU B 426 -28.52 40.38 -16.45
CA LEU B 426 -28.50 41.76 -16.90
C LEU B 426 -28.87 42.78 -15.79
N ASN B 427 -29.86 42.45 -14.95
CA ASN B 427 -30.25 43.36 -13.88
C ASN B 427 -29.14 43.39 -12.81
N TRP B 428 -28.45 42.26 -12.62
CA TRP B 428 -27.37 42.22 -11.63
C TRP B 428 -26.10 42.84 -12.19
N GLY B 429 -26.12 43.12 -13.49
CA GLY B 429 -25.02 43.81 -14.15
C GLY B 429 -23.90 42.92 -14.68
N PHE B 430 -24.11 41.60 -14.64
CA PHE B 430 -23.16 40.67 -15.22
C PHE B 430 -23.07 40.88 -16.72
N THR B 431 -21.90 40.69 -17.29
CA THR B 431 -21.71 41.00 -18.71
C THR B 431 -21.63 39.73 -19.54
N CYS B 432 -21.86 38.58 -18.91
CA CYS B 432 -21.89 37.30 -19.63
C CYS B 432 -22.56 36.20 -18.84
N LEU B 433 -22.88 35.12 -19.55
CA LEU B 433 -23.10 33.80 -19.01
C LEU B 433 -21.76 33.06 -19.05
N GLY B 434 -21.40 32.38 -17.96
CA GLY B 434 -20.10 31.73 -17.85
C GLY B 434 -19.96 30.35 -18.46
N ASN B 435 -18.99 29.59 -17.98
CA ASN B 435 -18.75 28.28 -18.57
C ASN B 435 -19.87 27.31 -18.22
N TRP B 436 -20.04 26.30 -19.07
CA TRP B 436 -21.09 25.29 -18.93
C TRP B 436 -22.45 25.93 -18.85
N THR B 437 -22.69 26.86 -19.77
CA THR B 437 -24.01 27.42 -20.02
C THR B 437 -24.74 26.45 -20.95
N ALA B 438 -25.99 26.12 -20.66
CA ALA B 438 -26.77 25.24 -21.55
C ALA B 438 -26.85 25.81 -22.98
N PRO B 439 -26.70 24.95 -23.99
CA PRO B 439 -26.73 25.39 -25.39
C PRO B 439 -28.03 26.11 -25.75
N GLU B 440 -29.09 25.83 -25.01
CA GLU B 440 -30.36 26.51 -25.22
C GLU B 440 -30.25 28.02 -25.11
N PHE B 441 -29.27 28.51 -24.34
CA PHE B 441 -29.08 29.94 -24.17
C PHE B 441 -28.32 30.60 -25.31
N TYR B 442 -27.74 29.80 -26.20
CA TYR B 442 -26.71 30.31 -27.12
C TYR B 442 -27.24 31.28 -28.18
N ASP B 443 -28.56 31.29 -28.43
CA ASP B 443 -29.15 32.24 -29.37
C ASP B 443 -29.98 33.32 -28.67
N ASN B 444 -29.68 33.57 -27.40
CA ASN B 444 -30.52 34.46 -26.60
C ASN B 444 -30.51 35.90 -27.10
N GLN B 445 -29.40 36.32 -27.69
CA GLN B 445 -29.18 37.68 -28.24
C GLN B 445 -29.44 38.87 -27.30
N ARG B 446 -29.22 38.67 -26.01
CA ARG B 446 -29.38 39.72 -25.02
C ARG B 446 -28.13 39.81 -24.14
N ILE B 447 -27.42 38.70 -24.00
CA ILE B 447 -26.22 38.65 -23.19
C ILE B 447 -25.18 37.68 -23.79
N PRO B 448 -23.90 38.11 -23.86
CA PRO B 448 -22.81 37.25 -24.32
C PRO B 448 -22.68 35.98 -23.48
N PHE B 449 -21.99 34.97 -24.00
CA PHE B 449 -21.84 33.73 -23.28
C PHE B 449 -20.51 33.10 -23.66
N PHE B 450 -20.03 32.20 -22.81
CA PHE B 450 -18.82 31.44 -23.07
C PHE B 450 -19.19 30.03 -23.46
N ALA B 451 -18.51 29.47 -24.45
CA ALA B 451 -18.76 28.10 -24.88
C ALA B 451 -17.66 27.16 -24.42
N ASN B 452 -17.94 25.87 -24.46
CA ASN B 452 -16.98 24.88 -24.00
C ASN B 452 -17.07 23.58 -24.77
N GLY B 453 -15.96 22.86 -24.85
CA GLY B 453 -15.97 21.50 -25.34
C GLY B 453 -14.96 20.63 -24.61
N TRP B 454 -15.25 19.35 -24.55
CA TRP B 454 -14.33 18.33 -24.05
C TRP B 454 -13.72 17.54 -25.21
N ILE B 455 -12.41 17.33 -25.19
CA ILE B 455 -11.79 16.44 -26.16
C ILE B 455 -11.63 15.06 -25.53
N ILE B 456 -12.50 14.15 -25.92
CA ILE B 456 -12.54 12.80 -25.40
C ILE B 456 -12.44 11.78 -26.52
N GLY B 457 -12.40 10.50 -26.16
CA GLY B 457 -12.40 9.44 -27.15
C GLY B 457 -11.11 8.64 -27.16
N GLU B 458 -10.94 7.88 -28.23
CA GLU B 458 -9.83 6.96 -28.34
C GLU B 458 -8.60 7.64 -28.91
N PHE B 459 -7.60 7.81 -28.06
CA PHE B 459 -6.30 8.27 -28.49
C PHE B 459 -5.35 7.92 -27.37
N ASP B 460 -4.06 7.82 -27.70
CA ASP B 460 -3.02 7.55 -26.71
C ASP B 460 -3.07 8.56 -25.57
N GLN B 461 -2.36 8.25 -24.49
CA GLN B 461 -2.34 9.12 -23.32
C GLN B 461 -0.95 9.14 -22.69
N VAL B 462 -0.64 10.23 -22.00
CA VAL B 462 0.56 10.31 -21.19
C VAL B 462 0.15 10.53 -19.74
N SER B 463 1.03 10.21 -18.79
CA SER B 463 0.67 10.30 -17.39
C SER B 463 1.86 10.47 -16.47
N SER B 464 1.72 10.15 -15.19
CA SER B 464 2.79 10.49 -14.24
C SER B 464 3.34 9.45 -13.23
N GLY B 465 2.64 8.37 -12.86
CA GLY B 465 1.24 8.08 -13.14
C GLY B 465 0.99 6.84 -13.97
N ASP B 466 1.16 5.64 -13.43
CA ASP B 466 0.80 4.46 -14.23
C ASP B 466 -0.61 3.98 -13.89
N ASP B 467 -1.20 4.55 -12.84
CA ASP B 467 -2.64 4.58 -12.76
C ASP B 467 -3.05 5.69 -13.72
N PHE B 468 -3.81 5.34 -14.74
CA PHE B 468 -4.18 6.31 -15.77
C PHE B 468 -5.52 6.98 -15.49
N TRP B 469 -5.75 7.30 -14.21
CA TRP B 469 -6.98 7.97 -13.80
C TRP B 469 -7.01 9.38 -14.37
N ALA B 470 -5.96 10.14 -14.10
CA ALA B 470 -5.86 11.52 -14.57
C ALA B 470 -4.92 11.63 -15.77
N ALA B 471 -5.07 10.73 -16.73
CA ALA B 471 -4.21 10.74 -17.90
C ALA B 471 -4.53 11.93 -18.83
N LEU B 472 -3.48 12.50 -19.39
CA LEU B 472 -3.60 13.57 -20.38
C LEU B 472 -3.45 12.98 -21.78
N PRO B 473 -4.02 13.67 -22.79
CA PRO B 473 -3.89 13.19 -24.18
C PRO B 473 -2.45 13.18 -24.65
N ASP B 474 -2.15 12.27 -25.57
CA ASP B 474 -0.90 12.30 -26.30
C ASP B 474 -1.15 13.08 -27.59
N PRO B 475 -0.70 14.34 -27.64
CA PRO B 475 -1.01 15.24 -28.74
C PRO B 475 -0.37 14.82 -30.08
N PHE B 476 0.58 13.90 -30.04
CA PHE B 476 1.28 13.47 -31.25
C PHE B 476 0.64 12.24 -31.90
N ASP B 477 -0.24 11.58 -31.16
CA ASP B 477 -1.13 10.61 -31.77
C ASP B 477 -2.11 11.38 -32.63
N PRO B 478 -2.06 11.16 -33.96
CA PRO B 478 -2.93 11.85 -34.92
C PRO B 478 -4.40 11.60 -34.63
N ARG B 479 -4.69 10.69 -33.71
CA ARG B 479 -6.08 10.46 -33.35
C ARG B 479 -6.56 11.61 -32.47
N PHE B 480 -5.63 12.23 -31.74
CA PHE B 480 -5.96 13.36 -30.87
C PHE B 480 -6.48 14.52 -31.70
N ARG B 481 -5.65 15.03 -32.60
CA ARG B 481 -6.03 16.13 -33.47
C ARG B 481 -7.41 15.88 -34.07
N GLN B 482 -7.64 14.65 -34.47
CA GLN B 482 -8.92 14.29 -35.04
C GLN B 482 -10.06 14.33 -34.01
N ARG B 483 -9.79 13.92 -32.77
CA ARG B 483 -10.81 14.04 -31.73
C ARG B 483 -11.07 15.50 -31.39
N ALA B 484 -10.00 16.30 -31.37
CA ALA B 484 -10.10 17.75 -31.18
C ALA B 484 -10.96 18.39 -32.25
N ALA B 485 -10.79 17.94 -33.51
CA ALA B 485 -11.60 18.44 -34.61
C ALA B 485 -13.08 18.11 -34.43
N ALA B 486 -13.38 16.91 -33.91
CA ALA B 486 -14.76 16.55 -33.64
C ALA B 486 -15.38 17.42 -32.53
N THR B 487 -14.57 17.80 -31.55
CA THR B 487 -15.04 18.66 -30.47
C THR B 487 -15.36 20.05 -30.99
N VAL B 488 -14.49 20.56 -31.85
CA VAL B 488 -14.70 21.88 -32.45
C VAL B 488 -15.97 21.91 -33.29
N SER B 489 -16.17 20.85 -34.06
CA SER B 489 -17.38 20.71 -34.88
C SER B 489 -18.64 20.76 -34.04
N GLN B 490 -18.60 20.13 -32.88
CA GLN B 490 -19.77 20.15 -32.02
C GLN B 490 -19.99 21.54 -31.42
N VAL B 491 -18.90 22.22 -31.07
CA VAL B 491 -19.01 23.56 -30.51
C VAL B 491 -19.61 24.46 -31.60
N LYS B 492 -19.03 24.37 -32.79
CA LYS B 492 -19.46 25.19 -33.92
C LYS B 492 -20.93 25.01 -34.22
N ASN B 493 -21.41 23.78 -34.10
CA ASN B 493 -22.81 23.49 -34.35
C ASN B 493 -23.70 24.11 -33.29
N GLU B 494 -23.21 24.15 -32.07
CA GLU B 494 -23.98 24.74 -30.98
C GLU B 494 -24.03 26.27 -31.06
N ILE B 495 -22.96 26.91 -31.52
CA ILE B 495 -22.93 28.36 -31.46
C ILE B 495 -23.24 29.02 -32.80
N LYS B 496 -23.24 28.24 -33.87
CA LYS B 496 -23.57 28.73 -35.21
C LYS B 496 -22.93 30.09 -35.52
N ASP B 497 -21.64 30.18 -35.23
CA ASP B 497 -20.81 31.35 -35.54
C ASP B 497 -21.25 32.69 -34.93
N THR B 498 -22.07 32.67 -33.88
CA THR B 498 -22.60 33.91 -33.32
C THR B 498 -21.52 34.82 -32.67
N PRO B 499 -21.62 36.13 -32.93
CA PRO B 499 -20.76 37.07 -32.22
C PRO B 499 -21.05 37.12 -30.70
N TRP B 500 -22.21 36.63 -30.27
CA TRP B 500 -22.55 36.64 -28.84
C TRP B 500 -21.68 35.67 -28.02
N CYS B 501 -20.89 34.85 -28.69
CA CYS B 501 -19.97 33.94 -28.00
C CYS B 501 -18.64 34.63 -27.79
N VAL B 502 -18.32 34.92 -26.54
CA VAL B 502 -17.09 35.61 -26.20
C VAL B 502 -15.89 34.74 -26.58
N GLY B 503 -16.02 33.44 -26.35
CA GLY B 503 -14.91 32.55 -26.58
C GLY B 503 -15.18 31.15 -26.10
N ILE B 504 -14.19 30.30 -26.27
CA ILE B 504 -14.39 28.88 -26.14
C ILE B 504 -13.35 28.27 -25.23
N PHE B 505 -13.82 27.68 -24.13
CA PHE B 505 -12.96 26.89 -23.27
C PHE B 505 -12.85 25.50 -23.85
N ILE B 506 -11.66 24.94 -23.80
CA ILE B 506 -11.50 23.55 -24.23
C ILE B 506 -10.83 22.79 -23.10
N ASP B 507 -11.54 21.78 -22.58
CA ASP B 507 -11.07 20.94 -21.48
C ASP B 507 -11.01 21.74 -20.18
N ASN B 508 -10.58 21.09 -19.10
CA ASN B 508 -10.67 21.66 -17.77
C ASN B 508 -9.82 20.93 -16.71
N GLU B 509 -8.97 21.68 -16.02
CA GLU B 509 -8.17 21.21 -14.89
C GLU B 509 -7.47 19.86 -15.14
N LYS B 510 -6.62 19.84 -16.15
CA LYS B 510 -5.84 18.66 -16.42
C LYS B 510 -4.70 18.60 -15.41
N SER B 511 -4.16 17.41 -15.18
CA SER B 511 -3.07 17.25 -14.22
C SER B 511 -1.72 17.51 -14.87
N TRP B 512 -1.47 18.78 -15.20
CA TRP B 512 -0.25 19.19 -15.90
C TRP B 512 0.99 18.99 -15.04
N GLY B 513 0.81 18.75 -13.74
CA GLY B 513 1.94 18.58 -12.84
C GLY B 513 1.91 19.55 -11.67
N ARG B 514 1.88 19.03 -10.46
CA ARG B 514 1.74 19.88 -9.28
C ARG B 514 3.09 20.40 -8.80
N MET B 515 3.20 21.71 -8.64
CA MET B 515 4.42 22.30 -8.12
C MET B 515 4.61 21.99 -6.63
N GLY B 516 5.87 21.89 -6.21
CA GLY B 516 6.20 21.58 -4.83
C GLY B 516 7.26 20.52 -4.70
N SER B 517 7.27 19.58 -5.65
CA SER B 517 8.29 18.54 -5.70
C SER B 517 8.62 18.25 -7.15
N ILE B 518 9.80 17.68 -7.39
CA ILE B 518 10.24 17.32 -8.74
C ILE B 518 9.30 16.33 -9.41
N ASP B 519 8.89 15.30 -8.69
CA ASP B 519 8.13 14.25 -9.36
C ASP B 519 6.63 14.52 -9.45
N GLY B 520 6.15 15.53 -8.74
CA GLY B 520 4.81 16.03 -8.97
C GLY B 520 4.88 16.97 -10.16
N HIS B 521 5.78 17.93 -10.08
CA HIS B 521 5.98 18.94 -11.11
C HIS B 521 6.26 18.32 -12.49
N TYR B 522 7.28 17.48 -12.56
CA TYR B 522 7.74 16.94 -13.84
C TYR B 522 7.39 15.49 -14.02
N GLY B 523 6.36 15.03 -13.31
CA GLY B 523 5.96 13.64 -13.36
C GLY B 523 5.48 13.15 -14.71
N ILE B 524 4.99 14.05 -15.56
CA ILE B 524 4.52 13.64 -16.88
C ILE B 524 5.71 13.31 -17.75
N ALA B 525 6.78 14.08 -17.60
CA ALA B 525 8.00 13.84 -18.37
C ALA B 525 8.57 12.48 -18.00
N ILE B 526 8.44 12.12 -16.73
CA ILE B 526 9.14 10.97 -16.19
C ILE B 526 8.45 9.65 -16.49
N HIS B 527 7.17 9.53 -16.13
CA HIS B 527 6.41 8.33 -16.48
C HIS B 527 6.51 8.04 -17.97
N THR B 528 6.49 9.11 -18.76
CA THR B 528 6.60 9.02 -20.21
C THR B 528 7.87 8.29 -20.65
N LEU B 529 9.02 8.76 -20.13
CA LEU B 529 10.32 8.18 -20.43
C LEU B 529 10.37 6.67 -20.19
N GLY B 530 9.72 6.22 -19.14
CA GLY B 530 9.66 4.80 -18.83
C GLY B 530 8.90 4.00 -19.86
N ARG B 531 8.29 4.65 -20.83
CA ARG B 531 7.59 3.88 -21.85
C ARG B 531 8.52 3.76 -23.07
N SER B 532 8.17 2.84 -23.96
CA SER B 532 8.99 2.51 -25.12
C SER B 532 9.26 3.72 -26.00
N ALA B 533 8.25 4.03 -26.82
CA ALA B 533 8.23 5.02 -27.92
C ALA B 533 7.50 4.30 -29.02
N ASP B 534 7.80 3.01 -29.08
CA ASP B 534 7.26 2.08 -30.03
C ASP B 534 5.78 1.82 -29.77
N ALA B 535 5.25 2.43 -28.71
CA ALA B 535 3.82 2.35 -28.38
C ALA B 535 3.24 3.68 -27.91
N CYS B 536 4.10 4.68 -27.73
CA CYS B 536 3.64 6.02 -27.34
C CYS B 536 4.42 7.18 -27.94
N PRO B 537 3.78 7.92 -28.87
CA PRO B 537 4.34 9.02 -29.66
C PRO B 537 5.10 10.07 -28.88
N THR B 538 4.57 10.52 -27.75
CA THR B 538 5.21 11.62 -27.04
C THR B 538 6.59 11.16 -26.56
N LYS B 539 6.72 9.88 -26.20
CA LYS B 539 8.02 9.34 -25.85
C LYS B 539 8.90 9.31 -27.10
N ALA B 540 8.34 8.75 -28.17
CA ALA B 540 8.99 8.77 -29.47
C ALA B 540 9.37 10.19 -29.87
N VAL B 541 8.49 11.15 -29.58
CA VAL B 541 8.83 12.54 -29.86
C VAL B 541 9.92 13.00 -28.88
N PHE B 542 9.92 12.45 -27.68
CA PHE B 542 10.88 12.89 -26.66
C PHE B 542 12.32 12.49 -26.97
N VAL B 543 12.52 11.33 -27.59
CA VAL B 543 13.89 10.86 -27.81
C VAL B 543 14.59 11.76 -28.83
N GLU B 544 13.84 12.26 -29.80
CA GLU B 544 14.44 13.00 -30.91
C GLU B 544 14.71 14.49 -30.63
N LEU B 545 14.78 14.89 -29.35
CA LEU B 545 15.31 16.21 -29.02
C LEU B 545 16.56 16.09 -28.17
N LYS B 575 13.62 4.09 -17.07
CA LYS B 575 13.09 4.17 -15.71
C LYS B 575 14.20 4.36 -14.68
N GLY B 576 13.82 4.63 -13.44
CA GLY B 576 14.74 4.76 -12.33
C GLY B 576 15.81 5.82 -12.49
N LEU B 577 15.65 6.95 -11.80
CA LEU B 577 16.54 8.09 -12.02
C LEU B 577 16.68 9.02 -10.79
N THR B 578 17.78 9.76 -10.76
CA THR B 578 18.27 10.48 -9.56
C THR B 578 17.76 11.92 -9.51
N HIS B 579 17.00 12.30 -10.54
CA HIS B 579 16.32 13.61 -10.61
C HIS B 579 17.17 14.78 -10.08
N ASN B 580 18.25 15.07 -10.80
CA ASN B 580 19.22 16.08 -10.38
C ASN B 580 19.19 17.35 -11.21
N SER B 581 19.82 18.39 -10.68
CA SER B 581 19.85 19.73 -11.27
C SER B 581 19.97 19.79 -12.80
N ALA B 582 20.83 18.94 -13.36
CA ALA B 582 21.20 19.01 -14.77
C ALA B 582 20.12 18.54 -15.74
N GLN B 583 19.59 17.35 -15.42
CA GLN B 583 18.56 16.54 -16.12
C GLN B 583 17.11 16.91 -15.77
N VAL B 584 16.95 17.84 -14.85
CA VAL B 584 15.63 18.40 -14.56
C VAL B 584 15.39 19.47 -15.60
N GLU B 585 16.47 20.11 -16.02
CA GLU B 585 16.45 21.08 -17.10
C GLU B 585 15.82 20.49 -18.35
N ASP B 586 15.95 19.18 -18.49
CA ASP B 586 15.45 18.46 -19.65
C ASP B 586 14.01 18.02 -19.47
N TYR B 587 13.58 17.88 -18.23
CA TYR B 587 12.18 17.63 -17.94
C TYR B 587 11.37 18.86 -18.30
N ALA B 588 11.89 20.00 -17.87
CA ALA B 588 11.26 21.28 -18.14
C ALA B 588 11.13 21.47 -19.65
N LEU B 589 12.16 21.07 -20.37
CA LEU B 589 12.19 21.19 -21.81
C LEU B 589 11.19 20.24 -22.45
N LEU B 590 11.19 19.00 -21.98
CA LEU B 590 10.29 17.98 -22.51
C LEU B 590 8.83 18.24 -22.10
N LEU B 591 8.61 18.64 -20.86
CA LEU B 591 7.26 18.95 -20.39
C LEU B 591 6.64 20.05 -21.23
N GLU B 592 7.33 21.19 -21.29
CA GLU B 592 6.88 22.33 -22.08
C GLU B 592 6.66 21.98 -23.53
N ALA B 593 7.54 21.15 -24.08
CA ALA B 593 7.44 20.74 -25.47
C ALA B 593 6.18 19.93 -25.72
N PHE B 594 5.89 19.01 -24.80
CA PHE B 594 4.68 18.21 -24.89
C PHE B 594 3.40 19.05 -24.75
N ALA B 595 3.37 19.96 -23.79
CA ALA B 595 2.18 20.79 -23.58
C ALA B 595 2.00 21.75 -24.76
N SER B 596 3.11 22.23 -25.30
CA SER B 596 3.08 23.15 -26.45
C SER B 596 2.35 22.56 -27.64
N GLU B 597 2.50 21.27 -27.85
CA GLU B 597 1.86 20.63 -28.99
C GLU B 597 0.38 20.39 -28.73
N TYR B 598 0.01 20.20 -27.47
CA TYR B 598 -1.40 20.12 -27.12
C TYR B 598 -2.09 21.41 -27.51
N PHE B 599 -1.52 22.52 -27.08
CA PHE B 599 -2.15 23.81 -27.33
C PHE B 599 -2.11 24.14 -28.83
N ARG B 600 -1.02 23.82 -29.49
CA ARG B 600 -0.91 24.06 -30.93
C ARG B 600 -2.03 23.34 -31.70
N VAL B 601 -2.20 22.06 -31.43
CA VAL B 601 -3.20 21.28 -32.16
C VAL B 601 -4.63 21.78 -31.89
N VAL B 602 -4.93 22.09 -30.63
CA VAL B 602 -6.26 22.58 -30.28
C VAL B 602 -6.51 23.95 -30.93
N LYS B 603 -5.54 24.85 -30.84
CA LYS B 603 -5.67 26.14 -31.50
C LYS B 603 -5.97 25.96 -32.99
N GLN B 604 -5.20 25.11 -33.67
CA GLN B 604 -5.32 24.92 -35.11
C GLN B 604 -6.69 24.40 -35.50
N GLU B 605 -7.15 23.37 -34.82
CA GLU B 605 -8.44 22.79 -35.13
C GLU B 605 -9.57 23.75 -34.80
N LEU B 606 -9.38 24.59 -33.79
CA LEU B 606 -10.37 25.59 -33.46
C LEU B 606 -10.44 26.64 -34.57
N LYS B 607 -9.28 27.20 -34.94
CA LYS B 607 -9.22 28.25 -35.95
C LYS B 607 -9.63 27.79 -37.36
N LYS B 608 -9.44 26.51 -37.67
CA LYS B 608 -9.87 25.96 -38.95
C LYS B 608 -11.38 26.07 -39.15
N GLN B 609 -12.15 25.92 -38.08
CA GLN B 609 -13.60 25.92 -38.20
C GLN B 609 -14.26 27.15 -37.58
N LEU B 610 -13.55 27.80 -36.67
CA LEU B 610 -14.04 29.02 -36.03
C LEU B 610 -12.90 30.03 -35.96
N PRO B 611 -12.51 30.58 -37.11
CA PRO B 611 -11.35 31.47 -37.18
C PRO B 611 -11.57 32.78 -36.42
N ASN B 612 -12.82 33.11 -36.13
CA ASN B 612 -13.16 34.41 -35.55
C ASN B 612 -13.37 34.41 -34.04
N HIS B 613 -13.31 33.24 -33.41
CA HIS B 613 -13.65 33.15 -31.98
C HIS B 613 -12.44 32.83 -31.13
N LEU B 614 -12.40 33.45 -29.96
CA LEU B 614 -11.28 33.31 -29.05
C LEU B 614 -11.15 31.92 -28.42
N TYR B 615 -9.92 31.42 -28.45
CA TYR B 615 -9.53 30.20 -27.77
C TYR B 615 -9.08 30.52 -26.34
N LEU B 616 -9.85 30.06 -25.35
CA LEU B 616 -9.66 30.50 -23.97
C LEU B 616 -8.85 29.54 -23.08
N GLY B 617 -8.08 28.64 -23.68
CA GLY B 617 -7.26 27.75 -22.89
C GLY B 617 -8.01 26.62 -22.20
N CYS B 618 -7.39 26.06 -21.16
CA CYS B 618 -7.86 24.81 -20.60
C CYS B 618 -8.11 24.83 -19.09
N ARG B 619 -8.17 26.04 -18.52
CA ARG B 619 -8.60 26.25 -17.14
C ARG B 619 -7.68 25.55 -16.13
N PHE B 620 -6.52 26.17 -15.89
CA PHE B 620 -5.51 25.66 -14.98
C PHE B 620 -5.99 25.62 -13.54
N ALA B 621 -5.95 24.43 -12.95
CA ALA B 621 -6.09 24.30 -11.50
C ALA B 621 -4.77 24.64 -10.83
N ASP B 622 -4.79 25.10 -9.57
CA ASP B 622 -3.55 25.53 -8.95
C ASP B 622 -2.64 24.32 -8.67
N TRP B 623 -3.22 23.13 -8.65
CA TRP B 623 -2.44 21.91 -8.47
C TRP B 623 -2.05 21.30 -9.81
N GLY B 624 -2.45 21.95 -10.90
CA GLY B 624 -2.21 21.44 -12.23
C GLY B 624 -1.82 22.57 -13.17
N MET B 625 -0.74 23.24 -12.81
CA MET B 625 -0.16 24.27 -13.63
C MET B 625 1.27 24.45 -13.16
N ASN B 626 2.12 24.96 -14.02
CA ASN B 626 3.53 25.16 -13.71
C ASN B 626 4.10 26.05 -14.81
N PRO B 627 5.30 26.64 -14.62
CA PRO B 627 5.77 27.61 -15.62
C PRO B 627 5.91 27.04 -17.02
N GLU B 628 6.12 25.74 -17.14
CA GLU B 628 6.30 25.14 -18.45
C GLU B 628 4.99 25.12 -19.21
N VAL B 629 3.92 24.65 -18.58
CA VAL B 629 2.67 24.50 -19.31
C VAL B 629 1.96 25.85 -19.47
N VAL B 630 2.29 26.81 -18.62
CA VAL B 630 1.76 28.17 -18.75
C VAL B 630 2.41 28.84 -19.97
N ARG B 631 3.72 28.65 -20.12
CA ARG B 631 4.44 29.08 -21.31
C ARG B 631 3.85 28.47 -22.58
N ALA B 632 3.59 27.17 -22.53
CA ALA B 632 3.05 26.44 -23.67
C ALA B 632 1.70 27.02 -24.11
N ALA B 633 0.81 27.20 -23.14
CA ALA B 633 -0.47 27.85 -23.38
C ALA B 633 -0.27 29.19 -24.05
N ALA B 634 0.66 29.97 -23.52
CA ALA B 634 0.89 31.33 -23.95
C ALA B 634 1.30 31.45 -25.42
N LYS B 635 1.82 30.37 -25.99
CA LYS B 635 2.18 30.37 -27.39
C LYS B 635 0.95 30.34 -28.31
N HIS B 636 -0.15 29.76 -27.83
CA HIS B 636 -1.25 29.45 -28.76
C HIS B 636 -2.69 29.85 -28.34
N VAL B 637 -2.96 30.05 -27.05
CA VAL B 637 -4.30 30.48 -26.68
C VAL B 637 -4.43 31.99 -26.91
N ASP B 638 -5.67 32.47 -26.96
CA ASP B 638 -5.93 33.91 -27.01
C ASP B 638 -6.01 34.52 -25.63
N VAL B 639 -6.44 33.73 -24.65
CA VAL B 639 -6.53 34.14 -23.26
C VAL B 639 -6.14 32.92 -22.41
N VAL B 640 -5.27 33.11 -21.43
CA VAL B 640 -4.91 32.01 -20.52
C VAL B 640 -5.96 31.94 -19.39
N SER B 641 -6.59 30.79 -19.21
CA SER B 641 -7.58 30.64 -18.17
C SER B 641 -7.04 29.89 -16.95
N TYR B 642 -7.40 30.39 -15.78
CA TYR B 642 -7.09 29.78 -14.49
C TYR B 642 -8.34 29.65 -13.63
N ASN B 643 -8.41 28.60 -12.84
CA ASN B 643 -9.40 28.50 -11.77
C ASN B 643 -8.68 28.78 -10.46
N TYR B 644 -9.29 29.57 -9.58
CA TYR B 644 -8.60 29.97 -8.38
C TYR B 644 -9.51 30.15 -7.18
N TYR B 645 -9.54 29.14 -6.32
CA TYR B 645 -10.39 29.18 -5.16
C TYR B 645 -9.63 29.66 -3.92
N LYS B 646 -9.38 30.96 -3.87
CA LYS B 646 -8.78 31.61 -2.70
C LYS B 646 -9.57 32.90 -2.50
N GLU B 647 -9.13 33.77 -1.59
CA GLU B 647 -9.91 34.98 -1.32
C GLU B 647 -9.77 36.03 -2.43
N GLY B 648 -8.74 35.87 -3.25
CA GLY B 648 -8.47 36.78 -4.34
C GLY B 648 -7.13 36.44 -4.96
N LEU B 649 -6.67 37.29 -5.87
CA LEU B 649 -5.39 37.13 -6.56
C LEU B 649 -4.30 37.73 -5.69
N HIS B 650 -3.95 36.98 -4.65
CA HIS B 650 -2.82 37.26 -3.79
C HIS B 650 -1.60 37.57 -4.66
N PRO B 651 -0.93 38.69 -4.40
CA PRO B 651 0.17 39.11 -5.28
C PRO B 651 1.34 38.12 -5.30
N GLU B 652 1.48 37.30 -4.28
CA GLU B 652 2.62 36.38 -4.20
C GLU B 652 2.57 35.29 -5.28
N PRO B 653 1.51 34.45 -5.30
CA PRO B 653 1.59 33.43 -6.34
C PRO B 653 1.24 33.94 -7.76
N TRP B 654 0.85 35.20 -7.91
CA TRP B 654 0.54 35.73 -9.23
C TRP B 654 1.65 36.62 -9.83
N SER B 655 2.80 36.66 -9.17
CA SER B 655 4.02 37.31 -9.67
C SER B 655 4.34 37.08 -11.15
N PHE B 656 4.15 35.85 -11.61
CA PHE B 656 4.56 35.43 -12.94
C PHE B 656 3.81 36.07 -14.10
N LEU B 657 2.67 36.69 -13.79
CA LEU B 657 1.80 37.22 -14.83
C LEU B 657 2.54 38.17 -15.77
N ALA B 658 3.37 39.04 -15.21
CA ALA B 658 4.14 40.01 -15.98
C ALA B 658 5.09 39.35 -16.98
N ASP B 659 5.61 38.17 -16.64
CA ASP B 659 6.53 37.46 -17.52
C ASP B 659 5.82 36.83 -18.74
N ILE B 660 4.55 36.52 -18.57
CA ILE B 660 3.76 35.89 -19.62
C ILE B 660 3.15 36.95 -20.53
N ASP B 661 2.85 38.11 -19.94
CA ASP B 661 2.15 39.22 -20.59
C ASP B 661 1.01 38.76 -21.51
N MET B 662 0.11 37.96 -20.96
CA MET B 662 -1.06 37.50 -21.68
C MET B 662 -2.35 37.95 -20.98
N PRO B 663 -3.38 38.27 -21.78
CA PRO B 663 -4.72 38.45 -21.21
C PRO B 663 -5.17 37.16 -20.55
N SER B 664 -5.70 37.28 -19.34
CA SER B 664 -5.97 36.14 -18.49
C SER B 664 -7.41 36.17 -17.98
N ILE B 665 -7.95 35.02 -17.62
CA ILE B 665 -9.30 35.02 -17.08
C ILE B 665 -9.46 34.01 -15.96
N ILE B 666 -10.23 34.39 -14.94
CA ILE B 666 -10.59 33.44 -13.89
C ILE B 666 -11.83 32.68 -14.29
N GLY B 667 -11.69 31.35 -14.40
CA GLY B 667 -12.80 30.50 -14.80
C GLY B 667 -13.73 30.09 -13.67
N GLU B 668 -13.24 30.14 -12.44
CA GLU B 668 -13.96 29.64 -11.27
C GLU B 668 -13.39 30.25 -10.00
N PHE B 669 -14.29 30.65 -9.10
CA PHE B 669 -13.97 30.93 -7.70
C PHE B 669 -15.28 30.87 -6.95
N HIS B 670 -15.23 30.66 -5.64
CA HIS B 670 -16.48 30.81 -4.89
C HIS B 670 -16.28 31.21 -3.43
N PHE B 671 -17.41 31.46 -2.77
CA PHE B 671 -17.45 31.61 -1.30
C PHE B 671 -18.72 30.96 -0.76
N GLY B 672 -18.60 30.22 0.33
CA GLY B 672 -19.77 29.64 0.98
C GLY B 672 -19.85 29.88 2.48
N ALA B 673 -20.97 29.51 3.07
CA ALA B 673 -21.18 29.59 4.52
C ALA B 673 -22.02 28.42 5.03
N LEU B 674 -22.35 28.42 6.30
CA LEU B 674 -23.14 27.35 6.91
C LEU B 674 -24.49 27.81 7.44
N ASP B 675 -24.81 29.10 7.27
CA ASP B 675 -26.03 29.66 7.86
C ASP B 675 -27.29 29.53 7.01
N SER B 676 -27.22 28.88 5.85
CA SER B 676 -28.44 28.55 5.11
C SER B 676 -28.69 27.05 5.14
N GLY B 677 -28.15 26.37 6.14
CA GLY B 677 -28.49 24.99 6.41
C GLY B 677 -27.63 23.92 5.79
N PHE B 678 -26.47 24.29 5.24
CA PHE B 678 -25.59 23.31 4.61
C PHE B 678 -24.68 22.64 5.62
N PHE B 679 -24.13 21.50 5.24
CA PHE B 679 -23.14 20.77 6.04
C PHE B 679 -21.72 21.14 5.66
N HIS B 680 -21.56 21.86 4.56
CA HIS B 680 -20.23 22.15 4.02
C HIS B 680 -20.28 23.51 3.36
N ALA B 681 -19.38 24.41 3.76
CA ALA B 681 -19.37 25.77 3.23
C ALA B 681 -18.42 25.90 2.02
N GLY B 682 -17.89 24.79 1.54
CA GLY B 682 -17.03 24.82 0.37
C GLY B 682 -15.56 25.05 0.66
N LEU B 683 -14.85 25.54 -0.36
CA LEU B 683 -13.38 25.62 -0.31
C LEU B 683 -12.88 26.93 0.26
N VAL B 684 -13.62 28.00 0.05
CA VAL B 684 -13.29 29.30 0.63
C VAL B 684 -14.55 29.80 1.34
N THR B 685 -14.43 30.15 2.61
CA THR B 685 -15.62 30.22 3.45
C THR B 685 -15.81 31.54 4.18
N ALA B 686 -17.08 31.82 4.48
CA ALA B 686 -17.48 33.02 5.22
C ALA B 686 -18.29 32.60 6.43
N CYS B 687 -18.52 33.51 7.38
CA CYS B 687 -19.32 33.18 8.56
C CYS B 687 -20.82 33.31 8.33
N SER B 688 -21.21 33.97 7.24
CA SER B 688 -22.62 34.27 7.00
C SER B 688 -22.89 34.59 5.54
N GLN B 689 -24.18 34.60 5.16
CA GLN B 689 -24.58 35.02 3.81
C GLN B 689 -24.09 36.45 3.53
N GLN B 690 -24.24 37.33 4.52
CA GLN B 690 -23.77 38.69 4.37
C GLN B 690 -22.28 38.73 4.01
N GLU B 691 -21.47 37.95 4.70
CA GLU B 691 -20.04 38.02 4.44
C GLU B 691 -19.67 37.30 3.12
N ARG B 692 -20.49 36.37 2.65
CA ARG B 692 -20.26 35.77 1.34
C ARG B 692 -20.21 36.86 0.26
N GLY B 693 -21.13 37.81 0.39
CA GLY B 693 -21.21 38.93 -0.53
C GLY B 693 -19.99 39.82 -0.41
N GLN B 694 -19.60 40.15 0.82
CA GLN B 694 -18.43 40.98 1.05
C GLN B 694 -17.18 40.33 0.42
N MET B 695 -17.07 39.03 0.56
CA MET B 695 -15.90 38.33 0.06
C MET B 695 -15.95 38.22 -1.47
N PHE B 696 -17.14 38.09 -2.03
CA PHE B 696 -17.27 38.13 -3.50
C PHE B 696 -16.70 39.45 -4.01
N GLU B 697 -17.10 40.56 -3.39
CA GLU B 697 -16.62 41.87 -3.83
C GLU B 697 -15.12 42.04 -3.70
N ARG B 698 -14.56 41.59 -2.57
CA ARG B 698 -13.13 41.71 -2.31
C ARG B 698 -12.31 40.91 -3.33
N TYR B 699 -12.76 39.69 -3.61
CA TYR B 699 -12.18 38.89 -4.68
C TYR B 699 -12.20 39.67 -5.99
N MET B 700 -13.36 40.20 -6.35
CA MET B 700 -13.51 40.83 -7.66
C MET B 700 -12.63 42.08 -7.82
N GLN B 701 -12.47 42.85 -6.76
CA GLN B 701 -11.62 44.05 -6.77
C GLN B 701 -10.21 43.71 -7.20
N THR B 702 -9.78 42.60 -6.66
CA THR B 702 -8.52 41.98 -6.92
C THR B 702 -8.30 41.64 -8.42
N VAL B 703 -9.35 41.19 -9.09
CA VAL B 703 -9.25 40.86 -10.51
C VAL B 703 -9.29 42.13 -11.35
N VAL B 704 -10.24 43.00 -11.04
CA VAL B 704 -10.40 44.27 -11.72
C VAL B 704 -9.14 45.14 -11.61
N ASP B 705 -8.44 45.09 -10.48
CA ASP B 705 -7.21 45.88 -10.31
C ASP B 705 -5.98 45.25 -10.96
N ASN B 706 -6.10 44.03 -11.45
CA ASN B 706 -4.98 43.34 -12.08
C ASN B 706 -4.99 43.52 -13.60
N PRO B 707 -3.93 44.14 -14.14
CA PRO B 707 -3.87 44.56 -15.56
C PRO B 707 -3.74 43.41 -16.55
N TYR B 708 -3.60 42.18 -16.07
CA TYR B 708 -3.51 41.04 -16.98
C TYR B 708 -4.85 40.30 -17.08
N PHE B 709 -5.81 40.63 -16.23
CA PHE B 709 -7.05 39.88 -16.20
C PHE B 709 -8.21 40.59 -16.89
N VAL B 710 -8.95 39.84 -17.69
CA VAL B 710 -10.02 40.45 -18.48
C VAL B 710 -11.39 39.96 -18.05
N GLY B 711 -11.42 39.19 -16.96
CA GLY B 711 -12.68 38.74 -16.46
C GLY B 711 -12.56 37.67 -15.38
N ALA B 712 -13.68 37.41 -14.75
CA ALA B 712 -13.75 36.39 -13.71
C ALA B 712 -15.16 35.81 -13.65
N HIS B 713 -15.23 34.48 -13.60
CA HIS B 713 -16.49 33.76 -13.57
C HIS B 713 -16.67 33.03 -12.23
N TYR B 714 -17.82 33.20 -11.63
CA TYR B 714 -18.08 32.63 -10.32
C TYR B 714 -18.72 31.22 -10.40
N PHE B 715 -18.23 30.27 -9.60
CA PHE B 715 -18.78 28.92 -9.58
C PHE B 715 -19.58 28.74 -8.27
N GLN B 716 -20.90 28.70 -8.34
CA GLN B 716 -21.71 28.52 -9.55
C GLN B 716 -23.04 29.29 -9.38
N TYR B 717 -23.92 29.20 -10.37
CA TYR B 717 -25.24 29.87 -10.34
C TYR B 717 -26.15 29.38 -9.19
N ILE B 718 -26.24 28.06 -9.02
CA ILE B 718 -27.18 27.40 -8.10
C ILE B 718 -26.46 26.63 -6.98
N ASP B 719 -27.00 26.72 -5.76
CA ASP B 719 -26.48 25.92 -4.65
C ASP B 719 -26.27 24.47 -5.06
N SER B 720 -25.26 23.84 -4.50
CA SER B 720 -25.18 22.40 -4.53
C SER B 720 -26.35 21.85 -3.72
N PRO B 721 -26.88 20.68 -4.09
CA PRO B 721 -27.81 20.01 -3.17
C PRO B 721 -27.17 19.80 -1.80
N ILE B 722 -27.95 20.01 -0.75
CA ILE B 722 -27.45 19.87 0.61
C ILE B 722 -26.98 18.44 0.84
N THR B 723 -27.62 17.50 0.17
CA THR B 723 -27.24 16.11 0.28
C THR B 723 -26.22 15.70 -0.79
N GLY B 724 -25.74 16.68 -1.56
CA GLY B 724 -24.66 16.44 -2.48
C GLY B 724 -25.12 16.09 -3.87
N ARG B 725 -24.43 16.62 -4.89
CA ARG B 725 -24.82 16.33 -6.27
C ARG B 725 -24.51 14.87 -6.57
N SER B 726 -25.24 14.31 -7.54
CA SER B 726 -25.24 12.88 -7.77
C SER B 726 -23.87 12.34 -8.18
N PHE B 727 -23.17 13.13 -8.98
CA PHE B 727 -21.91 12.71 -9.57
C PHE B 727 -20.84 12.40 -8.52
N ASP B 728 -20.63 13.30 -7.57
CA ASP B 728 -19.51 13.16 -6.65
C ASP B 728 -19.80 13.62 -5.22
N GLY B 729 -21.07 13.92 -4.95
CA GLY B 729 -21.44 14.30 -3.61
C GLY B 729 -21.04 15.71 -3.14
N GLU B 730 -20.51 16.53 -4.04
CA GLU B 730 -20.21 17.92 -3.68
C GLU B 730 -21.46 18.56 -3.09
N ASN B 731 -21.33 19.13 -1.91
CA ASN B 731 -22.47 19.60 -1.14
C ASN B 731 -22.31 21.00 -0.55
N TYR B 732 -21.79 21.95 -1.35
CA TYR B 732 -21.38 23.27 -0.86
C TYR B 732 -22.45 24.36 -1.00
N ASN B 733 -22.56 25.21 0.02
CA ASN B 733 -23.38 26.42 -0.11
C ASN B 733 -22.63 27.46 -0.95
N ILE B 734 -22.60 27.27 -2.26
CA ILE B 734 -21.82 28.16 -3.09
C ILE B 734 -22.61 28.92 -4.14
N GLY B 735 -23.94 28.76 -4.12
CA GLY B 735 -24.76 29.30 -5.18
C GLY B 735 -25.11 30.78 -5.04
N PHE B 736 -25.32 31.46 -6.16
CA PHE B 736 -25.98 32.74 -6.14
C PHE B 736 -27.46 32.58 -5.78
N VAL B 737 -28.06 31.46 -6.16
CA VAL B 737 -29.45 31.18 -5.81
C VAL B 737 -29.56 29.87 -5.06
N SER B 738 -30.58 29.77 -4.20
CA SER B 738 -30.80 28.57 -3.41
C SER B 738 -31.43 27.47 -4.25
N ILE B 739 -31.60 26.30 -3.65
CA ILE B 739 -32.26 25.19 -4.30
C ILE B 739 -33.73 25.48 -4.59
N SER B 740 -34.31 26.43 -3.86
CA SER B 740 -35.66 26.88 -4.16
C SER B 740 -35.64 28.09 -5.12
N ASP B 741 -34.49 28.31 -5.74
CA ASP B 741 -34.29 29.34 -6.77
C ASP B 741 -34.60 30.76 -6.27
N VAL B 742 -34.21 31.02 -5.03
CA VAL B 742 -34.26 32.36 -4.45
C VAL B 742 -32.86 32.91 -4.39
N PRO B 743 -32.61 34.01 -5.11
CA PRO B 743 -31.27 34.62 -5.09
C PRO B 743 -30.86 35.05 -3.69
N TYR B 744 -29.70 34.62 -3.20
CA TYR B 744 -29.16 35.14 -1.95
C TYR B 744 -28.94 36.64 -2.08
N GLN B 745 -29.63 37.43 -1.26
CA GLN B 745 -29.58 38.87 -1.43
C GLN B 745 -28.16 39.48 -1.35
N PRO B 746 -27.30 39.01 -0.44
CA PRO B 746 -25.98 39.64 -0.44
C PRO B 746 -25.09 39.33 -1.66
N MET B 747 -25.27 38.18 -2.28
CA MET B 747 -24.53 37.87 -3.50
C MET B 747 -24.99 38.80 -4.62
N VAL B 748 -26.31 38.98 -4.73
CA VAL B 748 -26.89 39.91 -5.69
C VAL B 748 -26.38 41.35 -5.49
N ASP B 749 -26.44 41.78 -4.24
CA ASP B 749 -26.03 43.13 -3.90
C ASP B 749 -24.55 43.32 -4.20
N ALA B 750 -23.74 42.30 -3.90
CA ALA B 750 -22.30 42.36 -4.15
C ALA B 750 -22.02 42.44 -5.65
N ALA B 751 -22.69 41.58 -6.44
CA ALA B 751 -22.52 41.60 -7.89
C ALA B 751 -22.86 42.98 -8.44
N LYS B 752 -23.94 43.56 -7.93
CA LYS B 752 -24.37 44.85 -8.42
C LYS B 752 -23.32 45.94 -8.14
N ARG B 753 -22.74 45.92 -6.94
CA ARG B 753 -21.71 46.91 -6.60
C ARG B 753 -20.46 46.72 -7.47
N VAL B 754 -20.02 45.47 -7.65
CA VAL B 754 -18.87 45.18 -8.50
C VAL B 754 -19.10 45.61 -9.93
N ASN B 755 -20.25 45.19 -10.47
CA ASN B 755 -20.56 45.38 -11.89
C ASN B 755 -20.83 46.82 -12.24
N GLN B 756 -21.41 47.57 -11.31
CA GLN B 756 -21.65 48.98 -11.50
C GLN B 756 -20.35 49.78 -11.48
N SER B 757 -19.35 49.31 -10.75
CA SER B 757 -18.16 50.12 -10.55
C SER B 757 -16.95 49.67 -11.36
N MET B 758 -16.95 48.43 -11.84
CA MET B 758 -15.76 47.86 -12.46
C MET B 758 -15.27 48.61 -13.70
N TYR B 759 -16.18 49.10 -14.54
CA TYR B 759 -15.79 49.72 -15.80
C TYR B 759 -15.12 51.10 -15.59
N PRO B 760 -15.78 52.03 -14.85
CA PRO B 760 -15.05 53.27 -14.53
C PRO B 760 -13.73 53.06 -13.77
N LYS B 761 -13.68 52.06 -12.90
CA LYS B 761 -12.44 51.72 -12.22
C LYS B 761 -11.36 51.26 -13.21
N ARG B 762 -11.75 50.36 -14.11
CA ARG B 762 -10.84 49.78 -15.07
C ARG B 762 -10.37 50.79 -16.15
N PHE B 763 -11.25 51.68 -16.56
CA PHE B 763 -10.95 52.45 -17.75
C PHE B 763 -10.85 53.94 -17.48
N ARG B 764 -10.76 54.30 -16.20
CA ARG B 764 -10.38 55.66 -15.80
C ARG B 764 -10.20 55.78 -14.29
#